data_1Q29
# 
_entry.id   1Q29 
# 
_audit_conform.dict_name       mmcif_pdbx.dic 
_audit_conform.dict_version    5.389 
_audit_conform.dict_location   http://mmcif.pdb.org/dictionaries/ascii/mmcif_pdbx.dic 
# 
loop_
_database_2.database_id 
_database_2.database_code 
_database_2.pdbx_database_accession 
_database_2.pdbx_DOI 
PDB   1Q29         pdb_00001q29 10.2210/pdb1q29/pdb 
NDB   UR0032       ?            ?                   
RCSB  RCSB019824   ?            ?                   
WWPDB D_1000019824 ?            ?                   
# 
loop_
_pdbx_audit_revision_history.ordinal 
_pdbx_audit_revision_history.data_content_type 
_pdbx_audit_revision_history.major_revision 
_pdbx_audit_revision_history.minor_revision 
_pdbx_audit_revision_history.revision_date 
1 'Structure model' 1 0 2004-02-24 
2 'Structure model' 1 1 2008-04-29 
3 'Structure model' 1 2 2011-07-13 
4 'Structure model' 1 3 2019-07-24 
5 'Structure model' 1 4 2024-02-14 
6 'Structure model' 1 5 2024-04-03 
# 
_pdbx_audit_revision_details.ordinal             1 
_pdbx_audit_revision_details.revision_ordinal    1 
_pdbx_audit_revision_details.data_content_type   'Structure model' 
_pdbx_audit_revision_details.provider            repository 
_pdbx_audit_revision_details.type                'Initial release' 
_pdbx_audit_revision_details.description         ? 
_pdbx_audit_revision_details.details             ? 
# 
loop_
_pdbx_audit_revision_group.ordinal 
_pdbx_audit_revision_group.revision_ordinal 
_pdbx_audit_revision_group.data_content_type 
_pdbx_audit_revision_group.group 
1  2 'Structure model' 'Version format compliance' 
2  3 'Structure model' 'Version format compliance' 
3  4 'Structure model' Advisory                    
4  4 'Structure model' 'Data collection'           
5  4 'Structure model' 'Derived calculations'      
6  4 'Structure model' 'Refinement description'    
7  5 'Structure model' 'Data collection'           
8  5 'Structure model' 'Database references'       
9  5 'Structure model' 'Derived calculations'      
10 6 'Structure model' 'Refinement description'    
# 
loop_
_pdbx_audit_revision_category.ordinal 
_pdbx_audit_revision_category.revision_ordinal 
_pdbx_audit_revision_category.data_content_type 
_pdbx_audit_revision_category.category 
1 4 'Structure model' pdbx_validate_polymer_linkage 
2 4 'Structure model' software                      
3 4 'Structure model' struct_conn                   
4 5 'Structure model' chem_comp_atom                
5 5 'Structure model' chem_comp_bond                
6 5 'Structure model' database_2                    
7 5 'Structure model' struct_conn                   
8 5 'Structure model' struct_site                   
9 6 'Structure model' pdbx_initial_refinement_model 
# 
loop_
_pdbx_audit_revision_item.ordinal 
_pdbx_audit_revision_item.revision_ordinal 
_pdbx_audit_revision_item.data_content_type 
_pdbx_audit_revision_item.item 
1  4 'Structure model' '_software.classification'            
2  4 'Structure model' '_software.name'                      
3  4 'Structure model' '_software.version'                   
4  4 'Structure model' '_struct_conn.pdbx_leaving_atom_flag' 
5  5 'Structure model' '_database_2.pdbx_DOI'                
6  5 'Structure model' '_database_2.pdbx_database_accession' 
7  5 'Structure model' '_struct_conn.ptnr1_auth_seq_id'      
8  5 'Structure model' '_struct_conn.ptnr1_label_atom_id'    
9  5 'Structure model' '_struct_conn.ptnr1_label_seq_id'     
10 5 'Structure model' '_struct_conn.ptnr2_auth_seq_id'      
11 5 'Structure model' '_struct_conn.ptnr2_label_atom_id'    
12 5 'Structure model' '_struct_conn.ptnr2_label_seq_id'     
13 5 'Structure model' '_struct_site.pdbx_auth_asym_id'      
14 5 'Structure model' '_struct_site.pdbx_auth_comp_id'      
15 5 'Structure model' '_struct_site.pdbx_auth_seq_id'       
# 
_pdbx_database_status.status_code                     REL 
_pdbx_database_status.entry_id                        1Q29 
_pdbx_database_status.recvd_initial_deposition_date   2003-07-23 
_pdbx_database_status.deposit_site                    RCSB 
_pdbx_database_status.process_site                    RCSB 
_pdbx_database_status.SG_entry                        . 
_pdbx_database_status.pdb_format_compatible           Y 
_pdbx_database_status.status_code_mr                  ? 
_pdbx_database_status.status_code_sf                  ? 
_pdbx_database_status.status_code_cs                  ? 
_pdbx_database_status.methods_development_category    ? 
_pdbx_database_status.status_code_nmr_data            ? 
# 
_pdbx_database_related.db_name        PDB 
_pdbx_database_related.db_id          1NYI 
_pdbx_database_related.details        'Crosslinked Hammerhead Ribozyme Initial State' 
_pdbx_database_related.content_type   unspecified 
# 
loop_
_audit_author.name 
_audit_author.pdbx_ordinal 
'Dunham, C.M.' 1 
'Murray, J.B.' 2 
'Scott, W.G.'  3 
# 
_citation.id                        primary 
_citation.title                     'A helical twist-induced conformational switch activates cleavage in the hammerhead ribozyme.' 
_citation.journal_abbrev            J.Mol.Biol. 
_citation.journal_volume            332 
_citation.page_first                327 
_citation.page_last                 336 
_citation.year                      2003 
_citation.journal_id_ASTM           JMOBAK 
_citation.country                   UK 
_citation.journal_id_ISSN           0022-2836 
_citation.journal_id_CSD            0070 
_citation.book_publisher            ? 
_citation.pdbx_database_id_PubMed   12948485 
_citation.pdbx_database_id_DOI      '10.1016/S0022-2836(03)00843-X' 
# 
loop_
_citation_author.citation_id 
_citation_author.name 
_citation_author.ordinal 
_citation_author.identifier_ORCID 
primary 'Dunham, C.M.' 1 ? 
primary 'Murray, J.B.' 2 ? 
primary 'Scott, W.G.'  3 ? 
# 
loop_
_entity.id 
_entity.type 
_entity.src_method 
_entity.pdbx_description 
_entity.formula_weight 
_entity.pdbx_number_of_molecules 
_entity.pdbx_ec 
_entity.pdbx_mutation 
_entity.pdbx_fragment 
_entity.details 
1 polymer     syn "5'-R(*GP*GP*UP*GP*GP*UP*CP*UP*GP*AP*UP*GP*AP*GP*GP*CP*C)-3'" 5515.309 1 ? ? ? ? 
2 polymer     syn Ribozyme                                                      7674.670 1 ? ? ? ? 
3 non-polymer syn 'COBALT (II) ION'                                             58.933   5 ? ? ? ? 
# 
loop_
_entity_poly.entity_id 
_entity_poly.type 
_entity_poly.nstd_linkage 
_entity_poly.nstd_monomer 
_entity_poly.pdbx_seq_one_letter_code 
_entity_poly.pdbx_seq_one_letter_code_can 
_entity_poly.pdbx_strand_id 
_entity_poly.pdbx_target_identifier 
1 polyribonucleotide no no GGUGGUCUGAUGAGGCC        GGUGGUCUGAUGAGGCC        A ? 
2 polyribonucleotide no no GCCGAAACUCGUAAGAGUCACCAC GCCGAAACUCGUAAGAGUCACCAC B ? 
# 
_pdbx_entity_nonpoly.entity_id   3 
_pdbx_entity_nonpoly.name        'COBALT (II) ION' 
_pdbx_entity_nonpoly.comp_id     CO 
# 
loop_
_entity_poly_seq.entity_id 
_entity_poly_seq.num 
_entity_poly_seq.mon_id 
_entity_poly_seq.hetero 
1 1  G n 
1 2  G n 
1 3  U n 
1 4  G n 
1 5  G n 
1 6  U n 
1 7  C n 
1 8  U n 
1 9  G n 
1 10 A n 
1 11 U n 
1 12 G n 
1 13 A n 
1 14 G n 
1 15 G n 
1 16 C n 
1 17 C n 
2 1  G n 
2 2  C n 
2 3  C n 
2 4  G n 
2 5  A n 
2 6  A n 
2 7  A n 
2 8  C n 
2 9  U n 
2 10 C n 
2 11 G n 
2 12 U n 
2 13 A n 
2 14 A n 
2 15 G n 
2 16 A n 
2 17 G n 
2 18 U n 
2 19 C n 
2 20 A n 
2 21 C n 
2 22 C n 
2 23 A n 
2 24 C n 
# 
loop_
_chem_comp.id 
_chem_comp.type 
_chem_comp.mon_nstd_flag 
_chem_comp.name 
_chem_comp.pdbx_synonyms 
_chem_comp.formula 
_chem_comp.formula_weight 
A  'RNA linking' y "ADENOSINE-5'-MONOPHOSPHATE" ? 'C10 H14 N5 O7 P' 347.221 
C  'RNA linking' y "CYTIDINE-5'-MONOPHOSPHATE"  ? 'C9 H14 N3 O8 P'  323.197 
CO non-polymer   . 'COBALT (II) ION'            ? 'Co 2'            58.933  
G  'RNA linking' y "GUANOSINE-5'-MONOPHOSPHATE" ? 'C10 H14 N5 O8 P' 363.221 
U  'RNA linking' y "URIDINE-5'-MONOPHOSPHATE"   ? 'C9 H13 N2 O9 P'  324.181 
# 
loop_
_pdbx_poly_seq_scheme.asym_id 
_pdbx_poly_seq_scheme.entity_id 
_pdbx_poly_seq_scheme.seq_id 
_pdbx_poly_seq_scheme.mon_id 
_pdbx_poly_seq_scheme.ndb_seq_num 
_pdbx_poly_seq_scheme.pdb_seq_num 
_pdbx_poly_seq_scheme.auth_seq_num 
_pdbx_poly_seq_scheme.pdb_mon_id 
_pdbx_poly_seq_scheme.auth_mon_id 
_pdbx_poly_seq_scheme.pdb_strand_id 
_pdbx_poly_seq_scheme.pdb_ins_code 
_pdbx_poly_seq_scheme.hetero 
A 1 1  G 1  10  500 G G A . n 
A 1 2  G 2  11  11  G G A . n 
A 1 3  U 3  12  12  U U A . n 
A 1 4  G 4  13  13  G G A . n 
A 1 5  G 5  14  14  G G A . n 
A 1 6  U 6  15  15  U U A . n 
A 1 7  C 7  16  16  C C A . n 
A 1 8  U 8  17  17  U U A . n 
A 1 9  G 9  18  18  G G A . n 
A 1 10 A 10 19  19  A A A . n 
A 1 11 U 11 20  20  U U A . n 
A 1 12 G 12 21  21  G G A . n 
A 1 13 A 13 22  22  A A A . n 
A 1 14 G 14 23  23  G G A . n 
A 1 15 G 15 24  24  G G A . n 
A 1 16 C 16 25  25  C C A . n 
A 1 17 C 17 26  26  C C A . n 
B 2 1  G 1  102 102 G G B . n 
B 2 2  C 2  103 103 C C B . n 
B 2 3  C 3  104 104 C C B . n 
B 2 4  G 4  105 105 G G B . n 
B 2 5  A 5  106 106 A A B . n 
B 2 6  A 6  107 107 A A B . n 
B 2 7  A 7  108 108 A A B . n 
B 2 8  C 8  109 109 C C B . n 
B 2 9  U 9  110 110 U U B . n 
B 2 10 C 10 111 111 C C B . n 
B 2 11 G 11 112 112 G G B . n 
B 2 12 U 12 113 113 U U B . n 
B 2 13 A 13 114 114 A A B . n 
B 2 14 A 14 115 115 A A B . n 
B 2 15 G 15 116 116 G G B . n 
B 2 16 A 16 117 117 A A B . n 
B 2 17 G 17 118 118 G G B . n 
B 2 18 U 18 119 119 U U B . n 
B 2 19 C 19 120 120 C C B . n 
B 2 20 A 20 121 121 A A B . n 
B 2 21 C 21 122 122 C C B . n 
B 2 22 C 22 123 123 C C B . n 
B 2 23 A 23 124 124 A A B . n 
B 2 24 C 24 125 125 C C B . n 
# 
loop_
_pdbx_nonpoly_scheme.asym_id 
_pdbx_nonpoly_scheme.entity_id 
_pdbx_nonpoly_scheme.mon_id 
_pdbx_nonpoly_scheme.ndb_seq_num 
_pdbx_nonpoly_scheme.pdb_seq_num 
_pdbx_nonpoly_scheme.auth_seq_num 
_pdbx_nonpoly_scheme.pdb_mon_id 
_pdbx_nonpoly_scheme.auth_mon_id 
_pdbx_nonpoly_scheme.pdb_strand_id 
_pdbx_nonpoly_scheme.pdb_ins_code 
C 3 CO 1 1 1 CO CO A . 
D 3 CO 1 2 2 CO CO A . 
E 3 CO 1 5 5 CO CO A . 
F 3 CO 1 3 3 CO CO B . 
G 3 CO 1 4 4 CO CO B . 
# 
_pdbx_unobs_or_zero_occ_atoms.id               1 
_pdbx_unobs_or_zero_occ_atoms.PDB_model_num    1 
_pdbx_unobs_or_zero_occ_atoms.polymer_flag     Y 
_pdbx_unobs_or_zero_occ_atoms.occupancy_flag   1 
_pdbx_unobs_or_zero_occ_atoms.auth_asym_id     A 
_pdbx_unobs_or_zero_occ_atoms.auth_comp_id     G 
_pdbx_unobs_or_zero_occ_atoms.auth_seq_id      18 
_pdbx_unobs_or_zero_occ_atoms.PDB_ins_code     ? 
_pdbx_unobs_or_zero_occ_atoms.auth_atom_id     N2 
_pdbx_unobs_or_zero_occ_atoms.label_alt_id     ? 
_pdbx_unobs_or_zero_occ_atoms.label_asym_id    A 
_pdbx_unobs_or_zero_occ_atoms.label_comp_id    G 
_pdbx_unobs_or_zero_occ_atoms.label_seq_id     9 
_pdbx_unobs_or_zero_occ_atoms.label_atom_id    N2 
# 
loop_
_software.name 
_software.classification 
_software.version 
_software.citation_id 
_software.pdbx_ordinal 
REFMAC refinement       5.1       ? 1 
SCALA  'data scaling'   .         ? 2 
CNS    refinement       .         ? 3 
MOSFLM 'data reduction' .         ? 4 
CCP4   'data scaling'   '(SCALA)' ? 5 
CNS    phasing          .         ? 6 
# 
_cell.entry_id           1Q29 
_cell.length_a           66.689 
_cell.length_b           66.689 
_cell.length_c           140.528 
_cell.angle_alpha        90.00 
_cell.angle_beta         90.00 
_cell.angle_gamma        120.00 
_cell.Z_PDB              6 
_cell.pdbx_unique_axis   ? 
# 
_symmetry.entry_id                         1Q29 
_symmetry.space_group_name_H-M             'P 31 2 1' 
_symmetry.pdbx_full_space_group_name_H-M   ? 
_symmetry.cell_setting                     ? 
_symmetry.Int_Tables_number                152 
# 
_exptl.entry_id          1Q29 
_exptl.method            'X-RAY DIFFRACTION' 
_exptl.crystals_number   ? 
# 
_exptl_crystal.id                    1 
_exptl_crystal.density_meas          ? 
_exptl_crystal.density_Matthews      6.84 
_exptl_crystal.density_percent_sol   82.02 
_exptl_crystal.description           ? 
# 
_diffrn.id                     1 
_diffrn.ambient_temp           100 
_diffrn.ambient_temp_details   ? 
_diffrn.crystal_id             1 
# 
_diffrn_detector.diffrn_id              1 
_diffrn_detector.detector               CCD 
_diffrn_detector.type                   ? 
_diffrn_detector.pdbx_collection_date   ? 
_diffrn_detector.details                ? 
# 
_diffrn_radiation.diffrn_id                        1 
_diffrn_radiation.wavelength_id                    1 
_diffrn_radiation.pdbx_monochromatic_or_laue_m_l   M 
_diffrn_radiation.monochromator                    ? 
_diffrn_radiation.pdbx_diffrn_protocol             'SINGLE WAVELENGTH' 
_diffrn_radiation.pdbx_scattering_type             x-ray 
# 
_diffrn_radiation_wavelength.id           1 
_diffrn_radiation_wavelength.wavelength   . 
_diffrn_radiation_wavelength.wt           1.0 
# 
_diffrn_source.diffrn_id                   1 
_diffrn_source.source                      SYNCHROTRON 
_diffrn_source.type                        'ALS BEAMLINE 5.0.2' 
_diffrn_source.pdbx_synchrotron_site       ALS 
_diffrn_source.pdbx_synchrotron_beamline   5.0.2 
_diffrn_source.pdbx_wavelength             ? 
_diffrn_source.pdbx_wavelength_list        ? 
# 
_refine.entry_id                                 1Q29 
_refine.ls_number_reflns_obs                     6872 
_refine.ls_number_reflns_all                     ? 
_refine.pdbx_ls_sigma_I                          ? 
_refine.pdbx_ls_sigma_F                          0 
_refine.pdbx_data_cutoff_high_absF               ? 
_refine.pdbx_data_cutoff_low_absF                ? 
_refine.pdbx_data_cutoff_high_rms_absF           ? 
_refine.ls_d_res_low                             19.80 
_refine.ls_d_res_high                            3.00 
_refine.ls_percent_reflns_obs                    99.30 
_refine.ls_R_factor_obs                          0.24559 
_refine.ls_R_factor_all                          ? 
_refine.ls_R_factor_R_work                       0.24196 
_refine.ls_R_factor_R_free                       0.27914 
_refine.ls_R_factor_R_free_error                 ? 
_refine.ls_R_factor_R_free_error_details         ? 
_refine.ls_percent_reflns_R_free                 9.8 
_refine.ls_number_reflns_R_free                  744 
_refine.ls_number_parameters                     ? 
_refine.ls_number_restraints                     ? 
_refine.occupancy_min                            ? 
_refine.occupancy_max                            ? 
_refine.correlation_coeff_Fo_to_Fc               0.944 
_refine.correlation_coeff_Fo_to_Fc_free          0.924 
_refine.B_iso_mean                               77.623 
_refine.aniso_B[1][1]                            0.19 
_refine.aniso_B[2][2]                            0.19 
_refine.aniso_B[3][3]                            -0.28 
_refine.aniso_B[1][2]                            0.09 
_refine.aniso_B[1][3]                            0.00 
_refine.aniso_B[2][3]                            0.00 
_refine.solvent_model_details                    'BABINET MODEL WITH MASK' 
_refine.solvent_model_param_ksol                 ? 
_refine.solvent_model_param_bsol                 ? 
_refine.pdbx_solvent_vdw_probe_radii             1.40 
_refine.pdbx_solvent_ion_probe_radii             0.80 
_refine.pdbx_solvent_shrinkage_radii             0.80 
_refine.pdbx_ls_cross_valid_method               THROUGHOUT 
_refine.details                                  ? 
_refine.pdbx_starting_model                      'NDB entry urx057' 
_refine.pdbx_method_to_determine_struct          'MOLECULAR REPLACEMENT' 
_refine.pdbx_isotropic_thermal_model             ? 
_refine.pdbx_stereochemistry_target_values       ? 
_refine.pdbx_stereochem_target_val_spec_case     ? 
_refine.pdbx_R_Free_selection_details            RANDOM 
_refine.pdbx_overall_ESU_R                       0.385 
_refine.pdbx_overall_ESU_R_Free                  0.310 
_refine.overall_SU_ML                            0.310 
_refine.overall_SU_B                             17.927 
_refine.ls_redundancy_reflns_obs                 ? 
_refine.overall_SU_R_Cruickshank_DPI             ? 
_refine.overall_SU_R_free                        ? 
_refine.pdbx_refine_id                           'X-RAY DIFFRACTION' 
_refine.pdbx_diffrn_id                           1 
_refine.pdbx_TLS_residual_ADP_flag               ? 
_refine.pdbx_overall_phase_error                 ? 
_refine.pdbx_overall_SU_R_free_Cruickshank_DPI   ? 
_refine.pdbx_overall_SU_R_Blow_DPI               ? 
_refine.pdbx_overall_SU_R_free_Blow_DPI          ? 
# 
_refine_hist.pdbx_refine_id                   'X-RAY DIFFRACTION' 
_refine_hist.cycle_id                         LAST 
_refine_hist.pdbx_number_atoms_protein        0 
_refine_hist.pdbx_number_atoms_nucleic_acid   872 
_refine_hist.pdbx_number_atoms_ligand         5 
_refine_hist.number_atoms_solvent             0 
_refine_hist.number_atoms_total               877 
_refine_hist.d_res_high                       3.00 
_refine_hist.d_res_low                        19.80 
# 
loop_
_refine_ls_restr.type 
_refine_ls_restr.dev_ideal 
_refine_ls_restr.dev_ideal_target 
_refine_ls_restr.weight 
_refine_ls_restr.number 
_refine_ls_restr.pdbx_refine_id 
_refine_ls_restr.pdbx_restraint_function 
r_bond_refined_d         0.011 ? .021 975  'X-RAY DIFFRACTION' ? 
r_angle_refined_deg      2.077 ? 3.0  1512 'X-RAY DIFFRACTION' ? 
r_chiral_restr           0.092 ? .20  164  'X-RAY DIFFRACTION' ? 
r_gen_planes_refined     0.006 ? .02  427  'X-RAY DIFFRACTION' ? 
r_nbd_refined            0.196 ? .20  396  'X-RAY DIFFRACTION' ? 
r_xyhbond_nbd_refined    0.212 ? .20  14   'X-RAY DIFFRACTION' ? 
r_symmetry_vdw_refined   0.195 ? .20  25   'X-RAY DIFFRACTION' ? 
r_symmetry_hbond_refined 0.173 ? .20  4    'X-RAY DIFFRACTION' ? 
r_scbond_it              1.087 ? 3.0  975  'X-RAY DIFFRACTION' ? 
r_scangle_it             1.728 ? 4.5  1512 'X-RAY DIFFRACTION' ? 
# 
_refine_ls_shell.pdbx_total_number_of_bins_used   20 
_refine_ls_shell.d_res_high                       3.001 
_refine_ls_shell.d_res_low                        3.077 
_refine_ls_shell.number_reflns_R_work             474 
_refine_ls_shell.R_factor_R_work                  0.438 
_refine_ls_shell.percent_reflns_obs               ? 
_refine_ls_shell.R_factor_R_free                  0.412 
_refine_ls_shell.R_factor_R_free_error            ? 
_refine_ls_shell.percent_reflns_R_free            ? 
_refine_ls_shell.number_reflns_R_free             55 
_refine_ls_shell.redundancy_reflns_obs            ? 
_refine_ls_shell.pdbx_refine_id                   'X-RAY DIFFRACTION' 
_refine_ls_shell.number_reflns_all                ? 
_refine_ls_shell.R_factor_all                     ? 
# 
_struct.entry_id                  1Q29 
_struct.title                     
;Hammerhead Ribozyme with 5'-5' G-G linkage: Conformational change experiment
;
_struct.pdbx_model_details        ? 
_struct.pdbx_CASP_flag            ? 
_struct.pdbx_model_type_details   ? 
# 
_struct_keywords.entry_id        1Q29 
_struct_keywords.pdbx_keywords   RNA 
_struct_keywords.text            'Hammerhead Ribozyme, RNA' 
# 
loop_
_struct_asym.id 
_struct_asym.pdbx_blank_PDB_chainid_flag 
_struct_asym.pdbx_modified 
_struct_asym.entity_id 
_struct_asym.details 
A N N 1 ? 
B N N 2 ? 
C N N 3 ? 
D N N 3 ? 
E N N 3 ? 
F N N 3 ? 
G N N 3 ? 
# 
loop_
_struct_ref.id 
_struct_ref.entity_id 
_struct_ref.db_name 
_struct_ref.db_code 
_struct_ref.pdbx_db_accession 
_struct_ref.pdbx_db_isoform 
_struct_ref.pdbx_seq_one_letter_code 
_struct_ref.pdbx_align_begin 
1 1 PDB 1Q29 1Q29 ? ? ? 
2 2 PDB 1Q29 1Q29 ? ? ? 
# 
loop_
_struct_ref_seq.align_id 
_struct_ref_seq.ref_id 
_struct_ref_seq.pdbx_PDB_id_code 
_struct_ref_seq.pdbx_strand_id 
_struct_ref_seq.seq_align_beg 
_struct_ref_seq.pdbx_seq_align_beg_ins_code 
_struct_ref_seq.seq_align_end 
_struct_ref_seq.pdbx_seq_align_end_ins_code 
_struct_ref_seq.pdbx_db_accession 
_struct_ref_seq.db_align_beg 
_struct_ref_seq.pdbx_db_align_beg_ins_code 
_struct_ref_seq.db_align_end 
_struct_ref_seq.pdbx_db_align_end_ins_code 
_struct_ref_seq.pdbx_auth_seq_align_beg 
_struct_ref_seq.pdbx_auth_seq_align_end 
1 1 1Q29 A 1 ? 17 ? 1Q29 10  ? 26  ? 10  26  
2 2 1Q29 B 1 ? 24 ? 1Q29 102 ? 125 ? 102 125 
# 
_pdbx_struct_assembly.id                   1 
_pdbx_struct_assembly.details              author_defined_assembly 
_pdbx_struct_assembly.method_details       ? 
_pdbx_struct_assembly.oligomeric_details   dimeric 
_pdbx_struct_assembly.oligomeric_count     2 
# 
_pdbx_struct_assembly_gen.assembly_id       1 
_pdbx_struct_assembly_gen.oper_expression   1 
_pdbx_struct_assembly_gen.asym_id_list      A,B,C,D,E,F,G 
# 
_pdbx_struct_oper_list.id                   1 
_pdbx_struct_oper_list.type                 'identity operation' 
_pdbx_struct_oper_list.name                 1_555 
_pdbx_struct_oper_list.symmetry_operation   x,y,z 
_pdbx_struct_oper_list.matrix[1][1]         1.0000000000 
_pdbx_struct_oper_list.matrix[1][2]         0.0000000000 
_pdbx_struct_oper_list.matrix[1][3]         0.0000000000 
_pdbx_struct_oper_list.vector[1]            0.0000000000 
_pdbx_struct_oper_list.matrix[2][1]         0.0000000000 
_pdbx_struct_oper_list.matrix[2][2]         1.0000000000 
_pdbx_struct_oper_list.matrix[2][3]         0.0000000000 
_pdbx_struct_oper_list.vector[2]            0.0000000000 
_pdbx_struct_oper_list.matrix[3][1]         0.0000000000 
_pdbx_struct_oper_list.matrix[3][2]         0.0000000000 
_pdbx_struct_oper_list.matrix[3][3]         1.0000000000 
_pdbx_struct_oper_list.vector[3]            0.0000000000 
# 
_struct_biol.id                    1 
_struct_biol.details               
;Hammerhead Ribozyme with 5'-5' G-G linkage at 5' end of enzyme strand
;
_struct_biol.pdbx_parent_biol_id   ? 
# 
loop_
_struct_conn.id 
_struct_conn.conn_type_id 
_struct_conn.pdbx_leaving_atom_flag 
_struct_conn.pdbx_PDB_id 
_struct_conn.ptnr1_label_asym_id 
_struct_conn.ptnr1_label_comp_id 
_struct_conn.ptnr1_label_seq_id 
_struct_conn.ptnr1_label_atom_id 
_struct_conn.pdbx_ptnr1_label_alt_id 
_struct_conn.pdbx_ptnr1_PDB_ins_code 
_struct_conn.pdbx_ptnr1_standard_comp_id 
_struct_conn.ptnr1_symmetry 
_struct_conn.ptnr2_label_asym_id 
_struct_conn.ptnr2_label_comp_id 
_struct_conn.ptnr2_label_seq_id 
_struct_conn.ptnr2_label_atom_id 
_struct_conn.pdbx_ptnr2_label_alt_id 
_struct_conn.pdbx_ptnr2_PDB_ins_code 
_struct_conn.ptnr1_auth_asym_id 
_struct_conn.ptnr1_auth_comp_id 
_struct_conn.ptnr1_auth_seq_id 
_struct_conn.ptnr2_auth_asym_id 
_struct_conn.ptnr2_auth_comp_id 
_struct_conn.ptnr2_auth_seq_id 
_struct_conn.ptnr2_symmetry 
_struct_conn.pdbx_ptnr3_label_atom_id 
_struct_conn.pdbx_ptnr3_label_seq_id 
_struct_conn.pdbx_ptnr3_label_comp_id 
_struct_conn.pdbx_ptnr3_label_asym_id 
_struct_conn.pdbx_ptnr3_label_alt_id 
_struct_conn.pdbx_ptnr3_PDB_ins_code 
_struct_conn.details 
_struct_conn.pdbx_dist_value 
_struct_conn.pdbx_value_order 
_struct_conn.pdbx_role 
covale1  covale one ? A G  1  "O5'" ? ? ? 1_555 A G 2  P   ? ? A G  10  A G 11  1_555 ? ? ? ? ? ? ?             1.591 ? ? 
metalc1  metalc ?   ? D CO .  CO    ? ? ? 1_555 A G 9  N7  ? ? A CO 2   A G 18  1_555 ? ? ? ? ? ? ?             2.560 ? ? 
metalc2  metalc ?   ? E CO .  CO    ? ? ? 1_555 A A 13 OP2 ? ? A CO 5   A A 22  1_555 ? ? ? ? ? ? ?             2.326 ? ? 
metalc3  metalc ?   ? E CO .  CO    ? ? ? 1_555 A G 14 N7  ? ? A CO 5   A G 23  1_555 ? ? ? ? ? ? ?             2.348 ? ? 
metalc4  metalc ?   ? F CO .  CO    ? ? ? 1_555 B G 15 N7  ? ? B CO 3   B G 116 1_555 ? ? ? ? ? ? ?             2.583 ? ? 
metalc5  metalc ?   ? G CO .  CO    ? ? ? 1_555 B G 17 N7  ? ? B CO 4   B G 118 1_555 ? ? ? ? ? ? ?             1.996 ? ? 
hydrog1  hydrog ?   ? A G  1  N1    ? ? ? 1_555 A C 17 N3  ? ? A G  10  A C 26  1_555 ? ? ? ? ? ? WATSON-CRICK  ?     ? ? 
hydrog2  hydrog ?   ? A G  1  N2    ? ? ? 1_555 A C 17 O2  ? ? A G  10  A C 26  1_555 ? ? ? ? ? ? WATSON-CRICK  ?     ? ? 
hydrog3  hydrog ?   ? A G  1  O6    ? ? ? 1_555 A C 17 N4  ? ? A G  10  A C 26  1_555 ? ? ? ? ? ? WATSON-CRICK  ?     ? ? 
hydrog4  hydrog ?   ? A G  2  N1    ? ? ? 1_555 B C 24 N3  ? ? A G  11  B C 125 1_555 ? ? ? ? ? ? 'G-C PAIR'    ?     ? ? 
hydrog5  hydrog ?   ? A U  3  N3    ? ? ? 1_555 B A 23 N1  ? ? A U  12  B A 124 1_555 ? ? ? ? ? ? 'U-A PAIR'    ?     ? ? 
hydrog6  hydrog ?   ? A G  4  N1    ? ? ? 1_555 B C 22 N3  ? ? A G  13  B C 123 1_555 ? ? ? ? ? ? WATSON-CRICK  ?     ? ? 
hydrog7  hydrog ?   ? A G  4  N2    ? ? ? 1_555 B C 22 O2  ? ? A G  13  B C 123 1_555 ? ? ? ? ? ? WATSON-CRICK  ?     ? ? 
hydrog8  hydrog ?   ? A G  4  O6    ? ? ? 1_555 B C 22 N4  ? ? A G  13  B C 123 1_555 ? ? ? ? ? ? WATSON-CRICK  ?     ? ? 
hydrog9  hydrog ?   ? A G  5  N1    ? ? ? 1_555 B C 21 N3  ? ? A G  14  B C 122 1_555 ? ? ? ? ? ? WATSON-CRICK  ?     ? ? 
hydrog10 hydrog ?   ? A G  5  N2    ? ? ? 1_555 B C 21 O2  ? ? A G  14  B C 122 1_555 ? ? ? ? ? ? WATSON-CRICK  ?     ? ? 
hydrog11 hydrog ?   ? A G  5  O6    ? ? ? 1_555 B C 21 N4  ? ? A G  14  B C 122 1_555 ? ? ? ? ? ? WATSON-CRICK  ?     ? ? 
hydrog12 hydrog ?   ? A U  6  N3    ? ? ? 1_555 B A 20 N1  ? ? A U  15  B A 121 1_555 ? ? ? ? ? ? WATSON-CRICK  ?     ? ? 
hydrog13 hydrog ?   ? A U  6  O4    ? ? ? 1_555 B A 20 N6  ? ? A U  15  B A 121 1_555 ? ? ? ? ? ? WATSON-CRICK  ?     ? ? 
hydrog14 hydrog ?   ? A U  11 O2    ? ? ? 1_555 B A 6  N6  ? ? A U  20  B A 107 1_555 ? ? ? ? ? ? 'U-A PAIR'    ?     ? ? 
hydrog15 hydrog ?   ? A G  12 N2    ? ? ? 1_555 B A 5  N7  ? ? A G  21  B A 106 1_555 ? ? ? ? ? ? TYPE_11_PAIR  ?     ? ? 
hydrog16 hydrog ?   ? A G  12 N3    ? ? ? 1_555 B A 5  N6  ? ? A G  21  B A 106 1_555 ? ? ? ? ? ? TYPE_11_PAIR  ?     ? ? 
hydrog17 hydrog ?   ? A A  13 N6    ? ? ? 1_555 B G 4  N3  ? ? A A  22  B G 105 1_555 ? ? ? ? ? ? TYPE_11_PAIR  ?     ? ? 
hydrog18 hydrog ?   ? A A  13 N7    ? ? ? 1_555 B G 4  N2  ? ? A A  22  B G 105 1_555 ? ? ? ? ? ? TYPE_11_PAIR  ?     ? ? 
hydrog19 hydrog ?   ? A G  14 N1    ? ? ? 1_555 B C 3  N3  ? ? A G  23  B C 104 1_555 ? ? ? ? ? ? WATSON-CRICK  ?     ? ? 
hydrog20 hydrog ?   ? A G  14 N2    ? ? ? 1_555 B C 3  O2  ? ? A G  23  B C 104 1_555 ? ? ? ? ? ? WATSON-CRICK  ?     ? ? 
hydrog21 hydrog ?   ? A G  14 O6    ? ? ? 1_555 B C 3  N4  ? ? A G  23  B C 104 1_555 ? ? ? ? ? ? WATSON-CRICK  ?     ? ? 
hydrog22 hydrog ?   ? A G  15 N1    ? ? ? 1_555 B C 2  N3  ? ? A G  24  B C 103 1_555 ? ? ? ? ? ? WATSON-CRICK  ?     ? ? 
hydrog23 hydrog ?   ? A G  15 N2    ? ? ? 1_555 B C 2  O2  ? ? A G  24  B C 103 1_555 ? ? ? ? ? ? WATSON-CRICK  ?     ? ? 
hydrog24 hydrog ?   ? A G  15 O6    ? ? ? 1_555 B C 2  N4  ? ? A G  24  B C 103 1_555 ? ? ? ? ? ? WATSON-CRICK  ?     ? ? 
hydrog25 hydrog ?   ? A C  16 N3    ? ? ? 1_555 B G 1  N1  ? ? A C  25  B G 102 1_555 ? ? ? ? ? ? WATSON-CRICK  ?     ? ? 
hydrog26 hydrog ?   ? A C  16 N4    ? ? ? 1_555 B G 1  O6  ? ? A C  25  B G 102 1_555 ? ? ? ? ? ? WATSON-CRICK  ?     ? ? 
hydrog27 hydrog ?   ? A C  16 O2    ? ? ? 1_555 B G 1  N2  ? ? A C  25  B G 102 1_555 ? ? ? ? ? ? WATSON-CRICK  ?     ? ? 
hydrog28 hydrog ?   ? B C  8  N3    ? ? ? 1_555 B G 17 N1  ? ? B C  109 B G 118 1_555 ? ? ? ? ? ? WATSON-CRICK  ?     ? ? 
hydrog29 hydrog ?   ? B C  8  N4    ? ? ? 1_555 B G 17 O6  ? ? B C  109 B G 118 1_555 ? ? ? ? ? ? WATSON-CRICK  ?     ? ? 
hydrog30 hydrog ?   ? B C  8  O2    ? ? ? 1_555 B G 17 N2  ? ? B C  109 B G 118 1_555 ? ? ? ? ? ? WATSON-CRICK  ?     ? ? 
hydrog31 hydrog ?   ? B U  9  N3    ? ? ? 1_555 B A 16 N1  ? ? B U  110 B A 117 1_555 ? ? ? ? ? ? WATSON-CRICK  ?     ? ? 
hydrog32 hydrog ?   ? B U  9  O4    ? ? ? 1_555 B A 16 N6  ? ? B U  110 B A 117 1_555 ? ? ? ? ? ? WATSON-CRICK  ?     ? ? 
hydrog33 hydrog ?   ? B C  10 N3    ? ? ? 1_555 B G 15 N1  ? ? B C  111 B G 116 1_555 ? ? ? ? ? ? WATSON-CRICK  ?     ? ? 
hydrog34 hydrog ?   ? B C  10 N4    ? ? ? 1_555 B G 15 O6  ? ? B C  111 B G 116 1_555 ? ? ? ? ? ? WATSON-CRICK  ?     ? ? 
hydrog35 hydrog ?   ? B C  10 O2    ? ? ? 1_555 B G 15 N2  ? ? B C  111 B G 116 1_555 ? ? ? ? ? ? WATSON-CRICK  ?     ? ? 
hydrog36 hydrog ?   ? B G  11 N2    ? ? ? 1_555 B A 14 N7  ? ? B G  112 B A 115 1_555 ? ? ? ? ? ? 'G-A MISPAIR' ?     ? ? 
# 
loop_
_struct_conn_type.id 
_struct_conn_type.criteria 
_struct_conn_type.reference 
covale ? ? 
metalc ? ? 
hydrog ? ? 
# 
_pdbx_struct_conn_angle.id                    1 
_pdbx_struct_conn_angle.ptnr1_label_atom_id   OP2 
_pdbx_struct_conn_angle.ptnr1_label_alt_id    ? 
_pdbx_struct_conn_angle.ptnr1_label_asym_id   A 
_pdbx_struct_conn_angle.ptnr1_label_comp_id   A 
_pdbx_struct_conn_angle.ptnr1_label_seq_id    13 
_pdbx_struct_conn_angle.ptnr1_auth_atom_id    ? 
_pdbx_struct_conn_angle.ptnr1_auth_asym_id    A 
_pdbx_struct_conn_angle.ptnr1_auth_comp_id    A 
_pdbx_struct_conn_angle.ptnr1_auth_seq_id     22 
_pdbx_struct_conn_angle.ptnr1_PDB_ins_code    ? 
_pdbx_struct_conn_angle.ptnr1_symmetry        1_555 
_pdbx_struct_conn_angle.ptnr2_label_atom_id   CO 
_pdbx_struct_conn_angle.ptnr2_label_alt_id    ? 
_pdbx_struct_conn_angle.ptnr2_label_asym_id   E 
_pdbx_struct_conn_angle.ptnr2_label_comp_id   CO 
_pdbx_struct_conn_angle.ptnr2_label_seq_id    . 
_pdbx_struct_conn_angle.ptnr2_auth_atom_id    ? 
_pdbx_struct_conn_angle.ptnr2_auth_asym_id    A 
_pdbx_struct_conn_angle.ptnr2_auth_comp_id    CO 
_pdbx_struct_conn_angle.ptnr2_auth_seq_id     5 
_pdbx_struct_conn_angle.ptnr2_PDB_ins_code    ? 
_pdbx_struct_conn_angle.ptnr2_symmetry        1_555 
_pdbx_struct_conn_angle.ptnr3_label_atom_id   N7 
_pdbx_struct_conn_angle.ptnr3_label_alt_id    ? 
_pdbx_struct_conn_angle.ptnr3_label_asym_id   A 
_pdbx_struct_conn_angle.ptnr3_label_comp_id   G 
_pdbx_struct_conn_angle.ptnr3_label_seq_id    14 
_pdbx_struct_conn_angle.ptnr3_auth_atom_id    ? 
_pdbx_struct_conn_angle.ptnr3_auth_asym_id    A 
_pdbx_struct_conn_angle.ptnr3_auth_comp_id    G 
_pdbx_struct_conn_angle.ptnr3_auth_seq_id     23 
_pdbx_struct_conn_angle.ptnr3_PDB_ins_code    ? 
_pdbx_struct_conn_angle.ptnr3_symmetry        1_555 
_pdbx_struct_conn_angle.value                 84.3 
_pdbx_struct_conn_angle.value_esd             ? 
# 
loop_
_struct_site.id 
_struct_site.pdbx_evidence_code 
_struct_site.pdbx_auth_asym_id 
_struct_site.pdbx_auth_comp_id 
_struct_site.pdbx_auth_seq_id 
_struct_site.pdbx_auth_ins_code 
_struct_site.pdbx_num_residues 
_struct_site.details 
AC1 Software A CO 1 ? 1 'BINDING SITE FOR RESIDUE CO A 1' 
AC2 Software A CO 2 ? 1 'BINDING SITE FOR RESIDUE CO A 2' 
AC3 Software B CO 3 ? 1 'BINDING SITE FOR RESIDUE CO B 3' 
AC4 Software B CO 4 ? 1 'BINDING SITE FOR RESIDUE CO B 4' 
AC5 Software A CO 5 ? 2 'BINDING SITE FOR RESIDUE CO A 5' 
# 
loop_
_struct_site_gen.id 
_struct_site_gen.site_id 
_struct_site_gen.pdbx_num_res 
_struct_site_gen.label_comp_id 
_struct_site_gen.label_asym_id 
_struct_site_gen.label_seq_id 
_struct_site_gen.pdbx_auth_ins_code 
_struct_site_gen.auth_comp_id 
_struct_site_gen.auth_asym_id 
_struct_site_gen.auth_seq_id 
_struct_site_gen.label_atom_id 
_struct_site_gen.label_alt_id 
_struct_site_gen.symmetry 
_struct_site_gen.details 
1 AC1 1 G A 5  ? G A 14  . ? 1_555 ? 
2 AC2 1 G A 9  ? G A 18  . ? 1_555 ? 
3 AC3 1 G B 15 ? G B 116 . ? 1_555 ? 
4 AC4 1 G B 17 ? G B 118 . ? 1_555 ? 
5 AC5 2 A A 13 ? A A 22  . ? 1_555 ? 
6 AC5 2 G A 14 ? G A 23  . ? 1_555 ? 
# 
_pdbx_validate_close_contact.id               1 
_pdbx_validate_close_contact.PDB_model_num    1 
_pdbx_validate_close_contact.auth_atom_id_1   "O2'" 
_pdbx_validate_close_contact.auth_asym_id_1   B 
_pdbx_validate_close_contact.auth_comp_id_1   C 
_pdbx_validate_close_contact.auth_seq_id_1    120 
_pdbx_validate_close_contact.PDB_ins_code_1   ? 
_pdbx_validate_close_contact.label_alt_id_1   ? 
_pdbx_validate_close_contact.auth_atom_id_2   OP1 
_pdbx_validate_close_contact.auth_asym_id_2   B 
_pdbx_validate_close_contact.auth_comp_id_2   A 
_pdbx_validate_close_contact.auth_seq_id_2    121 
_pdbx_validate_close_contact.PDB_ins_code_2   ? 
_pdbx_validate_close_contact.label_alt_id_2   ? 
_pdbx_validate_close_contact.dist             1.72 
# 
loop_
_pdbx_validate_rmsd_bond.id 
_pdbx_validate_rmsd_bond.PDB_model_num 
_pdbx_validate_rmsd_bond.auth_atom_id_1 
_pdbx_validate_rmsd_bond.auth_asym_id_1 
_pdbx_validate_rmsd_bond.auth_comp_id_1 
_pdbx_validate_rmsd_bond.auth_seq_id_1 
_pdbx_validate_rmsd_bond.PDB_ins_code_1 
_pdbx_validate_rmsd_bond.label_alt_id_1 
_pdbx_validate_rmsd_bond.auth_atom_id_2 
_pdbx_validate_rmsd_bond.auth_asym_id_2 
_pdbx_validate_rmsd_bond.auth_comp_id_2 
_pdbx_validate_rmsd_bond.auth_seq_id_2 
_pdbx_validate_rmsd_bond.PDB_ins_code_2 
_pdbx_validate_rmsd_bond.label_alt_id_2 
_pdbx_validate_rmsd_bond.bond_value 
_pdbx_validate_rmsd_bond.bond_target_value 
_pdbx_validate_rmsd_bond.bond_deviation 
_pdbx_validate_rmsd_bond.bond_standard_deviation 
_pdbx_validate_rmsd_bond.linker_flag 
1 1 "C5'" A G 11  ? ? "C4'" A G 11  ? ? 1.742 1.509 0.233  0.012 N 
2 1 C5    A G 18  ? ? N7    A G 18  ? ? 1.343 1.388 -0.045 0.006 N 
3 1 N7    A G 18  ? ? C8    A G 18  ? ? 1.348 1.305 0.043  0.006 N 
4 1 "O3'" B C 109 ? ? "C3'" B C 109 ? ? 1.332 1.417 -0.085 0.014 N 
5 1 "C4'" B A 121 ? ? "C3'" B A 121 ? ? 1.642 1.527 0.115  0.011 N 
6 1 "O4'" B A 121 ? ? "C1'" B A 121 ? ? 1.231 1.412 -0.181 0.013 N 
# 
loop_
_pdbx_validate_rmsd_angle.id 
_pdbx_validate_rmsd_angle.PDB_model_num 
_pdbx_validate_rmsd_angle.auth_atom_id_1 
_pdbx_validate_rmsd_angle.auth_asym_id_1 
_pdbx_validate_rmsd_angle.auth_comp_id_1 
_pdbx_validate_rmsd_angle.auth_seq_id_1 
_pdbx_validate_rmsd_angle.PDB_ins_code_1 
_pdbx_validate_rmsd_angle.label_alt_id_1 
_pdbx_validate_rmsd_angle.auth_atom_id_2 
_pdbx_validate_rmsd_angle.auth_asym_id_2 
_pdbx_validate_rmsd_angle.auth_comp_id_2 
_pdbx_validate_rmsd_angle.auth_seq_id_2 
_pdbx_validate_rmsd_angle.PDB_ins_code_2 
_pdbx_validate_rmsd_angle.label_alt_id_2 
_pdbx_validate_rmsd_angle.auth_atom_id_3 
_pdbx_validate_rmsd_angle.auth_asym_id_3 
_pdbx_validate_rmsd_angle.auth_comp_id_3 
_pdbx_validate_rmsd_angle.auth_seq_id_3 
_pdbx_validate_rmsd_angle.PDB_ins_code_3 
_pdbx_validate_rmsd_angle.label_alt_id_3 
_pdbx_validate_rmsd_angle.angle_value 
_pdbx_validate_rmsd_angle.angle_target_value 
_pdbx_validate_rmsd_angle.angle_deviation 
_pdbx_validate_rmsd_angle.angle_standard_deviation 
_pdbx_validate_rmsd_angle.linker_flag 
1  1 "C5'" A G 11  ? ? "C4'" A G 11  ? ? "O4'" A G 11  ? ? 100.19 109.10 -8.91  1.20 N 
2  1 "O4'" A G 13  ? ? "C1'" A G 13  ? ? N9    A G 13  ? ? 113.10 108.50 4.60   0.70 N 
3  1 "C4'" A U 17  ? ? "C3'" A U 17  ? ? "C2'" A U 17  ? ? 93.81  102.60 -8.79  1.00 N 
4  1 "O5'" A G 18  ? ? P     A G 18  ? ? OP2   A G 18  ? ? 94.78  105.70 -10.92 0.90 N 
5  1 C6    A G 18  ? ? N1    A G 18  ? ? C2    A G 18  ? ? 120.81 125.10 -4.29  0.60 N 
6  1 C2    A G 18  ? ? N3    A G 18  ? ? C4    A G 18  ? ? 120.37 111.90 8.47   0.50 N 
7  1 N3    A G 18  ? ? C4    A G 18  ? ? C5    A G 18  ? ? 120.30 128.60 -8.30  0.50 N 
8  1 C5    A G 18  ? ? C6    A G 18  ? ? N1    A G 18  ? ? 119.01 111.50 7.51   0.50 N 
9  1 C4    A G 18  ? ? C5    A G 18  ? ? N7    A G 18  ? ? 107.88 110.80 -2.92  0.40 N 
10 1 C5    A G 18  ? ? N7    A G 18  ? ? C8    A G 18  ? ? 108.96 104.30 4.66   0.50 N 
11 1 N7    A G 18  ? ? C8    A G 18  ? ? N9    A G 18  ? ? 108.80 113.10 -4.30  0.50 N 
12 1 N3    A G 18  ? ? C4    A G 18  ? ? N9    A G 18  ? ? 132.87 126.00 6.87   0.60 N 
13 1 C5    A G 18  ? ? C6    A G 18  ? ? O6    A G 18  ? ? 120.71 128.60 -7.89  0.60 N 
14 1 "O5'" B U 110 ? ? P     B U 110 ? ? OP2   B U 110 ? ? 118.92 110.70 8.22   1.20 N 
15 1 N9    B A 114 ? ? "C1'" B A 114 ? ? "C2'" B A 114 ? ? 122.03 114.00 8.03   1.30 N 
16 1 "O3'" B G 116 ? ? P     B A 117 ? ? "O5'" B A 117 ? ? 91.96  104.00 -12.04 1.90 Y 
17 1 "O5'" B A 117 ? ? P     B A 117 ? ? OP2   B A 117 ? ? 118.61 110.70 7.91   1.20 N 
18 1 N1    B G 118 ? ? C6    B G 118 ? ? O6    B G 118 ? ? 115.99 119.90 -3.91  0.60 N 
19 1 "C5'" B C 120 ? ? "C4'" B C 120 ? ? "C3'" B C 120 ? ? 128.01 116.00 12.01  1.60 N 
20 1 "C1'" B C 120 ? ? "O4'" B C 120 ? ? "C4'" B C 120 ? ? 101.90 109.70 -7.80  0.70 N 
21 1 "C2'" B C 120 ? ? "C3'" B C 120 ? ? "O3'" B C 120 ? ? 90.30  109.50 -19.20 2.20 N 
22 1 "C4'" B C 120 ? ? "C3'" B C 120 ? ? "C2'" B C 120 ? ? 91.57  102.60 -11.03 1.00 N 
23 1 "C4'" B A 121 ? ? "C3'" B A 121 ? ? "C2'" B A 121 ? ? 86.55  102.60 -16.05 1.00 N 
24 1 "O4'" B A 121 ? ? "C1'" B A 121 ? ? N9    B A 121 ? ? 118.17 108.50 9.67   0.70 N 
25 1 N3    B C 122 ? ? C2    B C 122 ? ? O2    B C 122 ? ? 117.59 121.90 -4.31  0.70 N 
# 
loop_
_chem_comp_atom.comp_id 
_chem_comp_atom.atom_id 
_chem_comp_atom.type_symbol 
_chem_comp_atom.pdbx_aromatic_flag 
_chem_comp_atom.pdbx_stereo_config 
_chem_comp_atom.pdbx_ordinal 
A  OP3    O  N N 1   
A  P      P  N N 2   
A  OP1    O  N N 3   
A  OP2    O  N N 4   
A  "O5'"  O  N N 5   
A  "C5'"  C  N N 6   
A  "C4'"  C  N R 7   
A  "O4'"  O  N N 8   
A  "C3'"  C  N S 9   
A  "O3'"  O  N N 10  
A  "C2'"  C  N R 11  
A  "O2'"  O  N N 12  
A  "C1'"  C  N R 13  
A  N9     N  Y N 14  
A  C8     C  Y N 15  
A  N7     N  Y N 16  
A  C5     C  Y N 17  
A  C6     C  Y N 18  
A  N6     N  N N 19  
A  N1     N  Y N 20  
A  C2     C  Y N 21  
A  N3     N  Y N 22  
A  C4     C  Y N 23  
A  HOP3   H  N N 24  
A  HOP2   H  N N 25  
A  "H5'"  H  N N 26  
A  "H5''" H  N N 27  
A  "H4'"  H  N N 28  
A  "H3'"  H  N N 29  
A  "HO3'" H  N N 30  
A  "H2'"  H  N N 31  
A  "HO2'" H  N N 32  
A  "H1'"  H  N N 33  
A  H8     H  N N 34  
A  H61    H  N N 35  
A  H62    H  N N 36  
A  H2     H  N N 37  
C  OP3    O  N N 38  
C  P      P  N N 39  
C  OP1    O  N N 40  
C  OP2    O  N N 41  
C  "O5'"  O  N N 42  
C  "C5'"  C  N N 43  
C  "C4'"  C  N R 44  
C  "O4'"  O  N N 45  
C  "C3'"  C  N S 46  
C  "O3'"  O  N N 47  
C  "C2'"  C  N R 48  
C  "O2'"  O  N N 49  
C  "C1'"  C  N R 50  
C  N1     N  N N 51  
C  C2     C  N N 52  
C  O2     O  N N 53  
C  N3     N  N N 54  
C  C4     C  N N 55  
C  N4     N  N N 56  
C  C5     C  N N 57  
C  C6     C  N N 58  
C  HOP3   H  N N 59  
C  HOP2   H  N N 60  
C  "H5'"  H  N N 61  
C  "H5''" H  N N 62  
C  "H4'"  H  N N 63  
C  "H3'"  H  N N 64  
C  "HO3'" H  N N 65  
C  "H2'"  H  N N 66  
C  "HO2'" H  N N 67  
C  "H1'"  H  N N 68  
C  H41    H  N N 69  
C  H42    H  N N 70  
C  H5     H  N N 71  
C  H6     H  N N 72  
CO CO     CO N N 73  
G  OP3    O  N N 74  
G  P      P  N N 75  
G  OP1    O  N N 76  
G  OP2    O  N N 77  
G  "O5'"  O  N N 78  
G  "C5'"  C  N N 79  
G  "C4'"  C  N R 80  
G  "O4'"  O  N N 81  
G  "C3'"  C  N S 82  
G  "O3'"  O  N N 83  
G  "C2'"  C  N R 84  
G  "O2'"  O  N N 85  
G  "C1'"  C  N R 86  
G  N9     N  Y N 87  
G  C8     C  Y N 88  
G  N7     N  Y N 89  
G  C5     C  Y N 90  
G  C6     C  N N 91  
G  O6     O  N N 92  
G  N1     N  N N 93  
G  C2     C  N N 94  
G  N2     N  N N 95  
G  N3     N  N N 96  
G  C4     C  Y N 97  
G  HOP3   H  N N 98  
G  HOP2   H  N N 99  
G  "H5'"  H  N N 100 
G  "H5''" H  N N 101 
G  "H4'"  H  N N 102 
G  "H3'"  H  N N 103 
G  "HO3'" H  N N 104 
G  "H2'"  H  N N 105 
G  "HO2'" H  N N 106 
G  "H1'"  H  N N 107 
G  H8     H  N N 108 
G  H1     H  N N 109 
G  H21    H  N N 110 
G  H22    H  N N 111 
U  OP3    O  N N 112 
U  P      P  N N 113 
U  OP1    O  N N 114 
U  OP2    O  N N 115 
U  "O5'"  O  N N 116 
U  "C5'"  C  N N 117 
U  "C4'"  C  N R 118 
U  "O4'"  O  N N 119 
U  "C3'"  C  N S 120 
U  "O3'"  O  N N 121 
U  "C2'"  C  N R 122 
U  "O2'"  O  N N 123 
U  "C1'"  C  N R 124 
U  N1     N  N N 125 
U  C2     C  N N 126 
U  O2     O  N N 127 
U  N3     N  N N 128 
U  C4     C  N N 129 
U  O4     O  N N 130 
U  C5     C  N N 131 
U  C6     C  N N 132 
U  HOP3   H  N N 133 
U  HOP2   H  N N 134 
U  "H5'"  H  N N 135 
U  "H5''" H  N N 136 
U  "H4'"  H  N N 137 
U  "H3'"  H  N N 138 
U  "HO3'" H  N N 139 
U  "H2'"  H  N N 140 
U  "HO2'" H  N N 141 
U  "H1'"  H  N N 142 
U  H3     H  N N 143 
U  H5     H  N N 144 
U  H6     H  N N 145 
# 
loop_
_chem_comp_bond.comp_id 
_chem_comp_bond.atom_id_1 
_chem_comp_bond.atom_id_2 
_chem_comp_bond.value_order 
_chem_comp_bond.pdbx_aromatic_flag 
_chem_comp_bond.pdbx_stereo_config 
_chem_comp_bond.pdbx_ordinal 
A OP3   P      sing N N 1   
A OP3   HOP3   sing N N 2   
A P     OP1    doub N N 3   
A P     OP2    sing N N 4   
A P     "O5'"  sing N N 5   
A OP2   HOP2   sing N N 6   
A "O5'" "C5'"  sing N N 7   
A "C5'" "C4'"  sing N N 8   
A "C5'" "H5'"  sing N N 9   
A "C5'" "H5''" sing N N 10  
A "C4'" "O4'"  sing N N 11  
A "C4'" "C3'"  sing N N 12  
A "C4'" "H4'"  sing N N 13  
A "O4'" "C1'"  sing N N 14  
A "C3'" "O3'"  sing N N 15  
A "C3'" "C2'"  sing N N 16  
A "C3'" "H3'"  sing N N 17  
A "O3'" "HO3'" sing N N 18  
A "C2'" "O2'"  sing N N 19  
A "C2'" "C1'"  sing N N 20  
A "C2'" "H2'"  sing N N 21  
A "O2'" "HO2'" sing N N 22  
A "C1'" N9     sing N N 23  
A "C1'" "H1'"  sing N N 24  
A N9    C8     sing Y N 25  
A N9    C4     sing Y N 26  
A C8    N7     doub Y N 27  
A C8    H8     sing N N 28  
A N7    C5     sing Y N 29  
A C5    C6     sing Y N 30  
A C5    C4     doub Y N 31  
A C6    N6     sing N N 32  
A C6    N1     doub Y N 33  
A N6    H61    sing N N 34  
A N6    H62    sing N N 35  
A N1    C2     sing Y N 36  
A C2    N3     doub Y N 37  
A C2    H2     sing N N 38  
A N3    C4     sing Y N 39  
C OP3   P      sing N N 40  
C OP3   HOP3   sing N N 41  
C P     OP1    doub N N 42  
C P     OP2    sing N N 43  
C P     "O5'"  sing N N 44  
C OP2   HOP2   sing N N 45  
C "O5'" "C5'"  sing N N 46  
C "C5'" "C4'"  sing N N 47  
C "C5'" "H5'"  sing N N 48  
C "C5'" "H5''" sing N N 49  
C "C4'" "O4'"  sing N N 50  
C "C4'" "C3'"  sing N N 51  
C "C4'" "H4'"  sing N N 52  
C "O4'" "C1'"  sing N N 53  
C "C3'" "O3'"  sing N N 54  
C "C3'" "C2'"  sing N N 55  
C "C3'" "H3'"  sing N N 56  
C "O3'" "HO3'" sing N N 57  
C "C2'" "O2'"  sing N N 58  
C "C2'" "C1'"  sing N N 59  
C "C2'" "H2'"  sing N N 60  
C "O2'" "HO2'" sing N N 61  
C "C1'" N1     sing N N 62  
C "C1'" "H1'"  sing N N 63  
C N1    C2     sing N N 64  
C N1    C6     sing N N 65  
C C2    O2     doub N N 66  
C C2    N3     sing N N 67  
C N3    C4     doub N N 68  
C C4    N4     sing N N 69  
C C4    C5     sing N N 70  
C N4    H41    sing N N 71  
C N4    H42    sing N N 72  
C C5    C6     doub N N 73  
C C5    H5     sing N N 74  
C C6    H6     sing N N 75  
G OP3   P      sing N N 76  
G OP3   HOP3   sing N N 77  
G P     OP1    doub N N 78  
G P     OP2    sing N N 79  
G P     "O5'"  sing N N 80  
G OP2   HOP2   sing N N 81  
G "O5'" "C5'"  sing N N 82  
G "C5'" "C4'"  sing N N 83  
G "C5'" "H5'"  sing N N 84  
G "C5'" "H5''" sing N N 85  
G "C4'" "O4'"  sing N N 86  
G "C4'" "C3'"  sing N N 87  
G "C4'" "H4'"  sing N N 88  
G "O4'" "C1'"  sing N N 89  
G "C3'" "O3'"  sing N N 90  
G "C3'" "C2'"  sing N N 91  
G "C3'" "H3'"  sing N N 92  
G "O3'" "HO3'" sing N N 93  
G "C2'" "O2'"  sing N N 94  
G "C2'" "C1'"  sing N N 95  
G "C2'" "H2'"  sing N N 96  
G "O2'" "HO2'" sing N N 97  
G "C1'" N9     sing N N 98  
G "C1'" "H1'"  sing N N 99  
G N9    C8     sing Y N 100 
G N9    C4     sing Y N 101 
G C8    N7     doub Y N 102 
G C8    H8     sing N N 103 
G N7    C5     sing Y N 104 
G C5    C6     sing N N 105 
G C5    C4     doub Y N 106 
G C6    O6     doub N N 107 
G C6    N1     sing N N 108 
G N1    C2     sing N N 109 
G N1    H1     sing N N 110 
G C2    N2     sing N N 111 
G C2    N3     doub N N 112 
G N2    H21    sing N N 113 
G N2    H22    sing N N 114 
G N3    C4     sing N N 115 
U OP3   P      sing N N 116 
U OP3   HOP3   sing N N 117 
U P     OP1    doub N N 118 
U P     OP2    sing N N 119 
U P     "O5'"  sing N N 120 
U OP2   HOP2   sing N N 121 
U "O5'" "C5'"  sing N N 122 
U "C5'" "C4'"  sing N N 123 
U "C5'" "H5'"  sing N N 124 
U "C5'" "H5''" sing N N 125 
U "C4'" "O4'"  sing N N 126 
U "C4'" "C3'"  sing N N 127 
U "C4'" "H4'"  sing N N 128 
U "O4'" "C1'"  sing N N 129 
U "C3'" "O3'"  sing N N 130 
U "C3'" "C2'"  sing N N 131 
U "C3'" "H3'"  sing N N 132 
U "O3'" "HO3'" sing N N 133 
U "C2'" "O2'"  sing N N 134 
U "C2'" "C1'"  sing N N 135 
U "C2'" "H2'"  sing N N 136 
U "O2'" "HO2'" sing N N 137 
U "C1'" N1     sing N N 138 
U "C1'" "H1'"  sing N N 139 
U N1    C2     sing N N 140 
U N1    C6     sing N N 141 
U C2    O2     doub N N 142 
U C2    N3     sing N N 143 
U N3    C4     sing N N 144 
U N3    H3     sing N N 145 
U C4    O4     doub N N 146 
U C4    C5     sing N N 147 
U C5    C6     doub N N 148 
U C5    H5     sing N N 149 
U C6    H6     sing N N 150 
# 
loop_
_ndb_struct_conf_na.entry_id 
_ndb_struct_conf_na.feature 
1Q29 'double helix'         
1Q29 'a-form double helix'  
1Q29 tetraloop              
1Q29 'mismatched base pair' 
1Q29 'three-way junction'   
# 
loop_
_ndb_struct_na_base_pair.model_number 
_ndb_struct_na_base_pair.i_label_asym_id 
_ndb_struct_na_base_pair.i_label_comp_id 
_ndb_struct_na_base_pair.i_label_seq_id 
_ndb_struct_na_base_pair.i_symmetry 
_ndb_struct_na_base_pair.j_label_asym_id 
_ndb_struct_na_base_pair.j_label_comp_id 
_ndb_struct_na_base_pair.j_label_seq_id 
_ndb_struct_na_base_pair.j_symmetry 
_ndb_struct_na_base_pair.shear 
_ndb_struct_na_base_pair.stretch 
_ndb_struct_na_base_pair.stagger 
_ndb_struct_na_base_pair.buckle 
_ndb_struct_na_base_pair.propeller 
_ndb_struct_na_base_pair.opening 
_ndb_struct_na_base_pair.pair_number 
_ndb_struct_na_base_pair.pair_name 
_ndb_struct_na_base_pair.i_auth_asym_id 
_ndb_struct_na_base_pair.i_auth_seq_id 
_ndb_struct_na_base_pair.i_PDB_ins_code 
_ndb_struct_na_base_pair.j_auth_asym_id 
_ndb_struct_na_base_pair.j_auth_seq_id 
_ndb_struct_na_base_pair.j_PDB_ins_code 
_ndb_struct_na_base_pair.hbond_type_28 
_ndb_struct_na_base_pair.hbond_type_12 
1 A G 1  1_555 A C 17 1_555 -0.132 0.079  0.299  15.266  -18.011 -2.138  1  A_G10:C26_A   A 10  ? A 26  ? 19 1  
1 B G 1  1_555 A C 16 1_555 -0.509 0.099  0.433  6.452   -8.451  -4.787  2  B_G102:C25_A  B 102 ? A 25  ? 19 1  
1 B C 2  1_555 A G 15 1_555 -0.207 -0.112 0.069  3.562   -15.645 -1.864  3  B_C103:G24_A  B 103 ? A 24  ? 19 1  
1 B C 3  1_555 A G 14 1_555 0.177  0.076  0.064  2.261   -13.455 5.665   4  B_C104:G23_A  B 104 ? A 23  ? 19 1  
1 B G 4  1_555 A A 13 1_555 6.942  -4.443 -0.075 9.922   -15.934 -5.210  5  B_G105:A22_A  B 105 ? A 22  ? 11 10 
1 B A 5  1_555 A G 12 1_555 -6.882 -4.357 0.097  -24.878 18.921  1.176   6  B_A106:G21_A  B 106 ? A 21  ? 11 10 
1 B A 6  1_555 A U 11 1_555 -6.458 -0.645 0.130  14.159  -2.005  45.065  7  B_A107:U20_A  B 107 ? A 20  ? ?  5  
1 B C 8  1_555 B G 17 1_555 0.664  0.021  0.456  -0.418  -19.246 -5.250  8  B_C109:G118_B B 109 ? B 118 ? 19 1  
1 B U 9  1_555 B A 16 1_555 -0.702 0.133  0.226  5.680   -9.031  5.179   9  B_U110:A117_B B 110 ? B 117 ? 20 1  
1 B C 10 1_555 B G 15 1_555 0.748  -0.178 -0.224 15.951  -8.879  4.291   10 B_C111:G116_B B 111 ? B 116 ? 19 1  
1 B G 11 1_555 B A 14 1_555 7.501  -5.611 0.309  -2.885  -18.874 -43.914 11 B_G112:A115_B B 112 ? B 115 ? ?  ?  
1 A G 2  1_555 B C 24 1_555 0.350  0.460  0.160  -3.760  -23.123 1.135   12 A_G11:C125_B  A 11  ? B 125 ? ?  1  
1 A U 3  1_555 B A 23 1_555 0.288  0.424  0.273  4.806   -12.952 5.882   13 A_U12:A124_B  A 12  ? B 124 ? ?  ?  
1 A G 4  1_555 B C 22 1_555 0.249  -0.082 0.369  3.544   -11.667 -0.101  14 A_G13:C123_B  A 13  ? B 123 ? 19 1  
1 A G 5  1_555 B C 21 1_555 0.192  -0.061 -0.120 -10.734 -17.890 3.641   15 A_G14:C122_B  A 14  ? B 122 ? 19 1  
1 A U 6  1_555 B A 20 1_555 0.408  -0.009 0.465  -10.552 -8.295  0.429   16 A_U15:A121_B  A 15  ? B 121 ? 20 1  
# 
loop_
_ndb_struct_na_base_pair_step.model_number 
_ndb_struct_na_base_pair_step.i_label_asym_id_1 
_ndb_struct_na_base_pair_step.i_label_comp_id_1 
_ndb_struct_na_base_pair_step.i_label_seq_id_1 
_ndb_struct_na_base_pair_step.i_symmetry_1 
_ndb_struct_na_base_pair_step.j_label_asym_id_1 
_ndb_struct_na_base_pair_step.j_label_comp_id_1 
_ndb_struct_na_base_pair_step.j_label_seq_id_1 
_ndb_struct_na_base_pair_step.j_symmetry_1 
_ndb_struct_na_base_pair_step.i_label_asym_id_2 
_ndb_struct_na_base_pair_step.i_label_comp_id_2 
_ndb_struct_na_base_pair_step.i_label_seq_id_2 
_ndb_struct_na_base_pair_step.i_symmetry_2 
_ndb_struct_na_base_pair_step.j_label_asym_id_2 
_ndb_struct_na_base_pair_step.j_label_comp_id_2 
_ndb_struct_na_base_pair_step.j_label_seq_id_2 
_ndb_struct_na_base_pair_step.j_symmetry_2 
_ndb_struct_na_base_pair_step.shift 
_ndb_struct_na_base_pair_step.slide 
_ndb_struct_na_base_pair_step.rise 
_ndb_struct_na_base_pair_step.tilt 
_ndb_struct_na_base_pair_step.roll 
_ndb_struct_na_base_pair_step.twist 
_ndb_struct_na_base_pair_step.x_displacement 
_ndb_struct_na_base_pair_step.y_displacement 
_ndb_struct_na_base_pair_step.helical_rise 
_ndb_struct_na_base_pair_step.inclination 
_ndb_struct_na_base_pair_step.tip 
_ndb_struct_na_base_pair_step.helical_twist 
_ndb_struct_na_base_pair_step.step_number 
_ndb_struct_na_base_pair_step.step_name 
_ndb_struct_na_base_pair_step.i_auth_asym_id_1 
_ndb_struct_na_base_pair_step.i_auth_seq_id_1 
_ndb_struct_na_base_pair_step.i_PDB_ins_code_1 
_ndb_struct_na_base_pair_step.j_auth_asym_id_1 
_ndb_struct_na_base_pair_step.j_auth_seq_id_1 
_ndb_struct_na_base_pair_step.j_PDB_ins_code_1 
_ndb_struct_na_base_pair_step.i_auth_asym_id_2 
_ndb_struct_na_base_pair_step.i_auth_seq_id_2 
_ndb_struct_na_base_pair_step.i_PDB_ins_code_2 
_ndb_struct_na_base_pair_step.j_auth_asym_id_2 
_ndb_struct_na_base_pair_step.j_auth_seq_id_2 
_ndb_struct_na_base_pair_step.j_PDB_ins_code_2 
1 A G 1  1_555 A C 17 1_555 B G 1  1_555 A C 16 1_555 0.390  -1.599 3.388 -4.580  12.283 28.236  -5.178 -1.547 2.410  23.634 8.813 
31.075  1  AB_G10G102:C25C26_AA    A 10  ? A 26  ? B 102 ? A 25  ? 
1 B G 1  1_555 A C 16 1_555 B C 2  1_555 A G 15 1_555 0.171  -2.238 3.250 1.611   -0.782 34.962  -3.603 -0.042 3.302  -1.301 
-2.679 35.006  2  BB_G102C103:G24C25_AA   B 102 ? A 25  ? B 103 ? A 24  ? 
1 B C 2  1_555 A G 15 1_555 B C 3  1_555 A G 14 1_555 0.190  -1.980 3.289 -0.622  4.736  29.834  -4.721 -0.486 2.942  9.125  1.199 
30.205  3  BB_C103C104:G23G24_AA   B 103 ? A 24  ? B 104 ? A 23  ? 
1 B C 3  1_555 A G 14 1_555 B G 4  1_555 A A 13 1_555 -0.875 -0.516 3.431 0.389   3.099  58.178  -0.701 0.920  3.396  3.184  
-0.400 58.254  4  BB_C104G105:A22G23_AA   B 104 ? A 23  ? B 105 ? A 22  ? 
1 B G 4  1_555 A A 13 1_555 B A 5  1_555 A G 12 1_555 1.016  -1.192 3.929 4.498   0.185  -9.609  6.098  13.993 3.151  -1.034 
25.120 -10.609 5  BB_G105A106:G21A22_AA   B 105 ? A 22  ? B 106 ? A 21  ? 
1 B A 5  1_555 A G 12 1_555 B A 6  1_555 A U 11 1_555 2.911  -1.073 2.021 -19.873 10.667 30.018  -2.117 -5.367 -0.177 17.781 
33.126 37.391  6  BB_A106A107:U20G21_AA   B 106 ? A 21  ? B 107 ? A 20  ? 
1 B A 6  1_555 A U 11 1_555 B C 8  1_555 B G 17 1_555 -0.177 -1.567 6.694 -13.419 3.798  109.916 -1.047 -0.224 6.648  2.314  8.175 
110.509 7  BB_A107C109:G118U20_BA  B 107 ? A 20  ? B 109 ? B 118 ? 
1 B C 8  1_555 B G 17 1_555 B U 9  1_555 B A 16 1_555 0.236  -1.575 3.190 -3.705  -1.419 26.927  -2.998 -1.415 3.206  -3.027 7.901 
27.213  8  BB_C109U110:A117G118_BB B 109 ? B 118 ? B 110 ? B 117 ? 
1 B U 9  1_555 B A 16 1_555 B C 10 1_555 B G 15 1_555 0.068  -1.093 2.987 1.659   4.400  42.265  -1.908 0.056  2.865  6.079  
-2.293 42.514  9  BB_U110C111:G116A117_BB B 110 ? B 117 ? B 111 ? B 116 ? 
1 B C 10 1_555 B G 15 1_555 B G 11 1_555 B A 14 1_555 -4.857 -1.273 4.123 5.981   21.532 48.353  -2.968 5.872  2.785  24.809 
-6.892 52.984  10 BB_C111G112:A115G116_BB B 111 ? B 116 ? B 112 ? B 115 ? 
1 A G 2  1_555 B C 24 1_555 A U 3  1_555 B A 23 1_555 -0.163 -1.395 2.950 -1.798  4.359  37.042  -2.685 0.046  2.778  6.827  2.817 
37.331  11 AA_G11U12:A124C125_BB   A 11  ? B 125 ? A 12  ? B 124 ? 
1 A U 3  1_555 B A 23 1_555 A G 4  1_555 B C 22 1_555 -0.105 -1.404 3.182 2.643   4.546  33.144  -3.136 0.592  2.952  7.907  
-4.597 33.547  12 AA_U12G13:C123A124_BB   A 12  ? B 124 ? A 13  ? B 123 ? 
1 A G 4  1_555 B C 22 1_555 A G 5  1_555 B C 21 1_555 0.629  -2.362 3.483 4.719   9.710  28.002  -6.498 -0.279 2.606  19.189 
-9.326 29.972  13 AA_G13G14:C122C123_BB   A 13  ? B 123 ? A 14  ? B 122 ? 
1 A G 5  1_555 B C 21 1_555 A U 6  1_555 B A 20 1_555 -0.825 -2.152 3.119 -5.335  1.585  31.311  -4.206 0.569  3.103  2.908  9.788 
31.790  14 AA_G14U15:A121C122_BB   A 14  ? B 122 ? A 15  ? B 121 ? 
# 
_pdbx_initial_refinement_model.accession_code   299D 
_pdbx_initial_refinement_model.id               1 
_pdbx_initial_refinement_model.entity_id_list   ? 
_pdbx_initial_refinement_model.type             'experimental model' 
_pdbx_initial_refinement_model.source_name      PDB 
_pdbx_initial_refinement_model.details          'NDB entry urx057' 
# 
_atom_sites.entry_id                    1Q29 
_atom_sites.fract_transf_matrix[1][1]   0.01652224 
_atom_sites.fract_transf_matrix[1][2]   -0.00517339 
_atom_sites.fract_transf_matrix[1][3]   -0.00021309 
_atom_sites.fract_transf_matrix[2][1]   0.00469207 
_atom_sites.fract_transf_matrix[2][2]   -0.01433929 
_atom_sites.fract_transf_matrix[2][3]   0.00849578 
_atom_sites.fract_transf_matrix[3][1]   -0.00128835 
_atom_sites.fract_transf_matrix[3][2]   -0.00387455 
_atom_sites.fract_transf_matrix[3][3]   -0.00582799 
_atom_sites.fract_transf_vector[1]      0.414528 
_atom_sites.fract_transf_vector[2]      0.000733 
_atom_sites.fract_transf_vector[3]      0.206337 
# 
loop_
_atom_type.symbol 
C  
CO 
N  
O  
P  
# 
loop_
_atom_site.group_PDB 
_atom_site.id 
_atom_site.type_symbol 
_atom_site.label_atom_id 
_atom_site.label_alt_id 
_atom_site.label_comp_id 
_atom_site.label_asym_id 
_atom_site.label_entity_id 
_atom_site.label_seq_id 
_atom_site.pdbx_PDB_ins_code 
_atom_site.Cartn_x 
_atom_site.Cartn_y 
_atom_site.Cartn_z 
_atom_site.occupancy 
_atom_site.B_iso_or_equiv 
_atom_site.pdbx_formal_charge 
_atom_site.auth_seq_id 
_atom_site.auth_comp_id 
_atom_site.auth_asym_id 
_atom_site.auth_atom_id 
_atom_site.pdbx_PDB_model_num 
ATOM   1   O  "O5'" . G  A 1 1  ? -2.875  -7.713  -12.035 1.00 82.77  ? 10  G  A "O5'" 1 
ATOM   2   C  "C5'" . G  A 1 1  ? -2.513  -8.612  -13.219 1.00 83.63  ? 10  G  A "C5'" 1 
ATOM   3   C  "C4'" . G  A 1 1  ? -2.316  -7.698  -14.427 1.00 84.31  ? 10  G  A "C4'" 1 
ATOM   4   O  "O4'" . G  A 1 1  ? -3.520  -7.583  -15.249 1.00 84.59  ? 10  G  A "O4'" 1 
ATOM   5   C  "C3'" . G  A 1 1  ? -1.897  -6.261  -14.149 1.00 84.46  ? 10  G  A "C3'" 1 
ATOM   6   O  "O3'" . G  A 1 1  ? -0.513  -6.213  -13.827 1.00 84.20  ? 10  G  A "O3'" 1 
ATOM   7   C  "C2'" . G  A 1 1  ? -2.205  -5.646  -15.513 1.00 84.94  ? 10  G  A "C2'" 1 
ATOM   8   O  "O2'" . G  A 1 1  ? -1.274  -6.037  -16.512 1.00 85.48  ? 10  G  A "O2'" 1 
ATOM   9   C  "C1'" . G  A 1 1  ? -3.561  -6.283  -15.822 1.00 84.91  ? 10  G  A "C1'" 1 
ATOM   10  N  N9    . G  A 1 1  ? -4.721  -5.533  -15.314 1.00 84.86  ? 10  G  A N9    1 
ATOM   11  C  C8    . G  A 1 1  ? -5.432  -5.795  -14.165 1.00 84.75  ? 10  G  A C8    1 
ATOM   12  N  N7    . G  A 1 1  ? -6.419  -4.968  -13.961 1.00 85.02  ? 10  G  A N7    1 
ATOM   13  C  C5    . G  A 1 1  ? -6.370  -4.095  -15.040 1.00 84.13  ? 10  G  A C5    1 
ATOM   14  C  C6    . G  A 1 1  ? -7.194  -2.984  -15.359 1.00 83.34  ? 10  G  A C6    1 
ATOM   15  O  O6    . G  A 1 1  ? -8.160  -2.532  -14.736 1.00 82.01  ? 10  G  A O6    1 
ATOM   16  N  N1    . G  A 1 1  ? -6.803  -2.362  -16.541 1.00 83.97  ? 10  G  A N1    1 
ATOM   17  C  C2    . G  A 1 1  ? -5.746  -2.764  -17.324 1.00 84.34  ? 10  G  A C2    1 
ATOM   18  N  N2    . G  A 1 1  ? -5.523  -2.038  -18.429 1.00 83.77  ? 10  G  A N2    1 
ATOM   19  N  N3    . G  A 1 1  ? -4.969  -3.809  -17.038 1.00 84.81  ? 10  G  A N3    1 
ATOM   20  C  C4    . G  A 1 1  ? -5.329  -4.428  -15.883 1.00 84.52  ? 10  G  A C4    1 
ATOM   21  P  P     . G  A 1 2  ? -3.284  -8.193  -10.574 1.00 82.58  ? 11  G  A P     1 
ATOM   22  O  OP1   . G  A 1 2  ? -2.327  -9.251  -10.175 1.00 83.63  ? 11  G  A OP1   1 
ATOM   23  O  OP2   . G  A 1 2  ? -3.192  -6.848  -9.960  1.00 81.12  ? 11  G  A OP2   1 
ATOM   24  O  "O5'" . G  A 1 2  ? -4.770  -8.735  -10.330 1.00 80.04  ? 11  G  A "O5'" 1 
ATOM   25  C  "C5'" . G  A 1 2  ? -5.694  -8.818  -11.412 1.00 79.34  ? 11  G  A "C5'" 1 
ATOM   26  C  "C4'" . G  A 1 2  ? -6.563  -10.306 -11.669 1.00 78.77  ? 11  G  A "C4'" 1 
ATOM   27  O  "O4'" . G  A 1 2  ? -5.484  -11.158 -12.114 1.00 79.31  ? 11  G  A "O4'" 1 
ATOM   28  C  "C3'" . G  A 1 2  ? -7.006  -10.962 -10.386 1.00 78.69  ? 11  G  A "C3'" 1 
ATOM   29  O  "O3'" . G  A 1 2  ? -8.235  -10.449 -9.968  1.00 79.47  ? 11  G  A "O3'" 1 
ATOM   30  C  "C2'" . G  A 1 2  ? -7.078  -12.392 -10.878 1.00 78.75  ? 11  G  A "C2'" 1 
ATOM   31  O  "O2'" . G  A 1 2  ? -8.175  -12.568 -11.740 1.00 77.52  ? 11  G  A "O2'" 1 
ATOM   32  C  "C1'" . G  A 1 2  ? -5.733  -12.474 -11.624 1.00 79.43  ? 11  G  A "C1'" 1 
ATOM   33  N  N9    . G  A 1 2  ? -4.577  -12.985 -10.823 1.00 79.52  ? 11  G  A N9    1 
ATOM   34  C  C8    . G  A 1 2  ? -3.310  -12.427 -10.613 1.00 79.24  ? 11  G  A C8    1 
ATOM   35  N  N7    . G  A 1 2  ? -2.502  -13.113 -9.843  1.00 77.47  ? 11  G  A N7    1 
ATOM   36  C  C5    . G  A 1 2  ? -3.300  -14.217 -9.517  1.00 78.52  ? 11  G  A C5    1 
ATOM   37  C  C6    . G  A 1 2  ? -3.019  -15.346 -8.703  1.00 78.22  ? 11  G  A C6    1 
ATOM   38  O  O6    . G  A 1 2  ? -1.966  -15.595 -8.100  1.00 78.27  ? 11  G  A O6    1 
ATOM   39  N  N1    . G  A 1 2  ? -4.101  -16.233 -8.618  1.00 77.16  ? 11  G  A N1    1 
ATOM   40  C  C2    . G  A 1 2  ? -5.317  -16.063 -9.238  1.00 76.41  ? 11  G  A C2    1 
ATOM   41  N  N2    . G  A 1 2  ? -6.243  -17.011 -9.048  1.00 75.14  ? 11  G  A N2    1 
ATOM   42  N  N3    . G  A 1 2  ? -5.599  -15.025 -10.002 1.00 76.53  ? 11  G  A N3    1 
ATOM   43  C  C4    . G  A 1 2  ? -4.560  -14.155 -10.098 1.00 78.02  ? 11  G  A C4    1 
ATOM   44  P  P     . U  A 1 3  ? -8.249  -9.510  -8.656  1.00 82.36  ? 12  U  A P     1 
ATOM   45  O  OP1   . U  A 1 3  ? -9.231  -8.443  -8.939  1.00 83.71  ? 12  U  A OP1   1 
ATOM   46  O  OP2   . U  A 1 3  ? -6.880  -9.102  -8.227  1.00 80.39  ? 12  U  A OP2   1 
ATOM   47  O  "O5'" . U  A 1 3  ? -8.926  -10.457 -7.553  1.00 82.02  ? 12  U  A "O5'" 1 
ATOM   48  C  "C5'" . U  A 1 3  ? -10.176 -11.085 -7.884  1.00 82.04  ? 12  U  A "C5'" 1 
ATOM   49  C  "C4'" . U  A 1 3  ? -10.354 -12.434 -7.205  1.00 82.44  ? 12  U  A "C4'" 1 
ATOM   50  O  "O4'" . U  A 1 3  ? -9.525  -13.479 -7.800  1.00 82.47  ? 12  U  A "O4'" 1 
ATOM   51  C  "C3'" . U  A 1 3  ? -10.002 -12.478 -5.723  1.00 81.97  ? 12  U  A "C3'" 1 
ATOM   52  O  "O3'" . U  A 1 3  ? -11.073 -11.959 -5.000  1.00 83.02  ? 12  U  A "O3'" 1 
ATOM   53  C  "C2'" . U  A 1 3  ? -9.878  -13.983 -5.528  1.00 81.58  ? 12  U  A "C2'" 1 
ATOM   54  O  "O2'" . U  A 1 3  ? -11.131 -14.652 -5.586  1.00 80.78  ? 12  U  A "O2'" 1 
ATOM   55  C  "C1'" . U  A 1 3  ? -9.034  -14.317 -6.754  1.00 81.34  ? 12  U  A "C1'" 1 
ATOM   56  N  N1    . U  A 1 3  ? -7.526  -14.155 -6.555  1.00 79.65  ? 12  U  A N1    1 
ATOM   57  C  C2    . U  A 1 3  ? -6.804  -15.156 -5.930  1.00 78.76  ? 12  U  A C2    1 
ATOM   58  O  O2    . U  A 1 3  ? -7.307  -16.185 -5.506  1.00 78.99  ? 12  U  A O2    1 
ATOM   59  N  N3    . U  A 1 3  ? -5.454  -14.913 -5.816  1.00 77.56  ? 12  U  A N3    1 
ATOM   60  C  C4    . U  A 1 3  ? -4.752  -13.806 -6.249  1.00 77.05  ? 12  U  A C4    1 
ATOM   61  O  O4    . U  A 1 3  ? -3.540  -13.722 -6.079  1.00 76.22  ? 12  U  A O4    1 
ATOM   62  C  C5    . U  A 1 3  ? -5.566  -12.812 -6.885  1.00 77.88  ? 12  U  A C5    1 
ATOM   63  C  C6    . U  A 1 3  ? -6.881  -13.021 -7.009  1.00 78.66  ? 12  U  A C6    1 
ATOM   64  P  P     . G  A 1 4  ? -10.867 -11.321 -3.555  1.00 85.05  ? 13  G  A P     1 
ATOM   65  O  OP1   . G  A 1 4  ? -12.225 -10.865 -3.169  1.00 85.51  ? 13  G  A OP1   1 
ATOM   66  O  OP2   . G  A 1 4  ? -9.683  -10.407 -3.517  1.00 82.76  ? 13  G  A OP2   1 
ATOM   67  O  "O5'" . G  A 1 4  ? -10.524 -12.594 -2.644  1.00 85.68  ? 13  G  A "O5'" 1 
ATOM   68  C  "C5'" . G  A 1 4  ? -11.485 -13.621 -2.342  1.00 84.74  ? 13  G  A "C5'" 1 
ATOM   69  C  "C4'" . G  A 1 4  ? -10.817 -14.671 -1.467  1.00 84.57  ? 13  G  A "C4'" 1 
ATOM   70  O  "O4'" . G  A 1 4  ? -9.815  -15.409 -2.228  1.00 84.04  ? 13  G  A "O4'" 1 
ATOM   71  C  "C3'" . G  A 1 4  ? -10.021 -14.137 -0.276  1.00 84.54  ? 13  G  A "C3'" 1 
ATOM   72  O  "O3'" . G  A 1 4  ? -10.852 -13.743 0.815   1.00 85.07  ? 13  G  A "O3'" 1 
ATOM   73  C  "C2'" . G  A 1 4  ? -9.180  -15.375 0.024   1.00 84.32  ? 13  G  A "C2'" 1 
ATOM   74  O  "O2'" . G  A 1 4  ? -9.940  -16.432 0.592   1.00 84.81  ? 13  G  A "O2'" 1 
ATOM   75  C  "C1'" . G  A 1 4  ? -8.711  -15.728 -1.388  1.00 83.48  ? 13  G  A "C1'" 1 
ATOM   76  N  N9    . G  A 1 4  ? -7.471  -15.020 -1.766  1.00 82.30  ? 13  G  A N9    1 
ATOM   77  C  C8    . G  A 1 4  ? -7.342  -13.806 -2.406  1.00 81.45  ? 13  G  A C8    1 
ATOM   78  N  N7    . G  A 1 4  ? -6.104  -13.430 -2.594  1.00 81.18  ? 13  G  A N7    1 
ATOM   79  C  C5    . G  A 1 4  ? -5.346  -14.457 -2.043  1.00 81.72  ? 13  G  A C5    1 
ATOM   80  C  C6    . G  A 1 4  ? -3.933  -14.628 -1.938  1.00 81.44  ? 13  G  A C6    1 
ATOM   81  O  O6    . G  A 1 4  ? -3.034  -13.878 -2.320  1.00 81.37  ? 13  G  A O6    1 
ATOM   82  N  N1    . G  A 1 4  ? -3.567  -15.808 -1.294  1.00 81.26  ? 13  G  A N1    1 
ATOM   83  C  C2    . G  A 1 4  ? -4.460  -16.727 -0.808  1.00 81.31  ? 13  G  A C2    1 
ATOM   84  N  N2    . G  A 1 4  ? -3.929  -17.809 -0.217  1.00 81.22  ? 13  G  A N2    1 
ATOM   85  N  N3    . G  A 1 4  ? -5.785  -16.593 -0.903  1.00 81.75  ? 13  G  A N3    1 
ATOM   86  C  C4    . G  A 1 4  ? -6.170  -15.440 -1.525  1.00 82.10  ? 13  G  A C4    1 
ATOM   87  P  P     . G  A 1 5  ? -10.224 -12.969 2.079   1.00 87.20  ? 14  G  A P     1 
ATOM   88  O  OP1   . G  A 1 5  ? -11.332 -12.563 2.973   1.00 87.78  ? 14  G  A OP1   1 
ATOM   89  O  OP2   . G  A 1 5  ? -9.256  -11.911 1.653   1.00 86.00  ? 14  G  A OP2   1 
ATOM   90  O  "O5'" . G  A 1 5  ? -9.419  -14.144 2.820   1.00 85.57  ? 14  G  A "O5'" 1 
ATOM   91  C  "C5'" . G  A 1 5  ? -8.104  -13.838 3.265   1.00 83.44  ? 14  G  A "C5'" 1 
ATOM   92  C  "C4'" . G  A 1 5  ? -7.284  -15.057 3.633   1.00 81.03  ? 14  G  A "C4'" 1 
ATOM   93  O  "O4'" . G  A 1 5  ? -6.700  -15.698 2.461   1.00 80.90  ? 14  G  A "O4'" 1 
ATOM   94  C  "C3'" . G  A 1 5  ? -6.100  -14.640 4.483   1.00 79.19  ? 14  G  A "C3'" 1 
ATOM   95  O  "O3'" . G  A 1 5  ? -6.513  -14.642 5.831   1.00 76.39  ? 14  G  A "O3'" 1 
ATOM   96  C  "C2'" . G  A 1 5  ? -5.067  -15.702 4.120   1.00 79.38  ? 14  G  A "C2'" 1 
ATOM   97  O  "O2'" . G  A 1 5  ? -5.366  -16.954 4.678   1.00 80.44  ? 14  G  A "O2'" 1 
ATOM   98  C  "C1'" . G  A 1 5  ? -5.286  -15.806 2.617   1.00 80.12  ? 14  G  A "C1'" 1 
ATOM   99  N  N9    . G  A 1 5  ? -4.562  -14.761 1.876   1.00 78.75  ? 14  G  A N9    1 
ATOM   100 C  C8    . G  A 1 5  ? -5.127  -13.717 1.203   1.00 78.33  ? 14  G  A C8    1 
ATOM   101 N  N7    . G  A 1 5  ? -4.254  -12.933 0.648   1.00 79.66  ? 14  G  A N7    1 
ATOM   102 C  C5    . G  A 1 5  ? -3.024  -13.481 0.972   1.00 78.99  ? 14  G  A C5    1 
ATOM   103 C  C6    . G  A 1 5  ? -1.709  -13.045 0.635   1.00 78.97  ? 14  G  A C6    1 
ATOM   104 O  O6    . G  A 1 5  ? -1.371  -12.060 -0.032  1.00 78.05  ? 14  G  A O6    1 
ATOM   105 N  N1    . G  A 1 5  ? -0.725  -13.880 1.168   1.00 78.61  ? 14  G  A N1    1 
ATOM   106 C  C2    . G  A 1 5  ? -0.989  -14.998 1.922   1.00 77.36  ? 14  G  A C2    1 
ATOM   107 N  N2    . G  A 1 5  ? 0.082   -15.678 2.334   1.00 75.71  ? 14  G  A N2    1 
ATOM   108 N  N3    . G  A 1 5  ? -2.215  -15.413 2.237   1.00 77.66  ? 14  G  A N3    1 
ATOM   109 C  C4    . G  A 1 5  ? -3.194  -14.613 1.733   1.00 78.38  ? 14  G  A C4    1 
ATOM   110 P  P     . U  A 1 6  ? -5.621  -13.956 6.953   1.00 75.39  ? 15  U  A P     1 
ATOM   111 O  OP1   . U  A 1 6  ? -6.400  -13.974 8.196   1.00 76.37  ? 15  U  A OP1   1 
ATOM   112 O  OP2   . U  A 1 6  ? -5.072  -12.644 6.534   1.00 76.70  ? 15  U  A OP2   1 
ATOM   113 O  "O5'" . U  A 1 6  ? -4.406  -14.978 7.006   1.00 73.79  ? 15  U  A "O5'" 1 
ATOM   114 C  "C5'" . U  A 1 6  ? -3.524  -14.804 8.051   1.00 72.26  ? 15  U  A "C5'" 1 
ATOM   115 C  "C4'" . U  A 1 6  ? -2.182  -15.443 7.818   1.00 71.18  ? 15  U  A "C4'" 1 
ATOM   116 O  "O4'" . U  A 1 6  ? -1.912  -15.705 6.427   1.00 71.61  ? 15  U  A "O4'" 1 
ATOM   117 C  "C3'" . U  A 1 6  ? -1.104  -14.474 8.224   1.00 70.76  ? 15  U  A "C3'" 1 
ATOM   118 O  "O3'" . U  A 1 6  ? -0.899  -14.564 9.570   1.00 68.34  ? 15  U  A "O3'" 1 
ATOM   119 C  "C2'" . U  A 1 6  ? 0.091   -14.953 7.432   1.00 72.27  ? 15  U  A "C2'" 1 
ATOM   120 O  "O2'" . U  A 1 6  ? 0.701   -16.116 7.917   1.00 72.84  ? 15  U  A "O2'" 1 
ATOM   121 C  "C1'" . U  A 1 6  ? -0.599  -15.247 6.119   1.00 73.58  ? 15  U  A "C1'" 1 
ATOM   122 N  N1    . U  A 1 6  ? -0.604  -14.018 5.236   1.00 75.62  ? 15  U  A N1    1 
ATOM   123 C  C2    . U  A 1 6  ? 0.602   -13.432 4.840   1.00 75.95  ? 15  U  A C2    1 
ATOM   124 O  O2    . U  A 1 6  ? 1.713   -13.835 5.167   1.00 75.03  ? 15  U  A O2    1 
ATOM   125 N  N3    . U  A 1 6  ? 0.450   -12.327 4.032   1.00 76.75  ? 15  U  A N3    1 
ATOM   126 C  C4    . U  A 1 6  ? -0.750  -11.780 3.596   1.00 77.69  ? 15  U  A C4    1 
ATOM   127 O  O4    . U  A 1 6  ? -0.748  -10.798 2.879   1.00 79.52  ? 15  U  A O4    1 
ATOM   128 C  C5    . U  A 1 6  ? -1.949  -12.434 4.042   1.00 77.66  ? 15  U  A C5    1 
ATOM   129 C  C6    . U  A 1 6  ? -1.828  -13.505 4.831   1.00 77.05  ? 15  U  A C6    1 
ATOM   130 P  P     . C  A 1 7  ? -1.419  -13.401 10.507  1.00 67.60  ? 16  C  A P     1 
ATOM   131 O  OP1   . C  A 1 7  ? -1.529  -13.958 11.871  1.00 72.22  ? 16  C  A OP1   1 
ATOM   132 O  OP2   . C  A 1 7  ? -2.643  -12.791 9.967   1.00 68.31  ? 16  C  A OP2   1 
ATOM   133 O  "O5'" . C  A 1 7  ? -0.112  -12.505 10.479  1.00 67.94  ? 16  C  A "O5'" 1 
ATOM   134 C  "C5'" . C  A 1 7  ? 1.037   -13.127 11.023  1.00 69.58  ? 16  C  A "C5'" 1 
ATOM   135 C  "C4'" . C  A 1 7  ? 2.319   -12.836 10.284  1.00 71.91  ? 16  C  A "C4'" 1 
ATOM   136 O  "O4'" . C  A 1 7  ? 2.158   -13.061 8.866   1.00 73.21  ? 16  C  A "O4'" 1 
ATOM   137 C  "C3'" . C  A 1 7  ? 2.765   -11.385 10.330  1.00 71.99  ? 16  C  A "C3'" 1 
ATOM   138 O  "O3'" . C  A 1 7  ? 3.368   -11.081 11.553  1.00 71.72  ? 16  C  A "O3'" 1 
ATOM   139 C  "C2'" . C  A 1 7  ? 3.736   -11.337 9.166   1.00 71.94  ? 16  C  A "C2'" 1 
ATOM   140 O  "O2'" . C  A 1 7  ? 4.929   -12.062 9.373   1.00 70.84  ? 16  C  A "O2'" 1 
ATOM   141 C  "C1'" . C  A 1 7  ? 2.877   -12.063 8.151   1.00 72.89  ? 16  C  A "C1'" 1 
ATOM   142 N  N1    . C  A 1 7  ? 1.908   -11.208 7.371   1.00 74.61  ? 16  C  A N1    1 
ATOM   143 C  C2    . C  A 1 7  ? 2.361   -10.227 6.456   1.00 75.16  ? 16  C  A C2    1 
ATOM   144 O  O2    . C  A 1 7  ? 3.586   -10.032 6.313   1.00 74.67  ? 16  C  A O2    1 
ATOM   145 N  N3    . C  A 1 7  ? 1.415   -9.513  5.758   1.00 75.11  ? 16  C  A N3    1 
ATOM   146 C  C4    . C  A 1 7  ? 0.103   -9.736  5.941   1.00 74.61  ? 16  C  A C4    1 
ATOM   147 N  N4    . C  A 1 7  ? -0.792  -9.024  5.254   1.00 73.25  ? 16  C  A N4    1 
ATOM   148 C  C5    . C  A 1 7  ? -0.363  -10.724 6.858   1.00 75.38  ? 16  C  A C5    1 
ATOM   149 C  C6    . C  A 1 7  ? 0.561   -11.418 7.532   1.00 74.93  ? 16  C  A C6    1 
ATOM   150 P  P     . U  A 1 8  ? 2.885   -9.738  12.250  1.00 71.54  ? 17  U  A P     1 
ATOM   151 O  OP1   . U  A 1 8  ? 3.475   -9.684  13.611  1.00 71.73  ? 17  U  A OP1   1 
ATOM   152 O  OP2   . U  A 1 8  ? 1.434   -9.513  11.993  1.00 68.59  ? 17  U  A OP2   1 
ATOM   153 O  "O5'" . U  A 1 8  ? 3.711   -8.672  11.413  1.00 73.92  ? 17  U  A "O5'" 1 
ATOM   154 C  "C5'" . U  A 1 8  ? 5.131   -8.685  11.313  1.00 75.28  ? 17  U  A "C5'" 1 
ATOM   155 C  "C4'" . U  A 1 8  ? 5.503   -7.792  10.131  1.00 77.00  ? 17  U  A "C4'" 1 
ATOM   156 O  "O4'" . U  A 1 8  ? 4.904   -8.237  8.864   1.00 77.35  ? 17  U  A "O4'" 1 
ATOM   157 C  "C3'" . U  A 1 8  ? 5.118   -6.320  10.216  1.00 76.26  ? 17  U  A "C3'" 1 
ATOM   158 O  "O3'" . U  A 1 8  ? 5.994   -5.652  11.120  1.00 76.59  ? 17  U  A "O3'" 1 
ATOM   159 C  "C2'" . U  A 1 8  ? 5.490   -6.035  8.778   1.00 76.98  ? 17  U  A "C2'" 1 
ATOM   160 O  "O2'" . U  A 1 8  ? 6.874   -6.289  8.643   1.00 77.28  ? 17  U  A "O2'" 1 
ATOM   161 C  "C1'" . U  A 1 8  ? 4.744   -7.132  8.021   1.00 76.95  ? 17  U  A "C1'" 1 
ATOM   162 N  N1    . U  A 1 8  ? 3.283   -6.856  7.768   1.00 77.71  ? 17  U  A N1    1 
ATOM   163 C  C2    . U  A 1 8  ? 2.914   -6.107  6.652   1.00 78.55  ? 17  U  A C2    1 
ATOM   164 O  O2    . U  A 1 8  ? 3.709   -5.663  5.843   1.00 78.79  ? 17  U  A O2    1 
ATOM   165 N  N3    . U  A 1 8  ? 1.559   -5.884  6.503   1.00 78.10  ? 17  U  A N3    1 
ATOM   166 C  C4    . U  A 1 8  ? 0.551   -6.324  7.343   1.00 77.52  ? 17  U  A C4    1 
ATOM   167 O  O4    . U  A 1 8  ? -0.616  -6.051  7.091   1.00 77.90  ? 17  U  A O4    1 
ATOM   168 C  C5    . U  A 1 8  ? 1.004   -7.091  8.475   1.00 77.13  ? 17  U  A C5    1 
ATOM   169 C  C6    . U  A 1 8  ? 2.314   -7.319  8.642   1.00 77.02  ? 17  U  A C6    1 
ATOM   170 P  P     . G  A 1 9  ? 5.487   -4.641  12.264  1.00 77.24  ? 18  G  A P     1 
ATOM   171 O  OP1   . G  A 1 9  ? 6.545   -4.446  13.277  1.00 77.08  ? 18  G  A OP1   1 
ATOM   172 O  OP2   . G  A 1 9  ? 4.060   -4.811  12.622  1.00 76.57  ? 18  G  A OP2   1 
ATOM   173 O  "O5'" . G  A 1 9  ? 5.256   -3.279  11.437  1.00 78.74  ? 18  G  A "O5'" 1 
ATOM   174 C  "C5'" . G  A 1 9  ? 4.323   -2.272  11.800  1.00 77.27  ? 18  G  A "C5'" 1 
ATOM   175 C  "C4'" . G  A 1 9  ? 4.431   -1.106  10.821  1.00 75.05  ? 18  G  A "C4'" 1 
ATOM   176 O  "O4'" . G  A 1 9  ? 5.778   -0.706  10.711  1.00 74.89  ? 18  G  A "O4'" 1 
ATOM   177 C  "C3'" . G  A 1 9  ? 4.052   -1.504  9.416   1.00 73.90  ? 18  G  A "C3'" 1 
ATOM   178 O  "O3'" . G  A 1 9  ? 2.685   -1.324  9.152   1.00 71.79  ? 18  G  A "O3'" 1 
ATOM   179 C  "C2'" . G  A 1 9  ? 4.965   -0.703  8.512   1.00 74.32  ? 18  G  A "C2'" 1 
ATOM   180 O  "O2'" . G  A 1 9  ? 4.378   0.516   8.118   1.00 73.82  ? 18  G  A "O2'" 1 
ATOM   181 C  "C1'" . G  A 1 9  ? 6.142   -0.386  9.393   1.00 74.10  ? 18  G  A "C1'" 1 
ATOM   182 N  N9    . G  A 1 9  ? 7.361   -1.122  9.015   1.00 74.32  ? 18  G  A N9    1 
ATOM   183 C  C8    . G  A 1 9  ? 8.046   -2.008  9.792   1.00 73.91  ? 18  G  A C8    1 
ATOM   184 N  N7    . G  A 1 9  ? 9.125   -2.442  9.108   1.00 74.39  ? 18  G  A N7    1 
ATOM   185 C  C5    . G  A 1 9  ? 9.149   -1.843  7.906   1.00 75.40  ? 18  G  A C5    1 
ATOM   186 C  C6    . G  A 1 9  ? 10.019  -1.920  6.820   1.00 75.86  ? 18  G  A C6    1 
ATOM   187 O  O6    . G  A 1 9  ? 11.008  -2.655  6.857   1.00 76.22  ? 18  G  A O6    1 
ATOM   188 N  N1    . G  A 1 9  ? 9.752   -1.165  5.689   1.00 75.08  ? 18  G  A N1    1 
ATOM   189 C  C2    . G  A 1 9  ? 8.665   -0.347  5.638   1.00 74.42  ? 18  G  A C2    1 
ATOM   190 N  N3    . G  A 1 9  ? 7.813   -0.267  6.690   1.00 74.60  ? 18  G  A N3    1 
ATOM   191 C  C4    . G  A 1 9  ? 8.042   -1.001  7.825   1.00 75.51  ? 18  G  A C4    1 
ATOM   192 P  P     . A  A 1 10 ? 2.062   -2.451  8.218   1.00 70.24  ? 19  A  A P     1 
ATOM   193 O  OP1   . A  A 1 10 ? 0.605   -2.215  8.146   1.00 70.26  ? 19  A  A OP1   1 
ATOM   194 O  OP2   . A  A 1 10 ? 2.640   -3.736  8.644   1.00 70.92  ? 19  A  A OP2   1 
ATOM   195 O  "O5'" . A  A 1 10 ? 2.740   -2.257  6.775   1.00 72.90  ? 19  A  A "O5'" 1 
ATOM   196 C  "C5'" . A  A 1 10 ? 2.623   -1.117  5.878   1.00 71.25  ? 19  A  A "C5'" 1 
ATOM   197 C  "C4'" . A  A 1 10 ? 3.521   -1.302  4.668   1.00 69.57  ? 19  A  A "C4'" 1 
ATOM   198 O  "O4'" . A  A 1 10 ? 4.886   -1.401  5.108   1.00 68.55  ? 19  A  A "O4'" 1 
ATOM   199 C  "C3'" . A  A 1 10 ? 3.311   -2.624  3.974   1.00 70.28  ? 19  A  A "C3'" 1 
ATOM   200 O  "O3'" . A  A 1 10 ? 2.325   -2.516  2.969   1.00 71.94  ? 19  A  A "O3'" 1 
ATOM   201 C  "C2'" . A  A 1 10 ? 4.674   -2.959  3.380   1.00 70.40  ? 19  A  A "C2'" 1 
ATOM   202 O  "O2'" . A  A 1 10 ? 4.781   -2.639  2.019   1.00 74.51  ? 19  A  A "O2'" 1 
ATOM   203 C  "C1'" . A  A 1 10 ? 5.642   -2.112  4.158   1.00 69.40  ? 19  A  A "C1'" 1 
ATOM   204 N  N9    . A  A 1 10 ? 6.583   -2.970  4.845   1.00 71.01  ? 19  A  A N9    1 
ATOM   205 C  C8    . A  A 1 10 ? 6.380   -3.638  6.027   1.00 72.08  ? 19  A  A C8    1 
ATOM   206 N  N7    . A  A 1 10 ? 7.401   -4.362  6.415   1.00 71.84  ? 19  A  A N7    1 
ATOM   207 C  C5    . A  A 1 10 ? 8.341   -4.171  5.420   1.00 72.48  ? 19  A  A C5    1 
ATOM   208 C  C6    . A  A 1 10 ? 9.655   -4.665  5.232   1.00 72.68  ? 19  A  A C6    1 
ATOM   209 N  N6    . A  A 1 10 ? 10.257  -5.482  6.090   1.00 72.79  ? 19  A  A N6    1 
ATOM   210 N  N1    . A  A 1 10 ? 10.343  -4.279  4.135   1.00 72.34  ? 19  A  A N1    1 
ATOM   211 C  C2    . A  A 1 10 ? 9.717   -3.460  3.283   1.00 72.30  ? 19  A  A C2    1 
ATOM   212 N  N3    . A  A 1 10 ? 8.489   -2.931  3.348   1.00 71.65  ? 19  A  A N3    1 
ATOM   213 C  C4    . A  A 1 10 ? 7.844   -3.322  4.445   1.00 71.82  ? 19  A  A C4    1 
ATOM   214 P  P     . U  A 1 11 ? 1.290   -3.716  2.759   1.00 71.48  ? 20  U  A P     1 
ATOM   215 O  OP1   . U  A 1 11 ? 1.949   -4.909  3.337   1.00 72.70  ? 20  U  A OP1   1 
ATOM   216 O  OP2   . U  A 1 11 ? 0.708   -3.790  1.392   1.00 69.29  ? 20  U  A OP2   1 
ATOM   217 O  "O5'" . U  A 1 11 ? 0.165   -3.146  3.728   1.00 71.78  ? 20  U  A "O5'" 1 
ATOM   218 C  "C5'" . U  A 1 11 ? -1.086  -2.875  3.154   1.00 72.46  ? 20  U  A "C5'" 1 
ATOM   219 C  "C4'" . U  A 1 11 ? -1.609  -1.518  3.557   1.00 73.49  ? 20  U  A "C4'" 1 
ATOM   220 O  "O4'" . U  A 1 11 ? -0.542  -0.547  3.627   1.00 74.37  ? 20  U  A "O4'" 1 
ATOM   221 C  "C3'" . U  A 1 11 ? -2.504  -0.999  2.470   1.00 74.43  ? 20  U  A "C3'" 1 
ATOM   222 O  "O3'" . U  A 1 11 ? -3.801  -1.466  2.678   1.00 75.07  ? 20  U  A "O3'" 1 
ATOM   223 C  "C2'" . U  A 1 11 ? -2.349  0.517   2.524   1.00 73.98  ? 20  U  A "C2'" 1 
ATOM   224 O  "O2'" . U  A 1 11 ? -3.174  1.131   3.482   1.00 74.82  ? 20  U  A "O2'" 1 
ATOM   225 C  "C1'" . U  A 1 11 ? -0.881  0.632   2.909   1.00 73.11  ? 20  U  A "C1'" 1 
ATOM   226 N  N1    . U  A 1 11 ? 0.041   0.797   1.745   1.00 72.28  ? 20  U  A N1    1 
ATOM   227 C  C2    . U  A 1 11 ? -0.126  1.873   0.895   1.00 73.02  ? 20  U  A C2    1 
ATOM   228 O  O2    . U  A 1 11 ? -1.003  2.699   1.047   1.00 73.87  ? 20  U  A O2    1 
ATOM   229 N  N3    . U  A 1 11 ? 0.776   1.957   -0.144  1.00 72.99  ? 20  U  A N3    1 
ATOM   230 C  C4    . U  A 1 11 ? 1.812   1.078   -0.411  1.00 73.04  ? 20  U  A C4    1 
ATOM   231 O  O4    . U  A 1 11 ? 2.539   1.263   -1.381  1.00 72.35  ? 20  U  A O4    1 
ATOM   232 C  C5    . U  A 1 11 ? 1.933   -0.019  0.524   1.00 72.96  ? 20  U  A C5    1 
ATOM   233 C  C6    . U  A 1 11 ? 1.064   -0.111  1.540   1.00 72.02  ? 20  U  A C6    1 
ATOM   234 P  P     . G  A 1 12 ? -4.335  -2.441  1.528   1.00 76.61  ? 21  G  A P     1 
ATOM   235 O  OP1   . G  A 1 12 ? -4.978  -3.617  2.172   1.00 77.94  ? 21  G  A OP1   1 
ATOM   236 O  OP2   . G  A 1 12 ? -3.254  -2.658  0.531   1.00 74.72  ? 21  G  A OP2   1 
ATOM   237 O  "O5'" . G  A 1 12 ? -5.503  -1.562  0.894   1.00 77.67  ? 21  G  A "O5'" 1 
ATOM   238 C  "C5'" . G  A 1 12 ? -6.416  -0.842  1.747   1.00 79.46  ? 21  G  A "C5'" 1 
ATOM   239 C  "C4'" . G  A 1 12 ? -7.013  0.320   0.967   1.00 81.15  ? 21  G  A "C4'" 1 
ATOM   240 O  "O4'" . G  A 1 12 ? -5.948  1.256   0.654   1.00 82.00  ? 21  G  A "O4'" 1 
ATOM   241 C  "C3'" . G  A 1 12 ? -7.627  -0.055  -0.387  1.00 82.04  ? 21  G  A "C3'" 1 
ATOM   242 O  "O3'" . G  A 1 12 ? -8.709  0.825   -0.705  1.00 83.38  ? 21  G  A "O3'" 1 
ATOM   243 C  "C2'" . G  A 1 12 ? -6.459  0.097   -1.355  1.00 81.51  ? 21  G  A "C2'" 1 
ATOM   244 O  "O2'" . G  A 1 12 ? -6.867  0.344   -2.680  1.00 81.76  ? 21  G  A "O2'" 1 
ATOM   245 C  "C1'" . G  A 1 12 ? -5.790  1.337   -0.763  1.00 82.01  ? 21  G  A "C1'" 1 
ATOM   246 N  N9    . G  A 1 12 ? -4.373  1.499   -1.110  1.00 81.72  ? 21  G  A N9    1 
ATOM   247 C  C8    . G  A 1 12 ? -3.411  0.518   -1.268  1.00 81.29  ? 21  G  A C8    1 
ATOM   248 N  N7    . G  A 1 12 ? -2.231  0.982   -1.580  1.00 80.61  ? 21  G  A N7    1 
ATOM   249 C  C5    . G  A 1 12 ? -2.429  2.358   -1.639  1.00 80.05  ? 21  G  A C5    1 
ATOM   250 C  C6    . G  A 1 12 ? -1.516  3.388   -1.938  1.00 78.86  ? 21  G  A C6    1 
ATOM   251 O  O6    . G  A 1 12 ? -0.320  3.266   -2.213  1.00 78.28  ? 21  G  A O6    1 
ATOM   252 N  N1    . G  A 1 12 ? -2.109  4.647   -1.886  1.00 79.11  ? 21  G  A N1    1 
ATOM   253 C  C2    . G  A 1 12 ? -3.432  4.882   -1.583  1.00 80.00  ? 21  G  A C2    1 
ATOM   254 N  N2    . G  A 1 12 ? -3.842  6.165   -1.577  1.00 80.63  ? 21  G  A N2    1 
ATOM   255 N  N3    . G  A 1 12 ? -4.300  3.922   -1.302  1.00 79.91  ? 21  G  A N3    1 
ATOM   256 C  C4    . G  A 1 12 ? -3.732  2.694   -1.348  1.00 80.57  ? 21  G  A C4    1 
ATOM   257 P  P     . A  A 1 13 ? -10.013 0.258   -1.446  1.00 84.96  ? 22  A  A P     1 
ATOM   258 O  OP1   . A  A 1 13 ? -10.295 -1.103  -0.920  1.00 84.54  ? 22  A  A OP1   1 
ATOM   259 O  OP2   . A  A 1 13 ? -9.837  0.438   -2.915  1.00 85.18  ? 22  A  A OP2   1 
ATOM   260 O  "O5'" . A  A 1 13 ? -11.140 1.278   -0.936  1.00 83.69  ? 22  A  A "O5'" 1 
ATOM   261 C  "C5'" . A  A 1 13 ? -11.927 0.987   0.213   1.00 83.58  ? 22  A  A "C5'" 1 
ATOM   262 C  "C4'" . A  A 1 13 ? -12.774 2.192   0.553   1.00 84.12  ? 22  A  A "C4'" 1 
ATOM   263 O  "O4'" . A  A 1 13 ? -11.891 3.223   1.072   1.00 85.51  ? 22  A  A "O4'" 1 
ATOM   264 C  "C3'" . A  A 1 13 ? -13.453 2.845   -0.641  1.00 84.34  ? 22  A  A "C3'" 1 
ATOM   265 O  "O3'" . A  A 1 13 ? -14.706 2.239   -0.919  1.00 84.37  ? 22  A  A "O3'" 1 
ATOM   266 C  "C2'" . A  A 1 13 ? -13.560 4.302   -0.184  1.00 85.18  ? 22  A  A "C2'" 1 
ATOM   267 O  "O2'" . A  A 1 13 ? -14.622 4.551   0.719   1.00 85.57  ? 22  A  A "O2'" 1 
ATOM   268 C  "C1'" . A  A 1 13 ? -12.203 4.488   0.500   1.00 85.51  ? 22  A  A "C1'" 1 
ATOM   269 N  N9    . A  A 1 13 ? -11.170 4.885   -0.463  1.00 85.88  ? 22  A  A N9    1 
ATOM   270 C  C8    . A  A 1 13 ? -10.178 4.096   -0.986  1.00 86.01  ? 22  A  A C8    1 
ATOM   271 N  N7    . A  A 1 13 ? -9.403  4.706   -1.849  1.00 86.33  ? 22  A  A N7    1 
ATOM   272 C  C5    . A  A 1 13 ? -9.920  5.988   -1.911  1.00 86.33  ? 22  A  A C5    1 
ATOM   273 C  C6    . A  A 1 13 ? -9.543  7.133   -2.652  1.00 86.26  ? 22  A  A C6    1 
ATOM   274 N  N6    . A  A 1 13 ? -8.509  7.145   -3.505  1.00 85.70  ? 22  A  A N6    1 
ATOM   275 N  N1    . A  A 1 13 ? -10.273 8.268   -2.482  1.00 86.32  ? 22  A  A N1    1 
ATOM   276 C  C2    . A  A 1 13 ? -11.312 8.249   -1.629  1.00 86.45  ? 22  A  A C2    1 
ATOM   277 N  N3    . A  A 1 13 ? -11.758 7.229   -0.881  1.00 86.87  ? 22  A  A N3    1 
ATOM   278 C  C4    . A  A 1 13 ? -11.014 6.117   -1.064  1.00 86.34  ? 22  A  A C4    1 
ATOM   279 P  P     . G  A 1 14 ? -14.914 1.438   -2.303  1.00 85.78  ? 23  G  A P     1 
ATOM   280 O  OP1   . G  A 1 14 ? -16.239 0.770   -2.275  1.00 85.03  ? 23  G  A OP1   1 
ATOM   281 O  OP2   . G  A 1 14 ? -13.722 0.599   -2.593  1.00 85.32  ? 23  G  A OP2   1 
ATOM   282 O  "O5'" . G  A 1 14 ? -14.968 2.611   -3.401  1.00 84.98  ? 23  G  A "O5'" 1 
ATOM   283 C  "C5'" . G  A 1 14 ? -15.838 3.743   -3.273  1.00 84.34  ? 23  G  A "C5'" 1 
ATOM   284 C  "C4'" . G  A 1 14 ? -15.230 4.983   -3.914  1.00 84.31  ? 23  G  A "C4'" 1 
ATOM   285 O  "O4'" . G  A 1 14 ? -13.954 5.337   -3.291  1.00 84.79  ? 23  G  A "O4'" 1 
ATOM   286 C  "C3'" . G  A 1 14 ? -14.877 4.858   -5.392  1.00 84.02  ? 23  G  A "C3'" 1 
ATOM   287 O  "O3'" . G  A 1 14 ? -16.005 4.988   -6.227  1.00 84.45  ? 23  G  A "O3'" 1 
ATOM   288 C  "C2'" . G  A 1 14 ? -13.906 6.026   -5.523  1.00 84.37  ? 23  G  A "C2'" 1 
ATOM   289 O  "O2'" . G  A 1 14 ? -14.552 7.286   -5.492  1.00 84.07  ? 23  G  A "O2'" 1 
ATOM   290 C  "C1'" . G  A 1 14 ? -13.036 5.771   -4.286  1.00 84.76  ? 23  G  A "C1'" 1 
ATOM   291 N  N9    . G  A 1 14 ? -12.037 4.734   -4.595  1.00 85.57  ? 23  G  A N9    1 
ATOM   292 C  C8    . G  A 1 14 ? -12.073 3.383   -4.283  1.00 86.26  ? 23  G  A C8    1 
ATOM   293 N  N7    . G  A 1 14 ? -11.055 2.693   -4.725  1.00 86.15  ? 23  G  A N7    1 
ATOM   294 C  C5    . G  A 1 14 ? -10.287 3.648   -5.386  1.00 85.61  ? 23  G  A C5    1 
ATOM   295 C  C6    . G  A 1 14 ? -9.058  3.502   -6.074  1.00 84.97  ? 23  G  A C6    1 
ATOM   296 O  O6    . G  A 1 14 ? -8.397  2.469   -6.223  1.00 84.77  ? 23  G  A O6    1 
ATOM   297 N  N1    . G  A 1 14 ? -8.607  4.709   -6.611  1.00 84.51  ? 23  G  A N1    1 
ATOM   298 C  C2    . G  A 1 14 ? -9.275  5.911   -6.491  1.00 84.58  ? 23  G  A C2    1 
ATOM   299 N  N2    . G  A 1 14 ? -8.705  6.976   -7.069  1.00 84.46  ? 23  G  A N2    1 
ATOM   300 N  N3    . G  A 1 14 ? -10.428 6.067   -5.847  1.00 84.57  ? 23  G  A N3    1 
ATOM   301 C  C4    . G  A 1 14 ? -10.877 4.900   -5.322  1.00 85.25  ? 23  G  A C4    1 
ATOM   302 P  P     . G  A 1 15 ? -16.112 4.124   -7.583  1.00 85.68  ? 24  G  A P     1 
ATOM   303 O  OP1   . G  A 1 15 ? -17.490 4.305   -8.113  1.00 85.14  ? 24  G  A OP1   1 
ATOM   304 O  OP2   . G  A 1 15 ? -15.612 2.740   -7.352  1.00 84.42  ? 24  G  A OP2   1 
ATOM   305 O  "O5'" . G  A 1 15 ? -15.094 4.898   -8.560  1.00 84.37  ? 24  G  A "O5'" 1 
ATOM   306 C  "C5'" . G  A 1 15 ? -15.480 6.155   -9.126  1.00 82.97  ? 24  G  A "C5'" 1 
ATOM   307 C  "C4'" . G  A 1 15 ? -14.284 6.959   -9.596  1.00 82.09  ? 24  G  A "C4'" 1 
ATOM   308 O  "O4'" . G  A 1 15 ? -13.167 6.819   -8.672  1.00 82.26  ? 24  G  A "O4'" 1 
ATOM   309 C  "C3'" . G  A 1 15 ? -13.695 6.521   -10.926 1.00 81.18  ? 24  G  A "C3'" 1 
ATOM   310 O  "O3'" . G  A 1 15 ? -14.445 7.008   -12.031 1.00 79.30  ? 24  G  A "O3'" 1 
ATOM   311 C  "C2'" . G  A 1 15 ? -12.292 7.119   -10.825 1.00 81.78  ? 24  G  A "C2'" 1 
ATOM   312 O  "O2'" . G  A 1 15 ? -12.229 8.524   -10.973 1.00 81.79  ? 24  G  A "O2'" 1 
ATOM   313 C  "C1'" . G  A 1 15 ? -11.945 6.736   -9.392  1.00 81.93  ? 24  G  A "C1'" 1 
ATOM   314 N  N9    . G  A 1 15 ? -11.372 5.386   -9.301  1.00 82.04  ? 24  G  A N9    1 
ATOM   315 C  C8    . G  A 1 15 ? -11.927 4.268   -8.710  1.00 81.99  ? 24  G  A C8    1 
ATOM   316 N  N7    . G  A 1 15 ? -11.173 3.205   -8.786  1.00 82.05  ? 24  G  A N7    1 
ATOM   317 C  C5    . G  A 1 15 ? -10.047 3.639   -9.480  1.00 82.02  ? 24  G  A C5    1 
ATOM   318 C  C6    . G  A 1 15 ? -8.880  2.931   -9.871  1.00 81.76  ? 24  G  A C6    1 
ATOM   319 O  O6    . G  A 1 15 ? -8.617  1.740   -9.674  1.00 81.50  ? 24  G  A O6    1 
ATOM   320 N  N1    . G  A 1 15 ? -7.972  3.740   -10.558 1.00 81.46  ? 24  G  A N1    1 
ATOM   321 C  C2    . G  A 1 15 ? -8.173  5.077   -10.831 1.00 81.14  ? 24  G  A C2    1 
ATOM   322 N  N2    . G  A 1 15 ? -7.200  5.707   -11.497 1.00 80.87  ? 24  G  A N2    1 
ATOM   323 N  N3    . G  A 1 15 ? -9.256  5.754   -10.469 1.00 81.32  ? 24  G  A N3    1 
ATOM   324 C  C4    . G  A 1 15 ? -10.153 4.977   -9.803  1.00 81.85  ? 24  G  A C4    1 
ATOM   325 P  P     . C  A 1 16 ? -14.588 6.081   -13.332 1.00 78.65  ? 25  C  A P     1 
ATOM   326 O  OP1   . C  A 1 16 ? -15.679 6.585   -14.197 1.00 78.49  ? 25  C  A OP1   1 
ATOM   327 O  OP2   . C  A 1 16 ? -14.647 4.669   -12.889 1.00 78.45  ? 25  C  A OP2   1 
ATOM   328 O  "O5'" . C  A 1 16 ? -13.200 6.340   -14.078 1.00 77.81  ? 25  C  A "O5'" 1 
ATOM   329 C  "C5'" . C  A 1 16 ? -12.737 7.660   -14.334 1.00 76.87  ? 25  C  A "C5'" 1 
ATOM   330 C  "C4'" . C  A 1 16 ? -11.325 7.593   -14.866 1.00 76.76  ? 25  C  A "C4'" 1 
ATOM   331 O  "O4'" . C  A 1 16 ? -10.465 7.033   -13.851 1.00 77.41  ? 25  C  A "O4'" 1 
ATOM   332 C  "C3'" . C  A 1 16 ? -11.143 6.634   -16.025 1.00 76.86  ? 25  C  A "C3'" 1 
ATOM   333 O  "O3'" . C  A 1 16 ? -11.528 7.243   -17.237 1.00 76.40  ? 25  C  A "O3'" 1 
ATOM   334 C  "C2'" . C  A 1 16 ? -9.646  6.340   -15.940 1.00 77.36  ? 25  C  A "C2'" 1 
ATOM   335 O  "O2'" . C  A 1 16 ? -8.808  7.375   -16.408 1.00 77.59  ? 25  C  A "O2'" 1 
ATOM   336 C  "C1'" . C  A 1 16 ? -9.473  6.199   -14.436 1.00 77.59  ? 25  C  A "C1'" 1 
ATOM   337 N  N1    . C  A 1 16 ? -9.581  4.771   -13.945 1.00 78.35  ? 25  C  A N1    1 
ATOM   338 C  C2    . C  A 1 16 ? -8.542  3.850   -14.190 1.00 78.91  ? 25  C  A C2    1 
ATOM   339 O  O2    . C  A 1 16 ? -7.531  4.198   -14.813 1.00 79.14  ? 25  C  A O2    1 
ATOM   340 N  N3    . C  A 1 16 ? -8.669  2.575   -13.730 1.00 79.51  ? 25  C  A N3    1 
ATOM   341 C  C4    . C  A 1 16 ? -9.765  2.198   -13.060 1.00 79.46  ? 25  C  A C4    1 
ATOM   342 N  N4    . C  A 1 16 ? -9.843  0.932   -12.634 1.00 79.09  ? 25  C  A N4    1 
ATOM   343 C  C5    . C  A 1 16 ? -10.830 3.114   -12.801 1.00 79.33  ? 25  C  A C5    1 
ATOM   344 C  C6    . C  A 1 16 ? -10.695 4.367   -13.253 1.00 78.67  ? 25  C  A C6    1 
ATOM   345 P  P     . C  A 1 17 ? -12.127 6.369   -18.431 1.00 76.76  ? 26  C  A P     1 
ATOM   346 O  OP1   . C  A 1 17 ? -12.524 7.323   -19.486 1.00 77.97  ? 26  C  A OP1   1 
ATOM   347 O  OP2   . C  A 1 17 ? -13.136 5.423   -17.921 1.00 75.90  ? 26  C  A OP2   1 
ATOM   348 O  "O5'" . C  A 1 17 ? -10.843 5.568   -18.937 1.00 77.51  ? 26  C  A "O5'" 1 
ATOM   349 C  "C5'" . C  A 1 17 ? -9.708  6.297   -19.420 1.00 78.80  ? 26  C  A "C5'" 1 
ATOM   350 C  "C4'" . C  A 1 17 ? -8.595  5.371   -19.868 1.00 79.73  ? 26  C  A "C4'" 1 
ATOM   351 O  "O4'" . C  A 1 17 ? -7.895  4.831   -18.708 1.00 80.06  ? 26  C  A "O4'" 1 
ATOM   352 C  "C3'" . C  A 1 17 ? -9.033  4.132   -20.650 1.00 80.42  ? 26  C  A "C3'" 1 
ATOM   353 O  "O3'" . C  A 1 17 ? -9.301  4.373   -22.018 1.00 78.85  ? 26  C  A "O3'" 1 
ATOM   354 C  "C2'" . C  A 1 17 ? -7.773  3.292   -20.484 1.00 81.85  ? 26  C  A "C2'" 1 
ATOM   355 O  "O2'" . C  A 1 17 ? -6.714  3.768   -21.297 1.00 84.61  ? 26  C  A "O2'" 1 
ATOM   356 C  "C1'" . C  A 1 17 ? -7.473  3.505   -19.002 1.00 80.96  ? 26  C  A "C1'" 1 
ATOM   357 N  N1    . C  A 1 17 ? -8.170  2.478   -18.135 1.00 80.90  ? 26  C  A N1    1 
ATOM   358 C  C2    . C  A 1 17 ? -7.589  1.214   -17.936 1.00 80.96  ? 26  C  A C2    1 
ATOM   359 O  O2    . C  A 1 17 ? -6.501  0.942   -18.456 1.00 81.46  ? 26  C  A O2    1 
ATOM   360 N  N3    . C  A 1 17 ? -8.234  0.310   -17.159 1.00 80.74  ? 26  C  A N3    1 
ATOM   361 C  C4    . C  A 1 17 ? -9.409  0.614   -16.603 1.00 80.80  ? 26  C  A C4    1 
ATOM   362 N  N4    . C  A 1 17 ? -10.010 -0.307  -15.840 1.00 81.12  ? 26  C  A N4    1 
ATOM   363 C  C5    . C  A 1 17 ? -10.027 1.882   -16.797 1.00 80.69  ? 26  C  A C5    1 
ATOM   364 C  C6    . C  A 1 17 ? -9.377  2.766   -17.558 1.00 80.73  ? 26  C  A C6    1 
ATOM   365 O  "O5'" . G  B 2 1  ? -0.415  -4.358  -12.055 1.00 83.55  ? 102 G  B "O5'" 1 
ATOM   366 C  "C5'" . G  B 2 1  ? -0.506  -2.941  -12.124 1.00 84.18  ? 102 G  B "C5'" 1 
ATOM   367 C  "C4'" . G  B 2 1  ? -0.048  -2.386  -13.472 1.00 84.80  ? 102 G  B "C4'" 1 
ATOM   368 O  "O4'" . G  B 2 1  ? -0.858  -2.895  -14.579 1.00 84.94  ? 102 G  B "O4'" 1 
ATOM   369 C  "C3'" . G  B 2 1  ? -0.146  -0.861  -13.539 1.00 84.98  ? 102 G  B "C3'" 1 
ATOM   370 O  "O3'" . G  B 2 1  ? 1.149   -0.264  -13.442 1.00 86.17  ? 102 G  B "O3'" 1 
ATOM   371 C  "C2'" . G  B 2 1  ? -0.860  -0.562  -14.863 1.00 84.63  ? 102 G  B "C2'" 1 
ATOM   372 O  "O2'" . G  B 2 1  ? 0.019   -0.247  -15.925 1.00 82.95  ? 102 G  B "O2'" 1 
ATOM   373 C  "C1'" . G  B 2 1  ? -1.676  -1.847  -15.099 1.00 85.10  ? 102 G  B "C1'" 1 
ATOM   374 N  N9    . G  B 2 1  ? -2.984  -1.812  -14.398 1.00 85.03  ? 102 G  B N9    1 
ATOM   375 C  C8    . G  B 2 1  ? -3.524  -2.767  -13.555 1.00 84.68  ? 102 G  B C8    1 
ATOM   376 N  N7    . G  B 2 1  ? -4.687  -2.451  -13.051 1.00 84.21  ? 102 G  B N7    1 
ATOM   377 C  C5    . G  B 2 1  ? -4.953  -1.200  -13.592 1.00 83.74  ? 102 G  B C5    1 
ATOM   378 C  C6    . G  B 2 1  ? -6.077  -0.351  -13.417 1.00 82.95  ? 102 G  B C6    1 
ATOM   379 O  O6    . G  B 2 1  ? -7.087  -0.546  -12.727 1.00 81.49  ? 102 G  B O6    1 
ATOM   380 N  N1    . G  B 2 1  ? -5.954  0.840   -14.145 1.00 83.15  ? 102 G  B N1    1 
ATOM   381 C  C2    . G  B 2 1  ? -4.878  1.169   -14.944 1.00 82.95  ? 102 G  B C2    1 
ATOM   382 N  N2    . G  B 2 1  ? -4.938  2.350   -15.567 1.00 82.55  ? 102 G  B N2    1 
ATOM   383 N  N3    . G  B 2 1  ? -3.820  0.384   -15.120 1.00 83.54  ? 102 G  B N3    1 
ATOM   384 C  C4    . G  B 2 1  ? -3.919  -0.787  -14.419 1.00 84.37  ? 102 G  B C4    1 
ATOM   385 P  P     . C  B 2 2  ? 1.560   0.510   -12.090 1.00 87.79  ? 103 C  B P     1 
ATOM   386 O  OP1   . C  B 2 2  ? 3.019   0.777   -12.140 1.00 88.14  ? 103 C  B OP1   1 
ATOM   387 O  OP2   . C  B 2 2  ? 0.971   -0.182  -10.906 1.00 86.26  ? 103 C  B OP2   1 
ATOM   388 O  "O5'" . C  B 2 2  ? 0.840   1.926   -12.299 1.00 86.83  ? 103 C  B "O5'" 1 
ATOM   389 C  "C5'" . C  B 2 2  ? 1.053   2.655   -13.507 1.00 84.80  ? 103 C  B "C5'" 1 
ATOM   390 C  "C4'" . C  B 2 2  ? -0.116  3.587   -13.753 1.00 84.11  ? 103 C  B "C4'" 1 
ATOM   391 O  "O4'" . C  B 2 2  ? -1.336  2.850   -14.030 1.00 83.42  ? 103 C  B "O4'" 1 
ATOM   392 C  "C3'" . C  B 2 2  ? -0.501  4.460   -12.572 1.00 83.74  ? 103 C  B "C3'" 1 
ATOM   393 O  "O3'" . C  B 2 2  ? 0.413   5.521   -12.470 1.00 85.09  ? 103 C  B "O3'" 1 
ATOM   394 C  "C2'" . C  B 2 2  ? -1.863  4.942   -13.043 1.00 83.21  ? 103 C  B "C2'" 1 
ATOM   395 O  "O2'" . C  B 2 2  ? -1.776  5.926   -14.057 1.00 83.56  ? 103 C  B "O2'" 1 
ATOM   396 C  "C1'" . C  B 2 2  ? -2.439  3.656   -13.635 1.00 82.84  ? 103 C  B "C1'" 1 
ATOM   397 N  N1    . C  B 2 2  ? -3.349  2.926   -12.678 1.00 82.11  ? 103 C  B N1    1 
ATOM   398 C  C2    . C  B 2 2  ? -4.607  3.472   -12.356 1.00 81.89  ? 103 C  B C2    1 
ATOM   399 O  O2    . C  B 2 2  ? -4.976  4.540   -12.853 1.00 81.94  ? 103 C  B O2    1 
ATOM   400 N  N3    . C  B 2 2  ? -5.413  2.812   -11.487 1.00 81.78  ? 103 C  B N3    1 
ATOM   401 C  C4    . C  B 2 2  ? -5.017  1.661   -10.947 1.00 80.72  ? 103 C  B C4    1 
ATOM   402 N  N4    . C  B 2 2  ? -5.865  1.075   -10.111 1.00 79.93  ? 103 C  B N4    1 
ATOM   403 C  C5    . C  B 2 2  ? -3.748  1.079   -11.249 1.00 80.95  ? 103 C  B C5    1 
ATOM   404 C  C6    . C  B 2 2  ? -2.957  1.742   -12.106 1.00 81.73  ? 103 C  B C6    1 
ATOM   405 P  P     . C  B 2 3  ? 0.837   6.124   -11.051 1.00 86.60  ? 104 C  B P     1 
ATOM   406 O  OP1   . C  B 2 3  ? 1.911   7.107   -11.339 1.00 87.05  ? 104 C  B OP1   1 
ATOM   407 O  OP2   . C  B 2 3  ? 1.108   5.014   -10.120 1.00 86.21  ? 104 C  B OP2   1 
ATOM   408 O  "O5'" . C  B 2 3  ? -0.476  6.896   -10.545 1.00 85.27  ? 104 C  B "O5'" 1 
ATOM   409 C  "C5'" . C  B 2 3  ? -0.856  8.103   -11.200 1.00 83.42  ? 104 C  B "C5'" 1 
ATOM   410 C  "C4'" . C  B 2 3  ? -2.262  8.504   -10.817 1.00 82.26  ? 104 C  B "C4'" 1 
ATOM   411 O  "O4'" . C  B 2 3  ? -3.153  7.388   -11.036 1.00 81.93  ? 104 C  B "O4'" 1 
ATOM   412 C  "C3'" . C  B 2 3  ? -2.469  8.786   -9.345  1.00 81.88  ? 104 C  B "C3'" 1 
ATOM   413 O  "O3'" . C  B 2 3  ? -1.991  10.066  -8.970  1.00 83.03  ? 104 C  B "O3'" 1 
ATOM   414 C  "C2'" . C  B 2 3  ? -3.984  8.679   -9.231  1.00 81.41  ? 104 C  B "C2'" 1 
ATOM   415 O  "O2'" . C  B 2 3  ? -4.676  9.843   -9.636  1.00 80.95  ? 104 C  B "O2'" 1 
ATOM   416 C  "C1'" . C  B 2 3  ? -4.281  7.531   -10.187 1.00 81.73  ? 104 C  B "C1'" 1 
ATOM   417 N  N1    . C  B 2 3  ? -4.551  6.257   -9.453  1.00 82.05  ? 104 C  B N1    1 
ATOM   418 C  C2    . C  B 2 3  ? -5.777  6.082   -8.783  1.00 82.13  ? 104 C  B C2    1 
ATOM   419 O  O2    . C  B 2 3  ? -6.632  6.973   -8.812  1.00 81.73  ? 104 C  B O2    1 
ATOM   420 N  N3    . C  B 2 3  ? -6.005  4.917   -8.121  1.00 82.71  ? 104 C  B N3    1 
ATOM   421 C  C4    . C  B 2 3  ? -5.069  3.964   -8.099  1.00 82.67  ? 104 C  B C4    1 
ATOM   422 N  N4    . C  B 2 3  ? -5.344  2.847   -7.426  1.00 82.81  ? 104 C  B N4    1 
ATOM   423 C  C5    . C  B 2 3  ? -3.812  4.119   -8.762  1.00 82.61  ? 104 C  B C5    1 
ATOM   424 C  C6    . C  B 2 3  ? -3.601  5.270   -9.419  1.00 82.42  ? 104 C  B C6    1 
ATOM   425 P  P     . G  B 2 4  ? -1.240  10.185  -7.558  1.00 85.15  ? 105 G  B P     1 
ATOM   426 O  OP1   . G  B 2 4  ? -0.763  11.577  -7.356  1.00 84.53  ? 105 G  B OP1   1 
ATOM   427 O  OP2   . G  B 2 4  ? -0.277  9.053   -7.504  1.00 85.50  ? 105 G  B OP2   1 
ATOM   428 O  "O5'" . G  B 2 4  ? -2.373  9.898   -6.462  1.00 83.61  ? 105 G  B "O5'" 1 
ATOM   429 C  "C5'" . G  B 2 4  ? -3.454  10.812  -6.313  1.00 82.33  ? 105 G  B "C5'" 1 
ATOM   430 C  "C4'" . G  B 2 4  ? -4.577  10.146  -5.553  1.00 81.47  ? 105 G  B "C4'" 1 
ATOM   431 O  "O4'" . G  B 2 4  ? -4.974  8.907   -6.194  1.00 81.56  ? 105 G  B "O4'" 1 
ATOM   432 C  "C3'" . G  B 2 4  ? -4.212  9.698   -4.156  1.00 80.99  ? 105 G  B "C3'" 1 
ATOM   433 O  "O3'" . G  B 2 4  ? -4.200  10.834  -3.323  1.00 82.54  ? 105 G  B "O3'" 1 
ATOM   434 C  "C2'" . G  B 2 4  ? -5.394  8.775   -3.913  1.00 80.79  ? 105 G  B "C2'" 1 
ATOM   435 O  "O2'" . G  B 2 4  ? -6.610  9.488   -3.799  1.00 79.81  ? 105 G  B "O2'" 1 
ATOM   436 C  "C1'" . G  B 2 4  ? -5.407  7.976   -5.215  1.00 81.34  ? 105 G  B "C1'" 1 
ATOM   437 N  N9    . G  B 2 4  ? -4.572  6.752   -5.233  1.00 81.79  ? 105 G  B N9    1 
ATOM   438 C  C8    . G  B 2 4  ? -3.272  6.634   -5.687  1.00 81.84  ? 105 G  B C8    1 
ATOM   439 N  N7    . G  B 2 4  ? -2.773  5.430   -5.589  1.00 81.40  ? 105 G  B N7    1 
ATOM   440 C  C5    . G  B 2 4  ? -3.798  4.683   -5.029  1.00 80.98  ? 105 G  B C5    1 
ATOM   441 C  C6    . G  B 2 4  ? -3.832  3.307   -4.686  1.00 80.90  ? 105 G  B C6    1 
ATOM   442 O  O6    . G  B 2 4  ? -2.949  2.450   -4.812  1.00 80.51  ? 105 G  B O6    1 
ATOM   443 N  N1    . G  B 2 4  ? -5.057  2.937   -4.145  1.00 81.23  ? 105 G  B N1    1 
ATOM   444 C  C2    . G  B 2 4  ? -6.118  3.795   -3.959  1.00 81.73  ? 105 G  B C2    1 
ATOM   445 N  N2    . G  B 2 4  ? -7.220  3.248   -3.419  1.00 82.39  ? 105 G  B N2    1 
ATOM   446 N  N3    . G  B 2 4  ? -6.100  5.090   -4.277  1.00 81.07  ? 105 G  B N3    1 
ATOM   447 C  C4    . G  B 2 4  ? -4.912  5.473   -4.807  1.00 81.08  ? 105 G  B C4    1 
ATOM   448 P  P     . A  B 2 5  ? -3.967  10.716  -1.745  1.00 84.91  ? 106 A  B P     1 
ATOM   449 O  OP1   . A  B 2 5  ? -3.145  11.859  -1.279  1.00 84.00  ? 106 A  B OP1   1 
ATOM   450 O  OP2   . A  B 2 5  ? -3.499  9.332   -1.483  1.00 86.09  ? 106 A  B OP2   1 
ATOM   451 O  "O5'" . A  B 2 5  ? -5.445  10.838  -1.131  1.00 84.35  ? 106 A  B "O5'" 1 
ATOM   452 C  "C5'" . A  B 2 5  ? -6.131  12.089  -1.100  1.00 84.71  ? 106 A  B "C5'" 1 
ATOM   453 C  "C4'" . A  B 2 5  ? -7.408  11.995  -0.288  1.00 85.32  ? 106 A  B "C4'" 1 
ATOM   454 O  "O4'" . A  B 2 5  ? -8.301  11.024  -0.897  1.00 85.14  ? 106 A  B "O4'" 1 
ATOM   455 C  "C3'" . A  B 2 5  ? -7.208  11.480  1.133   1.00 86.13  ? 106 A  B "C3'" 1 
ATOM   456 O  "O3'" . A  B 2 5  ? -6.929  12.523  2.046   1.00 86.65  ? 106 A  B "O3'" 1 
ATOM   457 C  "C2'" . A  B 2 5  ? -8.553  10.842  1.441   1.00 86.32  ? 106 A  B "C2'" 1 
ATOM   458 O  "O2'" . A  B 2 5  ? -9.514  11.819  1.815   1.00 86.90  ? 106 A  B "O2'" 1 
ATOM   459 C  "C1'" . A  B 2 5  ? -8.848  10.167  0.097   1.00 85.89  ? 106 A  B "C1'" 1 
ATOM   460 N  N9    . A  B 2 5  ? -8.214  8.842   0.006   1.00 86.37  ? 106 A  B N9    1 
ATOM   461 C  C8    . A  B 2 5  ? -7.169  8.468   -0.801  1.00 86.37  ? 106 A  B C8    1 
ATOM   462 N  N7    . A  B 2 5  ? -6.784  7.219   -0.670  1.00 86.16  ? 106 A  B N7    1 
ATOM   463 C  C5    . A  B 2 5  ? -7.629  6.728   0.308   1.00 86.56  ? 106 A  B C5    1 
ATOM   464 C  C6    . A  B 2 5  ? -7.736  5.458   0.915   1.00 86.66  ? 106 A  B C6    1 
ATOM   465 N  N6    . A  B 2 5  ? -6.951  4.424   0.597   1.00 86.53  ? 106 A  B N6    1 
ATOM   466 N  N1    . A  B 2 5  ? -8.686  5.289   1.864   1.00 87.14  ? 106 A  B N1    1 
ATOM   467 C  C2    . A  B 2 5  ? -9.475  6.329   2.181   1.00 87.41  ? 106 A  B C2    1 
ATOM   468 N  N3    . A  B 2 5  ? -9.467  7.573   1.687   1.00 87.23  ? 106 A  B N3    1 
ATOM   469 C  C4    . A  B 2 5  ? -8.514  7.711   0.741   1.00 86.74  ? 106 A  B C4    1 
ATOM   470 P  P     . A  B 2 6  ? -5.662  12.341  3.005   1.00 88.08  ? 107 A  B P     1 
ATOM   471 O  OP1   . A  B 2 6  ? -5.629  13.491  3.946   1.00 87.71  ? 107 A  B OP1   1 
ATOM   472 O  OP2   . A  B 2 6  ? -4.498  12.073  2.119   1.00 88.22  ? 107 A  B OP2   1 
ATOM   473 O  "O5'" . A  B 2 6  ? -6.013  11.022  3.851   1.00 86.87  ? 107 A  B "O5'" 1 
ATOM   474 C  "C5'" . A  B 2 6  ? -6.978  11.159  4.885   1.00 86.07  ? 107 A  B "C5'" 1 
ATOM   475 C  "C4'" . A  B 2 6  ? -7.453  9.819   5.380   1.00 85.64  ? 107 A  B "C4'" 1 
ATOM   476 O  "O4'" . A  B 2 6  ? -7.826  8.988   4.249   1.00 86.58  ? 107 A  B "O4'" 1 
ATOM   477 C  "C3'" . A  B 2 6  ? -6.396  9.026   6.132   1.00 85.46  ? 107 A  B "C3'" 1 
ATOM   478 O  "O3'" . A  B 2 6  ? -6.342  9.442   7.485   1.00 85.08  ? 107 A  B "O3'" 1 
ATOM   479 C  "C2'" . A  B 2 6  ? -6.943  7.611   5.974   1.00 86.46  ? 107 A  B "C2'" 1 
ATOM   480 O  "O2'" . A  B 2 6  ? -7.979  7.279   6.881   1.00 86.38  ? 107 A  B "O2'" 1 
ATOM   481 C  "C1'" . A  B 2 6  ? -7.438  7.644   4.516   1.00 87.16  ? 107 A  B "C1'" 1 
ATOM   482 N  N9    . A  B 2 6  ? -6.345  7.233   3.626   1.00 87.47  ? 107 A  B N9    1 
ATOM   483 C  C8    . A  B 2 6  ? -5.697  7.984   2.677   1.00 87.59  ? 107 A  B C8    1 
ATOM   484 N  N7    . A  B 2 6  ? -4.725  7.341   2.068   1.00 87.70  ? 107 A  B N7    1 
ATOM   485 C  C5    . A  B 2 6  ? -4.724  6.088   2.670   1.00 87.02  ? 107 A  B C5    1 
ATOM   486 C  C6    . A  B 2 6  ? -3.933  4.930   2.487   1.00 86.77  ? 107 A  B C6    1 
ATOM   487 N  N6    . A  B 2 6  ? -2.945  4.843   1.597   1.00 87.13  ? 107 A  B N6    1 
ATOM   488 N  N1    . A  B 2 6  ? -4.188  3.850   3.255   1.00 86.61  ? 107 A  B N1    1 
ATOM   489 C  C2    . A  B 2 6  ? -5.182  3.922   4.150   1.00 86.98  ? 107 A  B C2    1 
ATOM   490 N  N3    . A  B 2 6  ? -5.991  4.951   4.417   1.00 86.99  ? 107 A  B N3    1 
ATOM   491 C  C4    . A  B 2 6  ? -5.711  6.010   3.634   1.00 86.94  ? 107 A  B C4    1 
ATOM   492 P  P     . A  B 2 7  ? -4.928  9.760   8.191   1.00 85.89  ? 108 A  B P     1 
ATOM   493 O  OP1   . A  B 2 7  ? -5.191  10.559  9.423   1.00 85.02  ? 108 A  B OP1   1 
ATOM   494 O  OP2   . A  B 2 7  ? -3.965  10.330  7.205   1.00 83.82  ? 108 A  B OP2   1 
ATOM   495 O  "O5'" . A  B 2 7  ? -4.441  8.259   8.547   1.00 84.05  ? 108 A  B "O5'" 1 
ATOM   496 C  "C5'" . A  B 2 7  ? -5.010  7.459   9.591   1.00 81.54  ? 108 A  B "C5'" 1 
ATOM   497 C  "C4'" . A  B 2 7  ? -4.673  5.991   9.378   1.00 80.77  ? 108 A  B "C4'" 1 
ATOM   498 O  "O4'" . A  B 2 7  ? -4.805  5.621   7.966   1.00 81.40  ? 108 A  B "O4'" 1 
ATOM   499 C  "C3'" . A  B 2 7  ? -3.260  5.546   9.737   1.00 79.16  ? 108 A  B "C3'" 1 
ATOM   500 O  "O3'" . A  B 2 7  ? -3.107  5.423   11.145  1.00 77.15  ? 108 A  B "O3'" 1 
ATOM   501 C  "C2'" . A  B 2 7  ? -3.212  4.209   8.989   1.00 80.51  ? 108 A  B "C2'" 1 
ATOM   502 O  "O2'" . A  B 2 7  ? -3.897  3.140   9.616   1.00 81.81  ? 108 A  B "O2'" 1 
ATOM   503 C  "C1'" . A  B 2 7  ? -3.933  4.531   7.664   1.00 80.53  ? 108 A  B "C1'" 1 
ATOM   504 N  N9    . A  B 2 7  ? -3.020  4.894   6.560   1.00 79.66  ? 108 A  B N9    1 
ATOM   505 C  C8    . A  B 2 7  ? -3.045  6.050   5.823   1.00 79.07  ? 108 A  B C8    1 
ATOM   506 N  N7    . A  B 2 7  ? -2.103  6.122   4.913   1.00 78.85  ? 108 A  B N7    1 
ATOM   507 C  C5    . A  B 2 7  ? -1.402  4.937   5.047   1.00 78.77  ? 108 A  B C5    1 
ATOM   508 C  C6    . A  B 2 7  ? -0.274  4.395   4.379   1.00 78.68  ? 108 A  B C6    1 
ATOM   509 N  N6    . A  B 2 7  ? 0.351   5.022   3.385   1.00 78.75  ? 108 A  B N6    1 
ATOM   510 N  N1    . A  B 2 7  ? 0.198   3.179   4.760   1.00 77.88  ? 108 A  B N1    1 
ATOM   511 C  C2    . A  B 2 7  ? -0.433  2.544   5.744   1.00 76.57  ? 108 A  B C2    1 
ATOM   512 N  N3    . A  B 2 7  ? -1.495  2.955   6.443   1.00 77.51  ? 108 A  B N3    1 
ATOM   513 C  C4    . A  B 2 7  ? -1.950  4.164   6.054   1.00 78.68  ? 108 A  B C4    1 
ATOM   514 P  P     . C  B 2 8  ? -1.844  6.082   11.911  1.00 77.58  ? 109 C  B P     1 
ATOM   515 O  OP1   . C  B 2 8  ? -1.856  5.918   13.386  1.00 75.84  ? 109 C  B OP1   1 
ATOM   516 O  OP2   . C  B 2 8  ? -1.647  7.476   11.437  1.00 77.76  ? 109 C  B OP2   1 
ATOM   517 O  "O5'" . C  B 2 8  ? -0.726  5.126   11.289  1.00 74.93  ? 109 C  B "O5'" 1 
ATOM   518 C  "C5'" . C  B 2 8  ? -0.165  4.106   12.034  1.00 70.71  ? 109 C  B "C5'" 1 
ATOM   519 C  "C4'" . C  B 2 8  ? 0.565   3.173   11.112  1.00 67.83  ? 109 C  B "C4'" 1 
ATOM   520 O  "O4'" . C  B 2 8  ? -0.036  3.233   9.807   1.00 67.82  ? 109 C  B "O4'" 1 
ATOM   521 C  "C3'" . C  B 2 8  ? 1.994   3.591   10.880  1.00 65.81  ? 109 C  B "C3'" 1 
ATOM   522 O  "O3'" . C  B 2 8  ? 2.822   3.107   11.805  1.00 62.11  ? 109 C  B "O3'" 1 
ATOM   523 C  "C2'" . C  B 2 8  ? 2.318   2.881   9.597   1.00 68.76  ? 109 C  B "C2'" 1 
ATOM   524 O  "O2'" . C  B 2 8  ? 2.579   1.507   9.760   1.00 69.19  ? 109 C  B "O2'" 1 
ATOM   525 C  "C1'" . C  B 2 8  ? 1.019   3.163   8.855   1.00 71.04  ? 109 C  B "C1'" 1 
ATOM   526 N  N1    . C  B 2 8  ? 1.078   4.419   7.982   1.00 75.04  ? 109 C  B N1    1 
ATOM   527 C  C2    . C  B 2 8  ? 2.117   4.596   7.041   1.00 77.27  ? 109 C  B C2    1 
ATOM   528 O  O2    . C  B 2 8  ? 3.014   3.749   6.920   1.00 77.69  ? 109 C  B O2    1 
ATOM   529 N  N3    . C  B 2 8  ? 2.120   5.714   6.258   1.00 79.52  ? 109 C  B N3    1 
ATOM   530 C  C4    . C  B 2 8  ? 1.156   6.634   6.384   1.00 79.50  ? 109 C  B C4    1 
ATOM   531 N  N4    . C  B 2 8  ? 1.229   7.705   5.592   1.00 79.37  ? 109 C  B N4    1 
ATOM   532 C  C5    . C  B 2 8  ? 0.099   6.487   7.337   1.00 78.44  ? 109 C  B C5    1 
ATOM   533 C  C6    . C  B 2 8  ? 0.104   5.381   8.097   1.00 76.78  ? 109 C  B C6    1 
ATOM   534 P  P     . U  B 2 9  ? 3.327   4.123   12.892  1.00 63.16  ? 110 U  B P     1 
ATOM   535 O  OP1   . U  B 2 9  ? 3.449   3.561   14.260  1.00 67.26  ? 110 U  B OP1   1 
ATOM   536 O  OP2   . U  B 2 9  ? 2.448   5.288   12.748  1.00 63.77  ? 110 U  B OP2   1 
ATOM   537 O  "O5'" . U  B 2 9  ? 4.833   4.236   12.414  1.00 65.56  ? 110 U  B "O5'" 1 
ATOM   538 C  "C5'" . U  B 2 9  ? 5.607   3.039   12.397  1.00 67.52  ? 110 U  B "C5'" 1 
ATOM   539 C  "C4'" . U  B 2 9  ? 6.514   3.011   11.193  1.00 70.20  ? 110 U  B "C4'" 1 
ATOM   540 O  "O4'" . U  B 2 9  ? 5.736   3.249   9.996   1.00 71.86  ? 110 U  B "O4'" 1 
ATOM   541 C  "C3'" . U  B 2 9  ? 7.497   4.165   11.141  1.00 70.52  ? 110 U  B "C3'" 1 
ATOM   542 O  "O3'" . U  B 2 9  ? 8.591   3.949   11.982  1.00 70.26  ? 110 U  B "O3'" 1 
ATOM   543 C  "C2'" . U  B 2 9  ? 7.888   4.195   9.677   1.00 70.90  ? 110 U  B "C2'" 1 
ATOM   544 O  "O2'" . U  B 2 9  ? 8.691   3.100   9.293   1.00 71.40  ? 110 U  B "O2'" 1 
ATOM   545 C  "C1'" . U  B 2 9  ? 6.507   4.027   9.078   1.00 70.62  ? 110 U  B "C1'" 1 
ATOM   546 N  N1    . U  B 2 9  ? 5.795   5.283   8.655   1.00 70.24  ? 110 U  B N1    1 
ATOM   547 C  C2    . U  B 2 9  ? 6.322   6.033   7.597   1.00 72.15  ? 110 U  B C2    1 
ATOM   548 O  O2    . U  B 2 9  ? 7.361   5.744   7.006   1.00 71.16  ? 110 U  B O2    1 
ATOM   549 N  N3    . U  B 2 9  ? 5.580   7.153   7.242   1.00 72.81  ? 110 U  B N3    1 
ATOM   550 C  C4    . U  B 2 9  ? 4.389   7.582   7.839   1.00 73.05  ? 110 U  B C4    1 
ATOM   551 O  O4    . U  B 2 9  ? 3.829   8.605   7.422   1.00 71.19  ? 110 U  B O4    1 
ATOM   552 C  C5    . U  B 2 9  ? 3.910   6.733   8.931   1.00 71.14  ? 110 U  B C5    1 
ATOM   553 C  C6    . U  B 2 9  ? 4.615   5.649   9.277   1.00 69.26  ? 110 U  B C6    1 
ATOM   554 P  P     . C  B 2 10 ? 8.882   5.114   13.025  1.00 70.54  ? 111 C  B P     1 
ATOM   555 O  OP1   . C  B 2 10 ? 9.647   4.577   14.184  1.00 69.69  ? 111 C  B OP1   1 
ATOM   556 O  OP2   . C  B 2 10 ? 7.609   5.853   13.240  1.00 69.11  ? 111 C  B OP2   1 
ATOM   557 O  "O5'" . C  B 2 10 ? 9.850   6.020   12.124  1.00 72.09  ? 111 C  B "O5'" 1 
ATOM   558 C  "C5'" . C  B 2 10 ? 11.042  5.480   11.528  1.00 72.14  ? 111 C  B "C5'" 1 
ATOM   559 C  "C4'" . C  B 2 10 ? 11.598  6.381   10.434  1.00 72.18  ? 111 C  B "C4'" 1 
ATOM   560 O  "O4'" . C  B 2 10 ? 10.686  6.445   9.297   1.00 71.69  ? 111 C  B "O4'" 1 
ATOM   561 C  "C3'" . C  B 2 10 ? 11.843  7.843   10.776  1.00 71.34  ? 111 C  B "C3'" 1 
ATOM   562 O  "O3'" . C  B 2 10 ? 13.081  8.013   11.429  1.00 70.73  ? 111 C  B "O3'" 1 
ATOM   563 C  "C2'" . C  B 2 10 ? 11.959  8.351   9.360   1.00 71.56  ? 111 C  B "C2'" 1 
ATOM   564 O  "O2'" . C  B 2 10 ? 13.095  7.747   8.782   1.00 72.15  ? 111 C  B "O2'" 1 
ATOM   565 C  "C1'" . C  B 2 10 ? 10.745  7.720   8.700   1.00 70.56  ? 111 C  B "C1'" 1 
ATOM   566 N  N1    . C  B 2 10 ? 9.392   8.390   8.821   1.00 69.56  ? 111 C  B N1    1 
ATOM   567 C  C2    . C  B 2 10 ? 8.956   9.378   7.900   1.00 69.94  ? 111 C  B C2    1 
ATOM   568 O  O2    . C  B 2 10 ? 9.690   9.750   6.971   1.00 68.99  ? 111 C  B O2    1 
ATOM   569 N  N3    . C  B 2 10 ? 7.716   9.927   8.054   1.00 69.45  ? 111 C  B N3    1 
ATOM   570 C  C4    . C  B 2 10 ? 6.929   9.522   9.060   1.00 69.20  ? 111 C  B C4    1 
ATOM   571 N  N4    . C  B 2 10 ? 5.716   10.063  9.208   1.00 68.92  ? 111 C  B N4    1 
ATOM   572 C  C5    . C  B 2 10 ? 7.353   8.535   9.989   1.00 69.22  ? 111 C  B C5    1 
ATOM   573 C  C6    . C  B 2 10 ? 8.565   8.006   9.829   1.00 68.88  ? 111 C  B C6    1 
ATOM   574 P  P     . G  B 2 11 ? 13.126  8.948   12.719  1.00 71.54  ? 112 G  B P     1 
ATOM   575 O  OP1   . G  B 2 11 ? 14.427  8.849   13.427  1.00 70.59  ? 112 G  B OP1   1 
ATOM   576 O  OP2   . G  B 2 11 ? 11.841  8.766   13.420  1.00 71.86  ? 112 G  B OP2   1 
ATOM   577 O  "O5'" . G  B 2 11 ? 13.067  10.409  12.099  1.00 73.73  ? 112 G  B "O5'" 1 
ATOM   578 C  "C5'" . G  B 2 11 ? 14.070  10.908  11.225  1.00 72.87  ? 112 G  B "C5'" 1 
ATOM   579 C  "C4'" . G  B 2 11 ? 13.537  12.165  10.587  1.00 72.04  ? 112 G  B "C4'" 1 
ATOM   580 O  "O4'" . G  B 2 11 ? 12.427  11.900  9.687   1.00 72.13  ? 112 G  B "O4'" 1 
ATOM   581 C  "C3'" . G  B 2 11 ? 12.940  13.177  11.544  1.00 71.69  ? 112 G  B "C3'" 1 
ATOM   582 O  "O3'" . G  B 2 11 ? 13.972  13.727  12.300  1.00 71.93  ? 112 G  B "O3'" 1 
ATOM   583 C  "C2'" . G  B 2 11 ? 12.418  14.140  10.489  1.00 73.25  ? 112 G  B "C2'" 1 
ATOM   584 O  "O2'" . G  B 2 11 ? 13.439  15.005  9.950   1.00 73.87  ? 112 G  B "O2'" 1 
ATOM   585 C  "C1'" . G  B 2 11 ? 11.797  13.154  9.463   1.00 73.13  ? 112 G  B "C1'" 1 
ATOM   586 N  N9    . G  B 2 11 ? 10.355  13.075  9.688   1.00 72.52  ? 112 G  B N9    1 
ATOM   587 C  C8    . G  B 2 11 ? 9.722   12.173  10.494  1.00 72.98  ? 112 G  B C8    1 
ATOM   588 N  N7    . G  B 2 11 ? 8.437   12.341  10.556  1.00 73.23  ? 112 G  B N7    1 
ATOM   589 C  C5    . G  B 2 11 ? 8.196   13.433  9.751   1.00 72.95  ? 112 G  B C5    1 
ATOM   590 C  C6    . G  B 2 11 ? 6.973   14.066  9.444   1.00 73.61  ? 112 G  B C6    1 
ATOM   591 O  O6    . G  B 2 11 ? 5.838   13.782  9.836   1.00 74.00  ? 112 G  B O6    1 
ATOM   592 N  N1    . G  B 2 11 ? 7.138   15.135  8.579   1.00 74.47  ? 112 G  B N1    1 
ATOM   593 C  C2    . G  B 2 11 ? 8.345   15.542  8.067   1.00 74.43  ? 112 G  B C2    1 
ATOM   594 N  N2    . G  B 2 11 ? 8.291   16.603  7.252   1.00 74.25  ? 112 G  B N2    1 
ATOM   595 N  N3    . G  B 2 11 ? 9.506   14.952  8.350   1.00 74.23  ? 112 G  B N3    1 
ATOM   596 C  C4    . G  B 2 11 ? 9.363   13.905  9.208   1.00 73.02  ? 112 G  B C4    1 
ATOM   597 P  P     . U  B 2 12 ? 13.793  14.236  13.803  1.00 72.57  ? 113 U  B P     1 
ATOM   598 O  OP1   . U  B 2 12 ? 14.888  15.183  14.088  1.00 72.12  ? 113 U  B OP1   1 
ATOM   599 O  OP2   . U  B 2 12 ? 13.689  13.018  14.643  1.00 75.24  ? 113 U  B OP2   1 
ATOM   600 O  "O5'" . U  B 2 12 ? 12.408  15.042  13.858  1.00 72.27  ? 113 U  B "O5'" 1 
ATOM   601 C  "C5'" . U  B 2 12 ? 11.878  15.341  15.149  1.00 72.41  ? 113 U  B "C5'" 1 
ATOM   602 C  "C4'" . U  B 2 12 ? 11.191  16.683  15.275  1.00 72.43  ? 113 U  B "C4'" 1 
ATOM   603 O  "O4'" . U  B 2 12 ? 12.213  17.675  15.474  1.00 73.93  ? 113 U  B "O4'" 1 
ATOM   604 C  "C3'" . U  B 2 12 ? 10.447  17.104  14.029  1.00 73.48  ? 113 U  B "C3'" 1 
ATOM   605 O  "O3'" . U  B 2 12 ? 9.076   16.726  14.110  1.00 72.72  ? 113 U  B "O3'" 1 
ATOM   606 C  "C2'" . U  B 2 12 ? 10.701  18.617  13.901  1.00 73.68  ? 113 U  B "C2'" 1 
ATOM   607 O  "O2'" . U  B 2 12 ? 9.717   19.479  14.439  1.00 73.63  ? 113 U  B "O2'" 1 
ATOM   608 C  "C1'" . U  B 2 12 ? 12.001  18.822  14.661  1.00 74.16  ? 113 U  B "C1'" 1 
ATOM   609 N  N1    . U  B 2 12 ? 13.155  19.060  13.738  1.00 75.07  ? 113 U  B N1    1 
ATOM   610 C  C2    . U  B 2 12 ? 13.220  20.244  12.995  1.00 76.43  ? 113 U  B C2    1 
ATOM   611 O  O2    . U  B 2 12 ? 12.371  21.123  13.056  1.00 77.08  ? 113 U  B O2    1 
ATOM   612 N  N3    . U  B 2 12 ? 14.323  20.370  12.163  1.00 75.59  ? 113 U  B N3    1 
ATOM   613 C  C4    . U  B 2 12 ? 15.347  19.442  12.023  1.00 75.55  ? 113 U  B C4    1 
ATOM   614 O  O4    . U  B 2 12 ? 16.274  19.660  11.254  1.00 74.16  ? 113 U  B O4    1 
ATOM   615 C  C5    . U  B 2 12 ? 15.204  18.238  12.823  1.00 75.87  ? 113 U  B C5    1 
ATOM   616 C  C6    . U  B 2 12 ? 14.140  18.096  13.627  1.00 75.04  ? 113 U  B C6    1 
ATOM   617 P  P     . A  B 2 13 ? 8.341   16.268  12.766  1.00 72.20  ? 114 A  B P     1 
ATOM   618 O  OP1   . A  B 2 13 ? 6.940   15.933  13.098  1.00 73.12  ? 114 A  B OP1   1 
ATOM   619 O  OP2   . A  B 2 13 ? 9.256   15.369  12.013  1.00 71.20  ? 114 A  B OP2   1 
ATOM   620 O  "O5'" . A  B 2 13 ? 8.211   17.589  11.900  1.00 73.50  ? 114 A  B "O5'" 1 
ATOM   621 C  "C5'" . A  B 2 13 ? 7.378   18.682  12.255  1.00 73.63  ? 114 A  B "C5'" 1 
ATOM   622 C  "C4'" . A  B 2 13 ? 7.645   19.793  11.254  1.00 73.30  ? 114 A  B "C4'" 1 
ATOM   623 O  "O4'" . A  B 2 13 ? 9.027   20.210  11.353  1.00 73.59  ? 114 A  B "O4'" 1 
ATOM   624 C  "C3'" . A  B 2 13 ? 7.476   19.390  9.801   1.00 72.29  ? 114 A  B "C3'" 1 
ATOM   625 O  "O3'" . A  B 2 13 ? 6.126   19.602  9.465   1.00 70.65  ? 114 A  B "O3'" 1 
ATOM   626 C  "C2'" . A  B 2 13 ? 8.399   20.387  9.132   1.00 72.83  ? 114 A  B "C2'" 1 
ATOM   627 O  "O2'" . A  B 2 13 ? 7.835   21.675  9.229   1.00 72.71  ? 114 A  B "O2'" 1 
ATOM   628 C  "C1'" . A  B 2 13 ? 9.578   20.419  10.070  1.00 73.28  ? 114 A  B "C1'" 1 
ATOM   629 N  N9    . A  B 2 13 ? 10.732  19.530  9.899   1.00 74.33  ? 114 A  B N9    1 
ATOM   630 C  C8    . A  B 2 13 ? 10.870  18.225  10.255  1.00 73.98  ? 114 A  B C8    1 
ATOM   631 N  N7    . A  B 2 13 ? 12.055  17.715  10.014  1.00 74.31  ? 114 A  B N7    1 
ATOM   632 C  C5    . A  B 2 13 ? 12.760  18.769  9.476   1.00 76.06  ? 114 A  B C5    1 
ATOM   633 C  C6    . A  B 2 13 ? 14.084  18.898  9.005   1.00 76.58  ? 114 A  B C6    1 
ATOM   634 N  N6    . A  B 2 13 ? 14.972  17.908  9.002   1.00 77.20  ? 114 A  B N6    1 
ATOM   635 N  N1    . A  B 2 13 ? 14.475  20.090  8.523   1.00 77.85  ? 114 A  B N1    1 
ATOM   636 C  C2    . A  B 2 13 ? 13.600  21.103  8.506   1.00 78.32  ? 114 A  B C2    1 
ATOM   637 N  N3    . A  B 2 13 ? 12.331  21.104  8.915   1.00 78.03  ? 114 A  B N3    1 
ATOM   638 C  C4    . A  B 2 13 ? 11.966  19.897  9.403   1.00 76.28  ? 114 A  B C4    1 
ATOM   639 P  P     . A  B 2 14 ? 5.553   19.230  8.024   1.00 70.87  ? 115 A  B P     1 
ATOM   640 O  OP1   . A  B 2 14 ? 4.159   19.717  8.059   1.00 71.55  ? 115 A  B OP1   1 
ATOM   641 O  OP2   . A  B 2 14 ? 5.902   17.850  7.633   1.00 71.05  ? 115 A  B OP2   1 
ATOM   642 O  "O5'" . A  B 2 14 ? 6.371   20.137  6.994   1.00 73.79  ? 115 A  B "O5'" 1 
ATOM   643 C  "C5'" . A  B 2 14 ? 5.897   21.392  6.463   1.00 73.51  ? 115 A  B "C5'" 1 
ATOM   644 C  "C4'" . A  B 2 14 ? 6.793   21.766  5.312   1.00 73.14  ? 115 A  B "C4'" 1 
ATOM   645 O  "O4'" . A  B 2 14 ? 8.165   21.655  5.729   1.00 74.60  ? 115 A  B "O4'" 1 
ATOM   646 C  "C3'" . A  B 2 14 ? 6.724   20.804  4.163   1.00 72.64  ? 115 A  B "C3'" 1 
ATOM   647 O  "O3'" . A  B 2 14 ? 5.673   21.276  3.417   1.00 71.80  ? 115 A  B "O3'" 1 
ATOM   648 C  "C2'" . A  B 2 14 ? 8.073   21.007  3.476   1.00 74.24  ? 115 A  B "C2'" 1 
ATOM   649 O  "O2'" . A  B 2 14 ? 8.144   22.168  2.659   1.00 76.76  ? 115 A  B "O2'" 1 
ATOM   650 C  "C1'" . A  B 2 14 ? 8.986   21.274  4.646   1.00 74.62  ? 115 A  B "C1'" 1 
ATOM   651 N  N9    . A  B 2 14 ? 9.793   20.155  5.097   1.00 75.40  ? 115 A  B N9    1 
ATOM   652 C  C8    . A  B 2 14 ? 9.377   18.952  5.569   1.00 75.71  ? 115 A  B C8    1 
ATOM   653 N  N7    . A  B 2 14 ? 10.356  18.156  5.930   1.00 76.27  ? 115 A  B N7    1 
ATOM   654 C  C5    . A  B 2 14 ? 11.497  18.897  5.699   1.00 75.72  ? 115 A  B C5    1 
ATOM   655 C  C6    . A  B 2 14 ? 12.871  18.638  5.873   1.00 75.28  ? 115 A  B C6    1 
ATOM   656 N  N6    . A  B 2 14 ? 13.406  17.514  6.334   1.00 73.98  ? 115 A  B N6    1 
ATOM   657 N  N1    . A  B 2 14 ? 13.723  19.608  5.535   1.00 77.23  ? 115 A  B N1    1 
ATOM   658 C  C2    . A  B 2 14 ? 13.246  20.760  5.053   1.00 78.17  ? 115 A  B C2    1 
ATOM   659 N  N3    . A  B 2 14 ? 11.984  21.119  4.842   1.00 77.68  ? 115 A  B N3    1 
ATOM   660 C  C4    . A  B 2 14 ? 11.155  20.131  5.190   1.00 76.18  ? 115 A  B C4    1 
ATOM   661 P  P     . G  B 2 15 ? 4.953   20.352  2.346   1.00 73.08  ? 116 G  B P     1 
ATOM   662 O  OP1   . G  B 2 15 ? 5.189   20.757  0.942   1.00 73.44  ? 116 G  B OP1   1 
ATOM   663 O  OP2   . G  B 2 15 ? 3.562   20.388  2.839   1.00 75.90  ? 116 G  B OP2   1 
ATOM   664 O  "O5'" . G  B 2 15 ? 5.651   18.915  2.504   1.00 72.11  ? 116 G  B "O5'" 1 
ATOM   665 C  "C5'" . G  B 2 15 ? 6.066   18.184  1.351   1.00 68.81  ? 116 G  B "C5'" 1 
ATOM   666 C  "C4'" . G  B 2 15 ? 7.404   17.550  1.610   1.00 66.76  ? 116 G  B "C4'" 1 
ATOM   667 O  "O4'" . G  B 2 15 ? 7.606   17.572  3.028   1.00 67.94  ? 116 G  B "O4'" 1 
ATOM   668 C  "C3'" . G  B 2 15 ? 7.466   16.086  1.289   1.00 65.49  ? 116 G  B "C3'" 1 
ATOM   669 O  "O3'" . G  B 2 15 ? 7.813   15.926  -0.028  1.00 67.33  ? 116 G  B "O3'" 1 
ATOM   670 C  "C2'" . G  B 2 15 ? 8.508   15.545  2.266   1.00 65.87  ? 116 G  B "C2'" 1 
ATOM   671 O  "O2'" . G  B 2 15 ? 9.889   15.584  2.001   1.00 62.17  ? 116 G  B "O2'" 1 
ATOM   672 C  "C1'" . G  B 2 15 ? 8.174   16.365  3.493   1.00 67.89  ? 116 G  B "C1'" 1 
ATOM   673 N  N9    . G  B 2 15 ? 7.240   15.621  4.362   1.00 70.89  ? 116 G  B N9    1 
ATOM   674 C  C8    . G  B 2 15 ? 5.945   15.909  4.733   1.00 71.40  ? 116 G  B C8    1 
ATOM   675 N  N7    . G  B 2 15 ? 5.413   15.000  5.500   1.00 71.83  ? 116 G  B N7    1 
ATOM   676 C  C5    . G  B 2 15 ? 6.410   14.051  5.649   1.00 72.22  ? 116 G  B C5    1 
ATOM   677 C  C6    . G  B 2 15 ? 6.447   12.830  6.381   1.00 73.69  ? 116 G  B C6    1 
ATOM   678 O  O6    . G  B 2 15 ? 5.550   12.323  7.079   1.00 71.99  ? 116 G  B O6    1 
ATOM   679 N  N1    . G  B 2 15 ? 7.690   12.185  6.240   1.00 74.54  ? 116 G  B N1    1 
ATOM   680 C  C2    . G  B 2 15 ? 8.747   12.672  5.481   1.00 73.19  ? 116 G  B C2    1 
ATOM   681 N  N2    . G  B 2 15 ? 9.890   11.982  5.406   1.00 73.96  ? 116 G  B N2    1 
ATOM   682 N  N3    . G  B 2 15 ? 8.701   13.789  4.816   1.00 71.85  ? 116 G  B N3    1 
ATOM   683 C  C4    . G  B 2 15 ? 7.523   14.420  4.947   1.00 71.08  ? 116 G  B C4    1 
ATOM   684 P  P     . A  B 2 16 ? 6.945   14.940  -0.929  1.00 66.78  ? 117 A  B P     1 
ATOM   685 O  OP1   . A  B 2 16 ? 7.199   15.046  -2.389  1.00 65.92  ? 117 A  B OP1   1 
ATOM   686 O  OP2   . A  B 2 16 ? 5.563   15.097  -0.408  1.00 65.61  ? 117 A  B OP2   1 
ATOM   687 O  "O5'" . A  B 2 16 ? 7.796   13.679  -0.464  1.00 67.69  ? 117 A  B "O5'" 1 
ATOM   688 C  "C5'" . A  B 2 16 ? 9.120   13.510  -0.991  1.00 68.13  ? 117 A  B "C5'" 1 
ATOM   689 C  "C4'" . A  B 2 16 ? 9.774   12.298  -0.364  1.00 69.98  ? 117 A  B "C4'" 1 
ATOM   690 O  "O4'" . A  B 2 16 ? 9.701   12.457  1.068   1.00 72.81  ? 117 A  B "O4'" 1 
ATOM   691 C  "C3'" . A  B 2 16 ? 9.119   10.934  -0.534  1.00 68.49  ? 117 A  B "C3'" 1 
ATOM   692 O  "O3'" . A  B 2 16 ? 9.632   10.310  -1.649  1.00 68.35  ? 117 A  B "O3'" 1 
ATOM   693 C  "C2'" . A  B 2 16 ? 9.699   10.199  0.643   1.00 68.79  ? 117 A  B "C2'" 1 
ATOM   694 O  "O2'" . A  B 2 16 ? 11.072  9.990   0.393   1.00 68.80  ? 117 A  B "O2'" 1 
ATOM   695 C  "C1'" . A  B 2 16 ? 9.510   11.220  1.733   1.00 68.85  ? 117 A  B "C1'" 1 
ATOM   696 N  N9    . A  B 2 16 ? 8.184   11.269  2.320   1.00 67.91  ? 117 A  B N9    1 
ATOM   697 C  C8    . A  B 2 16 ? 7.215   12.201  2.054   1.00 67.30  ? 117 A  B C8    1 
ATOM   698 N  N7    . A  B 2 16 ? 6.103   12.051  2.716   1.00 67.63  ? 117 A  B N7    1 
ATOM   699 C  C5    . A  B 2 16 ? 6.359   10.905  3.468   1.00 67.55  ? 117 A  B C5    1 
ATOM   700 C  C6    . A  B 2 16 ? 5.573   10.210  4.390   1.00 64.64  ? 117 A  B C6    1 
ATOM   701 N  N6    . A  B 2 16 ? 4.334   10.599  4.682   1.00 63.38  ? 117 A  B N6    1 
ATOM   702 N  N1    . A  B 2 16 ? 6.126   9.134   4.984   1.00 64.30  ? 117 A  B N1    1 
ATOM   703 C  C2    . A  B 2 16 ? 7.369   8.744   4.682   1.00 63.68  ? 117 A  B C2    1 
ATOM   704 N  N3    . A  B 2 16 ? 8.209   9.296   3.825   1.00 65.67  ? 117 A  B N3    1 
ATOM   705 C  C4    . A  B 2 16 ? 7.641   10.397  3.250   1.00 68.26  ? 117 A  B C4    1 
ATOM   706 P  P     . G  B 2 17 ? 8.603   9.442   -2.467  1.00 69.18  ? 118 G  B P     1 
ATOM   707 O  OP1   . G  B 2 17 ? 9.078   9.106   -3.817  1.00 69.89  ? 118 G  B OP1   1 
ATOM   708 O  OP2   . G  B 2 17 ? 7.244   9.999   -2.252  1.00 68.12  ? 118 G  B OP2   1 
ATOM   709 O  "O5'" . G  B 2 17 ? 8.819   8.118   -1.620  1.00 73.54  ? 118 G  B "O5'" 1 
ATOM   710 C  "C5'" . G  B 2 17 ? 10.089  7.460   -1.619  1.00 74.56  ? 118 G  B "C5'" 1 
ATOM   711 C  "C4'" . G  B 2 17 ? 10.005  6.312   -0.625  1.00 74.73  ? 118 G  B "C4'" 1 
ATOM   712 O  "O4'" . G  B 2 17 ? 9.646   6.817   0.689   1.00 74.25  ? 118 G  B "O4'" 1 
ATOM   713 C  "C3'" . G  B 2 17 ? 8.930   5.282   -0.917  1.00 74.70  ? 118 G  B "C3'" 1 
ATOM   714 O  "O3'" . G  B 2 17 ? 9.350   4.366   -1.910  1.00 74.59  ? 118 G  B "O3'" 1 
ATOM   715 C  "C2'" . G  B 2 17 ? 8.886   4.638   0.454   1.00 75.95  ? 118 G  B "C2'" 1 
ATOM   716 O  "O2'" . G  B 2 17 ? 10.090  3.944   0.731   1.00 77.78  ? 118 G  B "O2'" 1 
ATOM   717 C  "C1'" . G  B 2 17 ? 8.806   5.885   1.330   1.00 74.57  ? 118 G  B "C1'" 1 
ATOM   718 N  N9    . G  B 2 17 ? 7.444   6.401   1.515   1.00 72.62  ? 118 G  B N9    1 
ATOM   719 C  C8    . G  B 2 17 ? 6.772   7.333   0.754   1.00 70.91  ? 118 G  B C8    1 
ATOM   720 N  N7    . G  B 2 17 ? 5.567   7.562   1.209   1.00 71.14  ? 118 G  B N7    1 
ATOM   721 C  C5    . G  B 2 17 ? 5.406   6.714   2.319   1.00 70.70  ? 118 G  B C5    1 
ATOM   722 C  C6    . G  B 2 17 ? 4.312   6.491   3.222   1.00 69.58  ? 118 G  B C6    1 
ATOM   723 O  O6    . G  B 2 17 ? 3.191   7.003   3.256   1.00 69.10  ? 118 G  B O6    1 
ATOM   724 N  N1    . G  B 2 17 ? 4.591   5.573   4.223   1.00 69.39  ? 118 G  B N1    1 
ATOM   725 C  C2    . G  B 2 17 ? 5.786   4.909   4.337   1.00 70.50  ? 118 G  B C2    1 
ATOM   726 N  N2    . G  B 2 17 ? 5.875   4.026   5.351   1.00 69.45  ? 118 G  B N2    1 
ATOM   727 N  N3    . G  B 2 17 ? 6.810   5.084   3.493   1.00 70.83  ? 118 G  B N3    1 
ATOM   728 C  C4    . G  B 2 17 ? 6.563   5.995   2.511   1.00 71.16  ? 118 G  B C4    1 
ATOM   729 P  P     . U  B 2 18 ? 8.230   3.631   -2.787  1.00 76.63  ? 119 U  B P     1 
ATOM   730 O  OP1   . U  B 2 18 ? 8.741   3.390   -4.152  1.00 76.64  ? 119 U  B OP1   1 
ATOM   731 O  OP2   . U  B 2 18 ? 6.890   4.262   -2.597  1.00 75.60  ? 119 U  B OP2   1 
ATOM   732 O  "O5'" . U  B 2 18 ? 8.188   2.204   -2.075  1.00 79.10  ? 119 U  B "O5'" 1 
ATOM   733 C  "C5'" . U  B 2 18 ? 9.385   1.537   -1.647  1.00 79.71  ? 119 U  B "C5'" 1 
ATOM   734 C  "C4'" . U  B 2 18 ? 9.017   0.491   -0.611  1.00 79.88  ? 119 U  B "C4'" 1 
ATOM   735 O  "O4'" . U  B 2 18 ? 8.612   1.157   0.613   1.00 78.38  ? 119 U  B "O4'" 1 
ATOM   736 C  "C3'" . U  B 2 18 ? 7.824   -0.376  -0.994  1.00 80.85  ? 119 U  B "C3'" 1 
ATOM   737 O  "O3'" . U  B 2 18 ? 8.246   -1.536  -1.685  1.00 84.34  ? 119 U  B "O3'" 1 
ATOM   738 C  "C2'" . U  B 2 18 ? 7.346   -0.803  0.367   1.00 78.81  ? 119 U  B "C2'" 1 
ATOM   739 O  "O2'" . U  B 2 18 ? 8.212   -1.848  0.743   1.00 78.98  ? 119 U  B "O2'" 1 
ATOM   740 C  "C1'" . U  B 2 18 ? 7.539   0.462   1.201   1.00 76.95  ? 119 U  B "C1'" 1 
ATOM   741 N  N1    . U  B 2 18 ? 6.318   1.340   1.266   1.00 74.50  ? 119 U  B N1    1 
ATOM   742 C  C2    . U  B 2 18 ? 5.763   1.629   2.492   1.00 73.85  ? 119 U  B C2    1 
ATOM   743 O  O2    . U  B 2 18 ? 6.226   1.240   3.539   1.00 74.91  ? 119 U  B O2    1 
ATOM   744 N  N3    . U  B 2 18 ? 4.644   2.418   2.488   1.00 72.93  ? 119 U  B N3    1 
ATOM   745 C  C4    . U  B 2 18 ? 4.026   2.953   1.391   1.00 71.89  ? 119 U  B C4    1 
ATOM   746 O  O4    . U  B 2 18 ? 3.027   3.647   1.533   1.00 70.95  ? 119 U  B O4    1 
ATOM   747 C  C5    . U  B 2 18 ? 4.651   2.603   0.150   1.00 72.76  ? 119 U  B C5    1 
ATOM   748 C  C6    . U  B 2 18 ? 5.738   1.832   0.124   1.00 73.35  ? 119 U  B C6    1 
ATOM   749 P  P     . C  B 2 19 ? 7.159   -2.486  -2.369  1.00 86.99  ? 120 C  B P     1 
ATOM   750 O  OP1   . C  B 2 19 ? 7.909   -3.408  -3.263  1.00 86.46  ? 120 C  B OP1   1 
ATOM   751 O  OP2   . C  B 2 19 ? 6.143   -1.603  -3.020  1.00 86.30  ? 120 C  B OP2   1 
ATOM   752 O  "O5'" . C  B 2 19 ? 6.576   -3.212  -1.037  1.00 85.40  ? 120 C  B "O5'" 1 
ATOM   753 C  "C5'" . C  B 2 19 ? 6.212   -4.558  -0.908  1.00 85.59  ? 120 C  B "C5'" 1 
ATOM   754 C  "C4'" . C  B 2 19 ? 7.452   -5.395  -1.218  1.00 85.64  ? 120 C  B "C4'" 1 
ATOM   755 O  "O4'" . C  B 2 19 ? 8.510   -5.044  -0.291  1.00 86.25  ? 120 C  B "O4'" 1 
ATOM   756 C  "C3'" . C  B 2 19 ? 7.590   -6.922  -1.195  1.00 84.82  ? 120 C  B "C3'" 1 
ATOM   757 O  "O3'" . C  B 2 19 ? 7.232   -7.670  -2.333  1.00 84.21  ? 120 C  B "O3'" 1 
ATOM   758 C  "C2'" . C  B 2 19 ? 9.014   -6.842  -1.687  1.00 84.81  ? 120 C  B "C2'" 1 
ATOM   759 O  "O2'" . C  B 2 19 ? 8.984   -6.465  -3.071  1.00 83.24  ? 120 C  B "O2'" 1 
ATOM   760 C  "C1'" . C  B 2 19 ? 9.618   -5.745  -0.833  1.00 86.17  ? 120 C  B "C1'" 1 
ATOM   761 N  N1    . C  B 2 19 ? 10.508  -6.264  0.230   1.00 86.82  ? 120 C  B N1    1 
ATOM   762 C  C2    . C  B 2 19 ? 11.670  -7.012  -0.073  1.00 87.29  ? 120 C  B C2    1 
ATOM   763 O  O2    . C  B 2 19 ? 11.968  -7.287  -1.250  1.00 87.78  ? 120 C  B O2    1 
ATOM   764 N  N3    . C  B 2 19 ? 12.445  -7.428  0.966   1.00 88.29  ? 120 C  B N3    1 
ATOM   765 C  C4    . C  B 2 19 ? 12.097  -7.119  2.223   1.00 89.66  ? 120 C  B C4    1 
ATOM   766 N  N4    . C  B 2 19 ? 12.873  -7.543  3.224   1.00 89.49  ? 120 C  B N4    1 
ATOM   767 C  C5    . C  B 2 19 ? 10.930  -6.367  2.535   1.00 89.06  ? 120 C  B C5    1 
ATOM   768 C  C6    . C  B 2 19 ? 10.172  -5.962  1.518   1.00 87.81  ? 120 C  B C6    1 
ATOM   769 P  P     . A  B 2 20 ? 8.425   -8.630  -2.910  1.00 85.55  ? 121 A  B P     1 
ATOM   770 O  OP1   . A  B 2 20 ? 9.770   -7.991  -2.950  1.00 84.93  ? 121 A  B OP1   1 
ATOM   771 O  OP2   . A  B 2 20 ? 7.937   -9.203  -4.190  1.00 87.00  ? 121 A  B OP2   1 
ATOM   772 O  "O5'" . A  B 2 20 ? 8.615   -9.774  -1.804  1.00 84.44  ? 121 A  B "O5'" 1 
ATOM   773 C  "C5'" . A  B 2 20 ? 9.874   -9.937  -1.125  1.00 82.94  ? 121 A  B "C5'" 1 
ATOM   774 C  "C4'" . A  B 2 20 ? 9.695   -10.726 0.162   1.00 82.22  ? 121 A  B "C4'" 1 
ATOM   775 O  "O4'" . A  B 2 20 ? 8.975   -9.959  1.174   1.00 81.98  ? 121 A  B "O4'" 1 
ATOM   776 C  "C3'" . A  B 2 20 ? 8.745   -12.045 -0.068  1.00 80.16  ? 121 A  B "C3'" 1 
ATOM   777 O  "O3'" . A  B 2 20 ? 9.545   -13.090 -0.566  1.00 78.45  ? 121 A  B "O3'" 1 
ATOM   778 C  "C2'" . A  B 2 20 ? 8.629   -12.111 1.438   1.00 80.10  ? 121 A  B "C2'" 1 
ATOM   779 O  "O2'" . A  B 2 20 ? 9.910   -12.327 1.994   1.00 79.63  ? 121 A  B "O2'" 1 
ATOM   780 C  "C1'" . A  B 2 20 ? 8.154   -10.690 1.726   1.00 80.31  ? 121 A  B "C1'" 1 
ATOM   781 N  N9    . A  B 2 20 ? 6.724   -10.433 1.490   1.00 79.54  ? 121 A  B N9    1 
ATOM   782 C  C8    . A  B 2 20 ? 6.205   -9.593  0.550   1.00 79.95  ? 121 A  B C8    1 
ATOM   783 N  N7    . A  B 2 20 ? 4.898   -9.524  0.535   1.00 79.73  ? 121 A  B N7    1 
ATOM   784 C  C5    . A  B 2 20 ? 4.513   -10.378 1.541   1.00 78.16  ? 121 A  B C5    1 
ATOM   785 C  C6    . A  B 2 20 ? 3.243   -10.742 2.027   1.00 77.31  ? 121 A  B C6    1 
ATOM   786 N  N6    . A  B 2 20 ? 2.099   -10.266 1.537   1.00 75.01  ? 121 A  B N6    1 
ATOM   787 N  N1    . A  B 2 20 ? 3.190   -11.621 3.052   1.00 78.70  ? 121 A  B N1    1 
ATOM   788 C  C2    . A  B 2 20 ? 4.345   -12.098 3.551   1.00 79.26  ? 121 A  B C2    1 
ATOM   789 N  N3    . A  B 2 20 ? 5.602   -11.831 3.168   1.00 79.64  ? 121 A  B N3    1 
ATOM   790 C  C4    . A  B 2 20 ? 5.623   -10.950 2.143   1.00 79.28  ? 121 A  B C4    1 
ATOM   791 P  P     . C  B 2 21 ? 8.963   -13.947 -1.775  1.00 77.42  ? 122 C  B P     1 
ATOM   792 O  OP1   . C  B 2 21 ? 10.088  -14.681 -2.399  1.00 77.37  ? 122 C  B OP1   1 
ATOM   793 O  OP2   . C  B 2 21 ? 8.053   -13.101 -2.572  1.00 77.47  ? 122 C  B OP2   1 
ATOM   794 O  "O5'" . C  B 2 21 ? 8.033   -14.982 -1.002  1.00 78.22  ? 122 C  B "O5'" 1 
ATOM   795 C  "C5'" . C  B 2 21 ? 8.548   -15.688 0.145   1.00 76.87  ? 122 C  B "C5'" 1 
ATOM   796 C  "C4'" . C  B 2 21 ? 7.424   -16.036 1.094   1.00 74.90  ? 122 C  B "C4'" 1 
ATOM   797 O  "O4'" . C  B 2 21 ? 6.681   -14.864 1.502   1.00 74.63  ? 122 C  B "O4'" 1 
ATOM   798 C  "C3'" . C  B 2 21 ? 6.344   -16.863 0.452   1.00 74.03  ? 122 C  B "C3'" 1 
ATOM   799 O  "O3'" . C  B 2 21 ? 6.833   -18.156 0.295   1.00 73.04  ? 122 C  B "O3'" 1 
ATOM   800 C  "C2'" . C  B 2 21 ? 5.273   -16.744 1.525   1.00 74.69  ? 122 C  B "C2'" 1 
ATOM   801 O  "O2'" . C  B 2 21 ? 5.534   -17.553 2.667   1.00 74.74  ? 122 C  B "O2'" 1 
ATOM   802 C  "C1'" . C  B 2 21 ? 5.364   -15.247 1.844   1.00 73.80  ? 122 C  B "C1'" 1 
ATOM   803 N  N1    . C  B 2 21 ? 4.360   -14.429 1.084   1.00 73.15  ? 122 C  B N1    1 
ATOM   804 C  C2    . C  B 2 21 ? 3.006   -14.432 1.484   1.00 72.57  ? 122 C  B C2    1 
ATOM   805 O  O2    . C  B 2 21 ? 2.617   -15.064 2.448   1.00 72.14  ? 122 C  B O2    1 
ATOM   806 N  N3    . C  B 2 21 ? 2.097   -13.710 0.806   1.00 73.28  ? 122 C  B N3    1 
ATOM   807 C  C4    . C  B 2 21 ? 2.479   -13.003 -0.250  1.00 72.03  ? 122 C  B C4    1 
ATOM   808 N  N4    . C  B 2 21 ? 1.496   -12.347 -0.841  1.00 71.21  ? 122 C  B N4    1 
ATOM   809 C  C5    . C  B 2 21 ? 3.838   -12.962 -0.705  1.00 71.86  ? 122 C  B C5    1 
ATOM   810 C  C6    . C  B 2 21 ? 4.741   -13.679 -0.013  1.00 73.16  ? 122 C  B C6    1 
ATOM   811 P  P     . C  B 2 22 ? 6.303   -19.044 -0.910  1.00 72.01  ? 123 C  B P     1 
ATOM   812 O  OP1   . C  B 2 22 ? 7.234   -20.183 -1.020  1.00 73.18  ? 123 C  B OP1   1 
ATOM   813 O  OP2   . C  B 2 22 ? 6.057   -18.233 -2.110  1.00 72.63  ? 123 C  B OP2   1 
ATOM   814 O  "O5'" . C  B 2 22 ? 4.862   -19.478 -0.386  1.00 71.40  ? 123 C  B "O5'" 1 
ATOM   815 C  "C5'" . C  B 2 22 ? 4.719   -20.318 0.729   1.00 70.23  ? 123 C  B "C5'" 1 
ATOM   816 C  "C4'" . C  B 2 22 ? 3.259   -20.416 1.091   1.00 69.53  ? 123 C  B "C4'" 1 
ATOM   817 O  "O4'" . C  B 2 22 ? 2.702   -19.108 1.360   1.00 70.76  ? 123 C  B "O4'" 1 
ATOM   818 C  "C3'" . C  B 2 22 ? 2.372   -20.887 -0.031  1.00 68.50  ? 123 C  B "C3'" 1 
ATOM   819 O  "O3'" . C  B 2 22 ? 2.564   -22.251 -0.277  1.00 67.11  ? 123 C  B "O3'" 1 
ATOM   820 C  "C2'" . C  B 2 22 ? 1.006   -20.529 0.539   1.00 69.64  ? 123 C  B "C2'" 1 
ATOM   821 O  "O2'" . C  B 2 22 ? 0.528   -21.359 1.567   1.00 68.84  ? 123 C  B "O2'" 1 
ATOM   822 C  "C1'" . C  B 2 22 ? 1.302   -19.136 1.093   1.00 71.42  ? 123 C  B "C1'" 1 
ATOM   823 N  N1    . C  B 2 22 ? 0.857   -18.013 0.155   1.00 72.21  ? 123 C  B N1    1 
ATOM   824 C  C2    . C  B 2 22 ? -0.511  -17.739 -0.065  1.00 72.44  ? 123 C  B C2    1 
ATOM   825 O  O2    . C  B 2 22 ? -1.404  -18.382 0.482   1.00 72.79  ? 123 C  B O2    1 
ATOM   826 N  N3    . C  B 2 22 ? -0.869  -16.749 -0.901  1.00 74.23  ? 123 C  B N3    1 
ATOM   827 C  C4    . C  B 2 22 ? 0.062   -16.028 -1.521  1.00 75.31  ? 123 C  B C4    1 
ATOM   828 N  N4    . C  B 2 22 ? -0.360  -15.055 -2.337  1.00 74.54  ? 123 C  B N4    1 
ATOM   829 C  C5    . C  B 2 22 ? 1.458   -16.283 -1.320  1.00 75.19  ? 123 C  B C5    1 
ATOM   830 C  C6    . C  B 2 22 ? 1.806   -17.271 -0.486  1.00 73.04  ? 123 C  B C6    1 
ATOM   831 P  P     . A  B 2 23 ? 1.928   -22.906 -1.578  1.00 65.54  ? 124 A  B P     1 
ATOM   832 O  OP1   . A  B 2 23 ? 2.440   -24.270 -1.790  1.00 66.38  ? 124 A  B OP1   1 
ATOM   833 O  OP2   . A  B 2 23 ? 2.139   -21.955 -2.685  1.00 67.58  ? 124 A  B OP2   1 
ATOM   834 O  "O5'" . A  B 2 23 ? 0.408   -22.929 -1.125  1.00 64.30  ? 124 A  B "O5'" 1 
ATOM   835 C  "C5'" . A  B 2 23 ? -0.453  -23.773 -1.773  1.00 66.03  ? 124 A  B "C5'" 1 
ATOM   836 C  "C4'" . A  B 2 23 ? -1.824  -23.514 -1.224  1.00 68.08  ? 124 A  B "C4'" 1 
ATOM   837 O  "O4'" . A  B 2 23 ? -1.840  -22.226 -0.590  1.00 68.54  ? 124 A  B "O4'" 1 
ATOM   838 C  "C3'" . A  B 2 23 ? -2.859  -23.425 -2.317  1.00 69.77  ? 124 A  B "C3'" 1 
ATOM   839 O  "O3'" . A  B 2 23 ? -3.411  -24.666 -2.510  1.00 70.44  ? 124 A  B "O3'" 1 
ATOM   840 C  "C2'" . A  B 2 23 ? -3.875  -22.447 -1.772  1.00 70.76  ? 124 A  B "C2'" 1 
ATOM   841 O  "O2'" . A  B 2 23 ? -4.698  -23.013 -0.788  1.00 71.79  ? 124 A  B "O2'" 1 
ATOM   842 C  "C1'" . A  B 2 23 ? -2.916  -21.475 -1.121  1.00 71.23  ? 124 A  B "C1'" 1 
ATOM   843 N  N9    . A  B 2 23 ? -2.404  -20.409 -1.992  1.00 73.52  ? 124 A  B N9    1 
ATOM   844 C  C8    . A  B 2 23 ? -1.087  -20.096 -2.207  1.00 74.28  ? 124 A  B C8    1 
ATOM   845 N  N7    . A  B 2 23 ? -0.877  -19.080 -2.997  1.00 74.25  ? 124 A  B N7    1 
ATOM   846 C  C5    . A  B 2 23 ? -2.164  -18.697 -3.331  1.00 74.88  ? 124 A  B C5    1 
ATOM   847 C  C6    . A  B 2 23 ? -2.635  -17.658 -4.145  1.00 74.91  ? 124 A  B C6    1 
ATOM   848 N  N6    . A  B 2 23 ? -1.795  -16.828 -4.769  1.00 74.44  ? 124 A  B N6    1 
ATOM   849 N  N1    . A  B 2 23 ? -3.975  -17.525 -4.282  1.00 74.93  ? 124 A  B N1    1 
ATOM   850 C  C2    . A  B 2 23 ? -4.797  -18.368 -3.641  1.00 74.15  ? 124 A  B C2    1 
ATOM   851 N  N3    . A  B 2 23 ? -4.468  -19.380 -2.845  1.00 74.24  ? 124 A  B N3    1 
ATOM   852 C  C4    . A  B 2 23 ? -3.125  -19.495 -2.731  1.00 74.31  ? 124 A  B C4    1 
ATOM   853 P  P     . C  B 2 24 ? -2.988  -25.397 -3.843  1.00 72.30  ? 125 C  B P     1 
ATOM   854 O  OP1   . C  B 2 24 ? -3.109  -26.843 -3.580  1.00 74.08  ? 125 C  B OP1   1 
ATOM   855 O  OP2   . C  B 2 24 ? -1.702  -24.868 -4.326  1.00 72.24  ? 125 C  B OP2   1 
ATOM   856 O  "O5'" . C  B 2 24 ? -4.164  -24.916 -4.809  1.00 74.80  ? 125 C  B "O5'" 1 
ATOM   857 C  "C5'" . C  B 2 24 ? -5.510  -25.165 -4.384  1.00 77.44  ? 125 C  B "C5'" 1 
ATOM   858 C  "C4'" . C  B 2 24 ? -6.509  -24.154 -4.908  1.00 78.47  ? 125 C  B "C4'" 1 
ATOM   859 O  "O4'" . C  B 2 24 ? -6.155  -22.826 -4.446  1.00 78.77  ? 125 C  B "O4'" 1 
ATOM   860 C  "C3'" . C  B 2 24 ? -6.567  -24.025 -6.424  1.00 79.16  ? 125 C  B "C3'" 1 
ATOM   861 O  "O3'" . C  B 2 24 ? -7.390  -25.034 -6.985  1.00 78.83  ? 125 C  B "O3'" 1 
ATOM   862 C  "C2'" . C  B 2 24 ? -7.183  -22.641 -6.564  1.00 79.82  ? 125 C  B "C2'" 1 
ATOM   863 O  "O2'" . C  B 2 24 ? -8.573  -22.654 -6.291  1.00 81.95  ? 125 C  B "O2'" 1 
ATOM   864 C  "C1'" . C  B 2 24 ? -6.458  -21.876 -5.460  1.00 78.67  ? 125 C  B "C1'" 1 
ATOM   865 N  N1    . C  B 2 24 ? -5.222  -21.141 -5.917  1.00 77.44  ? 125 C  B N1    1 
ATOM   866 C  C2    . C  B 2 24 ? -5.360  -19.901 -6.543  1.00 76.87  ? 125 C  B C2    1 
ATOM   867 O  O2    . C  B 2 24 ? -6.501  -19.457 -6.697  1.00 76.76  ? 125 C  B O2    1 
ATOM   868 N  N3    . C  B 2 24 ? -4.245  -19.227 -6.952  1.00 76.35  ? 125 C  B N3    1 
ATOM   869 C  C4    . C  B 2 24 ? -3.030  -19.754 -6.754  1.00 76.32  ? 125 C  B C4    1 
ATOM   870 N  N4    . C  B 2 24 ? -1.950  -19.081 -7.161  1.00 74.57  ? 125 C  B N4    1 
ATOM   871 C  C5    . C  B 2 24 ? -2.870  -21.019 -6.112  1.00 77.43  ? 125 C  B C5    1 
ATOM   872 C  C6    . C  B 2 24 ? -3.975  -21.666 -5.718  1.00 77.56  ? 125 C  B C6    1 
HETATM 873 CO CO    . CO C 3 .  ? -2.856  -9.462  -1.554  1.00 101.14 ? 1   CO A CO    1 
HETATM 874 CO CO    . CO D 3 .  ? 10.168  -4.078  10.778  1.00 82.31  ? 2   CO A CO    1 
HETATM 875 CO CO    . CO E 3 .  ? -10.480 0.457   -5.150  1.00 71.40  ? 5   CO A CO    1 
HETATM 876 CO CO    . CO F 3 .  ? 2.863   15.405  5.556   1.00 76.65  ? 3   CO B CO    1 
HETATM 877 CO CO    . CO G 3 .  ? 4.079   8.608   0.387   1.00 78.22  ? 4   CO B CO    1 
# 
